data_6YX7
#
_entry.id   6YX7
#
_cell.length_a   123.695
_cell.length_b   177.726
_cell.length_c   106.372
_cell.angle_alpha   90.000
_cell.angle_beta   90.000
_cell.angle_gamma   90.000
#
_symmetry.space_group_name_H-M   'P 21 21 2'
#
loop_
_entity.id
_entity.type
_entity.pdbx_description
1 polymer 'Allophycocyanin alpha'
2 polymer 'Allophycocyanin beta'
3 non-polymer PHYCOCYANOBILIN
4 non-polymer 'TETRAETHYLENE GLYCOL'
5 non-polymer LYSINE
6 non-polymer (4S)-2-METHYL-2,4-PENTANEDIOL
7 non-polymer 'PENTAETHYLENE GLYCOL'
8 non-polymer DI(HYDROXYETHYL)ETHER
9 non-polymer 1,2-ETHANEDIOL
10 non-polymer 'HEXAETHYLENE GLYCOL'
11 non-polymer 'GLUTAMIC ACID'
12 non-polymer GLYCINE
13 non-polymer ALANINE
14 non-polymer (4R)-2-METHYLPENTANE-2,4-DIOL
15 non-polymer 'TRIETHYLENE GLYCOL'
16 non-polymer D-SERINE
17 water water
#
loop_
_entity_poly.entity_id
_entity_poly.type
_entity_poly.pdbx_seq_one_letter_code
_entity_poly.pdbx_strand_id
1 'polypeptide(L)'
;SIVTKSIVNADAEARYLSPGELDRIKSFVSGGAQRLRIAQVLTDNRERIVKQAGDQLFQKRPDVVSPGGNAYGQEMTATC
LRDLDYYLRLVTYGIVAGDVTPIEEIGIVGVREMYKSLGTPIDAVAGGVAAMKSVAAGLLSAEDAGEAGAYFDYVVGAMQ
;
AAA,CCC,EEE,GGG,III,KKK
2 'polypeptide(L)'
;MQDAITSVINSSDVQGKYLDNAALEKLKGYFATGELRVRAATTISANAAAIVKEAVAKSLLYSDITRPGG(MEN)MYTTR
RYAACIRDLDYYLRYATYAMLAGDPSILDERVLNGLKETYNSLGVPVGATVQAIQAIKEVTASLVGPDAGKEMGVYFDYI
CSGLS
;
BBB,DDD,FFF,HHH,JJJ,LLL
#
loop_
_chem_comp.id
_chem_comp.type
_chem_comp.name
_chem_comp.formula
1PE non-polymer 'PENTAETHYLENE GLYCOL' 'C10 H22 O6'
CYC non-polymer PHYCOCYANOBILIN 'C33 H40 N4 O6'
EDO non-polymer 1,2-ETHANEDIOL 'C2 H6 O2'
MPD non-polymer (4S)-2-METHYL-2,4-PENTANEDIOL 'C6 H14 O2'
MRD non-polymer (4R)-2-METHYLPENTANE-2,4-DIOL 'C6 H14 O2'
P6G non-polymer 'HEXAETHYLENE GLYCOL' 'C12 H26 O7'
PEG non-polymer DI(HYDROXYETHYL)ETHER 'C4 H10 O3'
PG4 non-polymer 'TETRAETHYLENE GLYCOL' 'C8 H18 O5'
PGE non-polymer 'TRIETHYLENE GLYCOL' 'C6 H14 O4'
#
# COMPACT_ATOMS: atom_id res chain seq x y z
N SER A 1 -26.87 -8.15 11.81
CA SER A 1 -27.99 -7.19 11.72
C SER A 1 -27.46 -5.77 11.47
N ILE A 2 -28.37 -4.81 11.26
CA ILE A 2 -28.00 -3.40 11.07
C ILE A 2 -27.28 -2.92 12.33
N VAL A 3 -27.56 -3.48 13.50
CA VAL A 3 -26.86 -3.09 14.76
C VAL A 3 -25.38 -3.45 14.64
N THR A 4 -25.07 -4.70 14.31
CA THR A 4 -23.65 -5.13 14.16
C THR A 4 -23.00 -4.33 13.03
N LYS A 5 -23.68 -4.15 11.88
CA LYS A 5 -23.06 -3.47 10.71
C LYS A 5 -22.67 -2.04 11.12
N SER A 6 -23.55 -1.37 11.86
CA SER A 6 -23.34 0.03 12.30
C SER A 6 -22.15 0.07 13.26
N ILE A 7 -22.09 -0.87 14.20
CA ILE A 7 -20.97 -0.93 15.18
C ILE A 7 -19.66 -1.19 14.45
N VAL A 8 -19.63 -2.14 13.52
CA VAL A 8 -18.39 -2.48 12.78
C VAL A 8 -17.91 -1.25 11.99
N ASN A 9 -18.82 -0.55 11.33
CA ASN A 9 -18.49 0.65 10.51
C ASN A 9 -17.93 1.74 11.44
N ALA A 10 -18.57 1.98 12.60
CA ALA A 10 -18.15 3.01 13.57
C ALA A 10 -16.77 2.65 14.13
N ASP A 11 -16.57 1.38 14.47
CA ASP A 11 -15.28 0.93 15.07
C ASP A 11 -14.16 1.13 14.05
N ALA A 12 -14.43 0.89 12.76
CA ALA A 12 -13.41 1.03 11.70
C ALA A 12 -12.94 2.49 11.60
N GLU A 13 -13.77 3.44 12.03
CA GLU A 13 -13.47 4.89 12.01
C GLU A 13 -13.23 5.42 13.44
N ALA A 14 -13.03 4.51 14.40
CA ALA A 14 -12.68 4.84 15.81
C ALA A 14 -13.67 5.89 16.36
N ARG A 15 -14.96 5.71 16.11
CA ARG A 15 -15.97 6.74 16.45
C ARG A 15 -17.21 6.13 17.09
N TYR A 16 -18.01 6.97 17.74
CA TYR A 16 -19.38 6.60 18.15
C TYR A 16 -20.23 6.44 16.89
N LEU A 17 -21.30 5.68 16.96
CA LEU A 17 -22.28 5.60 15.86
C LEU A 17 -22.73 7.01 15.49
N SER A 18 -22.97 7.23 14.19
CA SER A 18 -23.50 8.51 13.67
C SER A 18 -24.97 8.61 14.05
N PRO A 19 -25.53 9.85 14.07
CA PRO A 19 -26.98 10.00 14.25
C PRO A 19 -27.80 9.15 13.25
N GLY A 20 -27.33 9.07 12.00
CA GLY A 20 -27.97 8.28 10.94
C GLY A 20 -27.99 6.80 11.28
N GLU A 21 -26.88 6.27 11.79
CA GLU A 21 -26.77 4.85 12.19
C GLU A 21 -27.73 4.58 13.35
N LEU A 22 -27.78 5.48 14.32
CA LEU A 22 -28.66 5.32 15.50
C LEU A 22 -30.13 5.36 15.06
N ASP A 23 -30.47 6.24 14.11
CA ASP A 23 -31.86 6.36 13.59
CA ASP A 23 -31.85 6.35 13.59
C ASP A 23 -32.23 5.04 12.88
N ARG A 24 -31.29 4.47 12.13
CA ARG A 24 -31.51 3.19 11.41
CA ARG A 24 -31.51 3.18 11.40
C ARG A 24 -31.78 2.07 12.42
N ILE A 25 -31.07 2.08 13.56
CA ILE A 25 -31.31 1.06 14.62
C ILE A 25 -32.70 1.28 15.21
N LYS A 26 -33.11 2.52 15.46
CA LYS A 26 -34.44 2.83 16.02
C LYS A 26 -35.52 2.28 15.07
N SER A 27 -35.39 2.55 13.77
CA SER A 27 -36.36 2.11 12.73
C SER A 27 -36.41 0.58 12.71
N PHE A 28 -35.23 -0.04 12.77
CA PHE A 28 -35.10 -1.52 12.76
C PHE A 28 -35.85 -2.14 13.96
N VAL A 29 -35.59 -1.64 15.16
CA VAL A 29 -36.20 -2.29 16.36
C VAL A 29 -37.71 -1.98 16.40
N SER A 30 -38.18 -0.83 15.91
CA SER A 30 -39.63 -0.51 15.91
C SER A 30 -40.38 -1.47 14.98
N GLY A 31 -39.73 -2.02 13.95
CA GLY A 31 -40.33 -3.01 13.05
C GLY A 31 -40.24 -4.47 13.55
N GLY A 32 -39.59 -4.69 14.69
CA GLY A 32 -39.28 -6.06 15.18
C GLY A 32 -40.51 -6.94 15.28
N ALA A 33 -41.57 -6.46 15.89
CA ALA A 33 -42.82 -7.25 16.11
C ALA A 33 -43.34 -7.75 14.76
N GLN A 34 -43.33 -6.89 13.73
CA GLN A 34 -43.85 -7.23 12.38
C GLN A 34 -42.94 -8.31 11.77
N ARG A 35 -41.63 -8.15 11.89
CA ARG A 35 -40.67 -9.15 11.34
CA ARG A 35 -40.66 -9.14 11.35
CA ARG A 35 -40.64 -9.14 11.36
C ARG A 35 -40.87 -10.51 12.01
N LEU A 36 -41.07 -10.51 13.34
CA LEU A 36 -41.28 -11.78 14.07
C LEU A 36 -42.58 -12.43 13.58
N ARG A 37 -43.61 -11.65 13.30
CA ARG A 37 -44.90 -12.22 12.83
C ARG A 37 -44.70 -12.86 11.46
N ILE A 38 -43.97 -12.19 10.57
CA ILE A 38 -43.73 -12.76 9.22
C ILE A 38 -42.96 -14.07 9.37
N ALA A 39 -41.89 -14.07 10.15
CA ALA A 39 -41.07 -15.29 10.36
C ALA A 39 -41.94 -16.40 10.94
N GLN A 40 -42.89 -16.07 11.82
CA GLN A 40 -43.72 -17.10 12.49
C GLN A 40 -44.66 -17.75 11.48
N VAL A 41 -45.18 -17.00 10.51
CA VAL A 41 -46.08 -17.57 9.46
C VAL A 41 -45.26 -18.61 8.66
N LEU A 42 -44.05 -18.27 8.27
CA LEU A 42 -43.22 -19.21 7.47
C LEU A 42 -42.89 -20.43 8.33
N THR A 43 -42.51 -20.23 9.59
CA THR A 43 -42.16 -21.32 10.52
C THR A 43 -43.36 -22.25 10.68
N ASP A 44 -44.54 -21.69 10.94
CA ASP A 44 -45.74 -22.49 11.26
C ASP A 44 -46.18 -23.30 10.03
N ASN A 45 -45.89 -22.81 8.83
CA ASN A 45 -46.35 -23.44 7.57
C ASN A 45 -45.18 -24.10 6.84
N ARG A 46 -44.08 -24.40 7.53
CA ARG A 46 -42.84 -24.86 6.88
CA ARG A 46 -42.83 -24.87 6.88
C ARG A 46 -43.07 -26.18 6.12
N GLU A 47 -43.86 -27.10 6.67
CA GLU A 47 -44.04 -28.42 6.01
CA GLU A 47 -44.04 -28.42 6.01
C GLU A 47 -44.72 -28.21 4.65
N ARG A 48 -45.80 -27.43 4.61
N ARG A 48 -45.80 -27.43 4.61
CA ARG A 48 -46.59 -27.18 3.38
CA ARG A 48 -46.59 -27.18 3.38
C ARG A 48 -45.76 -26.34 2.41
C ARG A 48 -45.76 -26.34 2.41
N ILE A 49 -45.02 -25.34 2.88
CA ILE A 49 -44.23 -24.47 1.97
C ILE A 49 -43.21 -25.35 1.26
N VAL A 50 -42.49 -26.19 2.00
CA VAL A 50 -41.43 -27.04 1.39
C VAL A 50 -42.06 -28.09 0.46
N LYS A 51 -43.13 -28.75 0.92
CA LYS A 51 -43.78 -29.84 0.13
C LYS A 51 -44.30 -29.25 -1.19
N GLN A 52 -45.04 -28.16 -1.14
CA GLN A 52 -45.69 -27.57 -2.34
C GLN A 52 -44.60 -26.99 -3.24
N ALA A 53 -43.55 -26.40 -2.70
CA ALA A 53 -42.46 -25.85 -3.52
C ALA A 53 -41.79 -27.01 -4.25
N GLY A 54 -41.52 -28.12 -3.55
CA GLY A 54 -40.94 -29.31 -4.19
C GLY A 54 -41.80 -29.78 -5.35
N ASP A 55 -43.10 -29.90 -5.14
CA ASP A 55 -44.05 -30.38 -6.19
C ASP A 55 -43.98 -29.43 -7.40
N GLN A 56 -43.99 -28.12 -7.17
CA GLN A 56 -43.91 -27.11 -8.26
C GLN A 56 -42.57 -27.29 -8.98
N LEU A 57 -41.48 -27.44 -8.25
CA LEU A 57 -40.15 -27.58 -8.90
C LEU A 57 -40.15 -28.84 -9.77
N PHE A 58 -40.62 -29.96 -9.25
CA PHE A 58 -40.52 -31.25 -9.97
C PHE A 58 -41.45 -31.23 -11.20
N GLN A 59 -42.51 -30.43 -11.18
CA GLN A 59 -43.40 -30.27 -12.36
C GLN A 59 -42.68 -29.44 -13.43
N LYS A 60 -41.93 -28.40 -13.03
CA LYS A 60 -41.20 -27.49 -13.97
C LYS A 60 -39.92 -28.17 -14.45
N ARG A 61 -39.29 -28.97 -13.60
CA ARG A 61 -37.96 -29.59 -13.85
C ARG A 61 -38.07 -31.09 -13.60
N PRO A 62 -38.90 -31.81 -14.38
CA PRO A 62 -39.06 -33.25 -14.18
C PRO A 62 -37.74 -34.02 -14.34
N ASP A 63 -36.77 -33.43 -15.07
CA ASP A 63 -35.45 -34.05 -15.30
C ASP A 63 -34.78 -34.36 -13.96
N VAL A 64 -34.93 -33.52 -12.93
CA VAL A 64 -34.12 -33.72 -11.69
C VAL A 64 -34.63 -34.94 -10.91
N VAL A 65 -35.86 -35.38 -11.17
CA VAL A 65 -36.48 -36.55 -10.47
C VAL A 65 -36.74 -37.67 -11.47
N SER A 66 -36.11 -37.59 -12.64
CA SER A 66 -36.15 -38.64 -13.69
C SER A 66 -34.84 -39.41 -13.62
N PRO A 67 -34.75 -40.64 -14.17
CA PRO A 67 -33.48 -41.36 -14.18
C PRO A 67 -32.33 -40.48 -14.68
N GLY A 68 -31.19 -40.54 -13.99
CA GLY A 68 -30.00 -39.71 -14.29
C GLY A 68 -30.03 -38.39 -13.54
N GLY A 69 -31.20 -38.00 -13.00
CA GLY A 69 -31.36 -36.72 -12.30
C GLY A 69 -30.78 -36.76 -10.89
N ASN A 70 -30.31 -35.62 -10.39
CA ASN A 70 -29.61 -35.56 -9.09
C ASN A 70 -30.56 -35.99 -7.97
N ALA A 71 -31.86 -35.72 -8.09
CA ALA A 71 -32.87 -36.00 -7.04
C ALA A 71 -33.68 -37.25 -7.35
N TYR A 72 -33.23 -38.10 -8.28
CA TYR A 72 -33.98 -39.30 -8.69
C TYR A 72 -34.11 -40.26 -7.52
N GLY A 73 -35.34 -40.69 -7.24
CA GLY A 73 -35.62 -41.74 -6.25
C GLY A 73 -36.03 -41.15 -4.92
N GLN A 74 -36.60 -41.97 -4.06
CA GLN A 74 -37.25 -41.55 -2.79
C GLN A 74 -36.21 -40.87 -1.90
N GLU A 75 -35.05 -41.49 -1.71
CA GLU A 75 -34.02 -40.98 -0.75
CA GLU A 75 -34.02 -40.98 -0.75
C GLU A 75 -33.48 -39.63 -1.25
N MET A 76 -33.09 -39.54 -2.52
CA MET A 76 -32.52 -38.28 -3.07
CA MET A 76 -32.52 -38.28 -3.07
CA MET A 76 -32.52 -38.29 -3.08
C MET A 76 -33.58 -37.18 -3.10
N THR A 77 -34.83 -37.52 -3.42
CA THR A 77 -35.92 -36.50 -3.40
C THR A 77 -36.08 -35.99 -1.97
N ALA A 78 -36.05 -36.86 -0.95
CA ALA A 78 -36.15 -36.43 0.46
C ALA A 78 -34.98 -35.50 0.79
N THR A 79 -33.77 -35.79 0.32
CA THR A 79 -32.60 -34.93 0.60
C THR A 79 -32.81 -33.57 -0.06
N CYS A 80 -33.37 -33.53 -1.26
CA CYS A 80 -33.68 -32.28 -1.96
C CYS A 80 -34.63 -31.43 -1.10
N LEU A 81 -35.71 -32.02 -0.59
CA LEU A 81 -36.66 -31.26 0.26
C LEU A 81 -35.96 -30.86 1.56
N ARG A 82 -35.03 -31.66 2.08
CA ARG A 82 -34.22 -31.31 3.27
C ARG A 82 -33.49 -29.99 3.00
N ASP A 83 -32.88 -29.86 1.83
CA ASP A 83 -32.15 -28.62 1.46
C ASP A 83 -33.13 -27.45 1.37
N LEU A 84 -34.32 -27.64 0.78
CA LEU A 84 -35.29 -26.52 0.67
C LEU A 84 -35.69 -26.11 2.09
N ASP A 85 -35.86 -27.06 2.99
CA ASP A 85 -36.19 -26.75 4.40
C ASP A 85 -35.05 -25.95 5.03
N TYR A 86 -33.80 -26.32 4.77
CA TYR A 86 -32.65 -25.50 5.27
C TYR A 86 -32.84 -24.05 4.80
N TYR A 87 -33.10 -23.81 3.52
CA TYR A 87 -33.17 -22.44 2.97
C TYR A 87 -34.37 -21.70 3.55
N LEU A 88 -35.51 -22.36 3.75
CA LEU A 88 -36.66 -21.68 4.37
C LEU A 88 -36.27 -21.23 5.79
N ARG A 89 -35.59 -22.09 6.53
CA ARG A 89 -35.13 -21.76 7.91
C ARG A 89 -34.23 -20.53 7.83
N LEU A 90 -33.29 -20.51 6.90
CA LEU A 90 -32.36 -19.35 6.80
C LEU A 90 -33.15 -18.09 6.42
N VAL A 91 -34.15 -18.20 5.57
CA VAL A 91 -34.98 -17.02 5.20
C VAL A 91 -35.65 -16.47 6.46
N THR A 92 -36.13 -17.32 7.36
CA THR A 92 -36.75 -16.82 8.61
C THR A 92 -35.69 -16.07 9.43
N TYR A 93 -34.45 -16.53 9.45
CA TYR A 93 -33.38 -15.84 10.20
C TYR A 93 -33.14 -14.44 9.58
N GLY A 94 -33.08 -14.36 8.26
CA GLY A 94 -32.88 -13.07 7.55
C GLY A 94 -33.98 -12.10 7.88
N ILE A 95 -35.22 -12.57 7.87
CA ILE A 95 -36.41 -11.72 8.15
C ILE A 95 -36.26 -11.13 9.56
N VAL A 96 -35.93 -11.93 10.57
CA VAL A 96 -35.87 -11.39 11.96
CA VAL A 96 -35.85 -11.41 11.97
C VAL A 96 -34.63 -10.48 12.10
N ALA A 97 -33.56 -10.72 11.36
CA ALA A 97 -32.32 -9.91 11.45
C ALA A 97 -32.43 -8.60 10.66
N GLY A 98 -33.41 -8.51 9.75
CA GLY A 98 -33.60 -7.35 8.87
C GLY A 98 -32.50 -7.20 7.85
N ASP A 99 -31.77 -8.27 7.54
CA ASP A 99 -30.81 -8.26 6.41
C ASP A 99 -30.39 -9.69 6.10
N VAL A 100 -29.70 -9.83 4.98
CA VAL A 100 -29.42 -11.16 4.40
C VAL A 100 -28.20 -11.82 5.08
N THR A 101 -27.52 -11.15 6.00
CA THR A 101 -26.22 -11.65 6.52
C THR A 101 -26.35 -13.10 7.06
N PRO A 102 -27.37 -13.48 7.86
CA PRO A 102 -27.40 -14.85 8.35
C PRO A 102 -27.53 -15.86 7.21
N ILE A 103 -28.28 -15.49 6.18
CA ILE A 103 -28.44 -16.34 4.98
C ILE A 103 -27.09 -16.47 4.30
N GLU A 104 -26.42 -15.35 4.08
CA GLU A 104 -25.11 -15.30 3.40
C GLU A 104 -24.12 -16.22 4.14
N GLU A 105 -24.00 -16.06 5.45
CA GLU A 105 -22.92 -16.71 6.26
C GLU A 105 -23.19 -18.21 6.38
N ILE A 106 -24.47 -18.63 6.38
CA ILE A 106 -24.80 -20.06 6.64
C ILE A 106 -24.96 -20.80 5.31
N GLY A 107 -25.61 -20.19 4.32
CA GLY A 107 -26.11 -20.92 3.14
C GLY A 107 -25.65 -20.38 1.80
N ILE A 108 -24.94 -19.24 1.72
CA ILE A 108 -24.60 -18.69 0.39
C ILE A 108 -23.09 -18.72 0.12
N VAL A 109 -22.24 -18.30 1.06
CA VAL A 109 -20.78 -18.35 0.80
C VAL A 109 -20.44 -19.81 0.47
N GLY A 110 -19.81 -20.05 -0.68
CA GLY A 110 -19.39 -21.41 -1.06
C GLY A 110 -20.52 -22.25 -1.63
N VAL A 111 -21.73 -21.74 -1.78
CA VAL A 111 -22.89 -22.58 -2.21
C VAL A 111 -22.63 -23.15 -3.61
N ARG A 112 -22.09 -22.36 -4.53
CA ARG A 112 -21.86 -22.84 -5.93
C ARG A 112 -20.84 -23.96 -5.89
N GLU A 113 -19.79 -23.82 -5.08
CA GLU A 113 -18.72 -24.83 -4.98
C GLU A 113 -19.30 -26.14 -4.42
N MET A 114 -20.14 -26.06 -3.38
CA MET A 114 -20.73 -27.26 -2.75
C MET A 114 -21.60 -27.97 -3.79
N TYR A 115 -22.56 -27.29 -4.41
CA TYR A 115 -23.51 -27.97 -5.32
C TYR A 115 -22.79 -28.44 -6.58
N LYS A 116 -21.77 -27.71 -7.04
CA LYS A 116 -21.00 -28.17 -8.23
C LYS A 116 -20.35 -29.51 -7.90
N SER A 117 -19.73 -29.64 -6.74
CA SER A 117 -19.05 -30.88 -6.31
C SER A 117 -20.08 -32.02 -6.24
N LEU A 118 -21.25 -31.75 -5.67
CA LEU A 118 -22.33 -32.76 -5.52
C LEU A 118 -22.98 -33.13 -6.86
N GLY A 119 -22.84 -32.29 -7.89
CA GLY A 119 -23.51 -32.50 -9.20
C GLY A 119 -24.99 -32.10 -9.16
N THR A 120 -25.36 -31.27 -8.18
CA THR A 120 -26.73 -30.72 -8.08
C THR A 120 -26.87 -29.52 -9.01
N PRO A 121 -27.87 -29.49 -9.91
CA PRO A 121 -28.08 -28.34 -10.78
C PRO A 121 -28.58 -27.15 -9.96
N ILE A 122 -27.72 -26.17 -9.76
CA ILE A 122 -28.02 -25.07 -8.79
C ILE A 122 -29.16 -24.21 -9.35
N ASP A 123 -29.36 -24.15 -10.68
CA ASP A 123 -30.50 -23.41 -11.29
C ASP A 123 -31.81 -24.03 -10.80
N ALA A 124 -31.85 -25.35 -10.58
CA ALA A 124 -33.06 -26.04 -10.10
C ALA A 124 -33.22 -25.79 -8.60
N VAL A 125 -32.12 -25.69 -7.84
CA VAL A 125 -32.22 -25.32 -6.41
C VAL A 125 -32.87 -23.94 -6.35
N ALA A 126 -32.38 -22.99 -7.16
CA ALA A 126 -32.93 -21.62 -7.21
C ALA A 126 -34.42 -21.68 -7.55
N GLY A 127 -34.81 -22.53 -8.49
CA GLY A 127 -36.24 -22.72 -8.84
C GLY A 127 -37.06 -23.19 -7.65
N GLY A 128 -36.51 -24.09 -6.84
CA GLY A 128 -37.18 -24.57 -5.62
C GLY A 128 -37.37 -23.44 -4.63
N VAL A 129 -36.37 -22.60 -4.47
CA VAL A 129 -36.46 -21.43 -3.53
C VAL A 129 -37.48 -20.44 -4.09
N ALA A 130 -37.48 -20.18 -5.40
CA ALA A 130 -38.47 -19.29 -6.04
C ALA A 130 -39.87 -19.86 -5.81
N ALA A 131 -40.05 -21.17 -5.84
CA ALA A 131 -41.36 -21.81 -5.61
C ALA A 131 -41.77 -21.60 -4.15
N MET A 132 -40.82 -21.70 -3.20
CA MET A 132 -41.14 -21.45 -1.77
C MET A 132 -41.63 -20.00 -1.62
N LYS A 133 -41.00 -19.06 -2.32
CA LYS A 133 -41.39 -17.63 -2.25
C LYS A 133 -42.87 -17.52 -2.63
N SER A 134 -43.26 -18.17 -3.72
CA SER A 134 -44.63 -18.09 -4.30
C SER A 134 -45.63 -18.72 -3.31
N VAL A 135 -45.28 -19.84 -2.68
CA VAL A 135 -46.19 -20.51 -1.70
C VAL A 135 -46.32 -19.64 -0.45
N ALA A 136 -45.20 -19.14 0.07
CA ALA A 136 -45.17 -18.29 1.29
C ALA A 136 -45.99 -17.02 1.03
N ALA A 137 -45.90 -16.44 -0.16
CA ALA A 137 -46.55 -15.15 -0.50
C ALA A 137 -48.07 -15.32 -0.35
N GLY A 138 -48.61 -16.51 -0.63
CA GLY A 138 -50.04 -16.82 -0.49
C GLY A 138 -50.54 -16.77 0.94
N LEU A 139 -49.63 -16.81 1.92
CA LEU A 139 -49.94 -16.85 3.38
C LEU A 139 -49.73 -15.46 4.00
N LEU A 140 -49.37 -14.46 3.20
CA LEU A 140 -48.95 -13.11 3.69
C LEU A 140 -49.76 -12.02 3.01
N SER A 141 -49.91 -10.89 3.70
CA SER A 141 -50.41 -9.62 3.10
C SER A 141 -49.46 -9.22 1.97
N ALA A 142 -49.92 -8.36 1.06
CA ALA A 142 -49.09 -7.82 -0.04
C ALA A 142 -47.83 -7.18 0.54
N GLU A 143 -47.98 -6.38 1.61
CA GLU A 143 -46.85 -5.67 2.27
CA GLU A 143 -46.85 -5.67 2.27
C GLU A 143 -45.87 -6.69 2.85
N ASP A 144 -46.38 -7.68 3.60
CA ASP A 144 -45.52 -8.71 4.25
C ASP A 144 -44.84 -9.59 3.20
N ALA A 145 -45.54 -9.91 2.11
CA ALA A 145 -44.98 -10.72 1.01
C ALA A 145 -43.84 -9.92 0.33
N GLY A 146 -43.99 -8.60 0.22
CA GLY A 146 -42.93 -7.73 -0.33
C GLY A 146 -41.65 -7.85 0.50
N GLU A 147 -41.81 -7.80 1.82
CA GLU A 147 -40.67 -7.87 2.79
C GLU A 147 -40.03 -9.26 2.70
N ALA A 148 -40.82 -10.33 2.86
CA ALA A 148 -40.30 -11.71 2.84
C ALA A 148 -39.65 -11.99 1.49
N GLY A 149 -40.25 -11.48 0.42
CA GLY A 149 -39.85 -11.74 -0.97
C GLY A 149 -38.40 -11.33 -1.22
N ALA A 150 -37.95 -10.23 -0.61
CA ALA A 150 -36.57 -9.73 -0.78
C ALA A 150 -35.56 -10.81 -0.35
N TYR A 151 -35.88 -11.56 0.71
CA TYR A 151 -34.96 -12.59 1.28
C TYR A 151 -34.93 -13.81 0.36
N PHE A 152 -36.08 -14.25 -0.13
CA PHE A 152 -36.12 -15.35 -1.13
C PHE A 152 -35.38 -14.90 -2.40
N ASP A 153 -35.61 -13.66 -2.85
CA ASP A 153 -34.98 -13.13 -4.09
C ASP A 153 -33.46 -13.10 -3.92
N TYR A 154 -32.98 -12.77 -2.73
CA TYR A 154 -31.52 -12.74 -2.45
C TYR A 154 -30.95 -14.13 -2.72
N VAL A 155 -31.60 -15.17 -2.20
CA VAL A 155 -31.09 -16.56 -2.32
C VAL A 155 -31.12 -16.94 -3.81
N VAL A 156 -32.24 -16.71 -4.49
CA VAL A 156 -32.38 -17.07 -5.93
C VAL A 156 -31.27 -16.39 -6.73
N GLY A 157 -31.05 -15.09 -6.52
CA GLY A 157 -30.03 -14.32 -7.27
C GLY A 157 -28.62 -14.80 -6.96
N ALA A 158 -28.36 -15.23 -5.73
CA ALA A 158 -27.02 -15.65 -5.27
C ALA A 158 -26.67 -17.03 -5.85
N MET A 159 -27.68 -17.77 -6.35
CA MET A 159 -27.46 -19.11 -6.93
C MET A 159 -27.35 -19.05 -8.46
N GLN A 160 -27.58 -17.89 -9.06
CA GLN A 160 -27.56 -17.66 -10.53
C GLN A 160 -26.30 -16.89 -10.89
N MET B 1 -17.99 -10.16 15.95
CA MET B 1 -18.89 -9.92 17.10
C MET B 1 -20.29 -10.46 16.80
N GLN B 2 -21.07 -10.67 17.85
CA GLN B 2 -22.53 -10.93 17.74
C GLN B 2 -23.26 -9.82 18.50
N ASP B 3 -24.48 -9.52 18.05
CA ASP B 3 -25.45 -8.74 18.84
C ASP B 3 -26.51 -9.70 19.39
N ALA B 4 -27.44 -9.20 20.18
CA ALA B 4 -28.44 -10.04 20.88
C ALA B 4 -29.24 -10.83 19.84
N ILE B 5 -29.50 -10.26 18.66
CA ILE B 5 -30.31 -10.95 17.63
CA ILE B 5 -30.31 -10.95 17.63
C ILE B 5 -29.47 -12.06 17.00
N THR B 6 -28.25 -11.76 16.58
CA THR B 6 -27.41 -12.74 15.87
CA THR B 6 -27.43 -12.76 15.87
C THR B 6 -27.01 -13.88 16.82
N SER B 7 -26.86 -13.60 18.11
CA SER B 7 -26.51 -14.64 19.10
CA SER B 7 -26.51 -14.65 19.09
C SER B 7 -27.64 -15.68 19.13
N VAL B 8 -28.88 -15.22 19.08
CA VAL B 8 -30.05 -16.11 19.10
C VAL B 8 -30.08 -16.92 17.80
N ILE B 9 -29.93 -16.25 16.66
CA ILE B 9 -29.96 -16.92 15.34
C ILE B 9 -28.87 -18.02 15.35
N ASN B 10 -27.68 -17.68 15.82
CA ASN B 10 -26.54 -18.63 15.73
C ASN B 10 -26.82 -19.84 16.62
N SER B 11 -27.39 -19.64 17.81
CA SER B 11 -27.65 -20.76 18.74
CA SER B 11 -27.66 -20.76 18.75
C SER B 11 -28.74 -21.67 18.15
N SER B 12 -29.72 -21.11 17.42
CA SER B 12 -30.77 -21.90 16.76
C SER B 12 -30.14 -22.65 15.56
N ASP B 13 -29.28 -21.97 14.80
CA ASP B 13 -28.67 -22.56 13.58
C ASP B 13 -27.83 -23.78 13.95
N VAL B 14 -27.04 -23.74 15.02
CA VAL B 14 -26.14 -24.88 15.36
C VAL B 14 -26.99 -26.11 15.71
N GLN B 15 -28.25 -25.90 16.13
CA GLN B 15 -29.18 -27.01 16.43
CA GLN B 15 -29.19 -27.00 16.43
C GLN B 15 -29.98 -27.42 15.18
N GLY B 16 -29.87 -26.68 14.08
CA GLY B 16 -30.68 -26.88 12.88
C GLY B 16 -32.14 -26.57 13.10
N LYS B 17 -32.44 -25.63 13.99
CA LYS B 17 -33.83 -25.39 14.45
C LYS B 17 -34.35 -24.05 13.94
N TYR B 18 -35.62 -24.02 13.58
CA TYR B 18 -36.38 -22.76 13.48
C TYR B 18 -36.41 -22.13 14.87
N LEU B 19 -36.58 -20.81 14.90
CA LEU B 19 -36.66 -20.07 16.19
C LEU B 19 -37.81 -20.61 17.03
N ASP B 20 -37.50 -21.11 18.23
CA ASP B 20 -38.50 -21.67 19.18
C ASP B 20 -38.98 -20.57 20.14
N ASN B 21 -39.88 -20.92 21.03
CA ASN B 21 -40.50 -19.91 21.93
C ASN B 21 -39.44 -19.19 22.75
N ALA B 22 -38.46 -19.89 23.30
CA ALA B 22 -37.40 -19.28 24.14
C ALA B 22 -36.60 -18.27 23.28
N ALA B 23 -36.27 -18.62 22.05
CA ALA B 23 -35.51 -17.75 21.12
C ALA B 23 -36.34 -16.50 20.83
N LEU B 24 -37.62 -16.68 20.52
CA LEU B 24 -38.51 -15.55 20.16
C LEU B 24 -38.65 -14.62 21.36
N GLU B 25 -38.69 -15.13 22.60
CA GLU B 25 -38.77 -14.31 23.81
C GLU B 25 -37.52 -13.43 23.92
N LYS B 26 -36.34 -14.00 23.63
CA LYS B 26 -35.08 -13.21 23.69
C LYS B 26 -35.12 -12.11 22.62
N LEU B 27 -35.59 -12.42 21.40
CA LEU B 27 -35.67 -11.40 20.33
C LEU B 27 -36.64 -10.29 20.75
N LYS B 28 -37.81 -10.66 21.26
CA LYS B 28 -38.81 -9.66 21.71
C LYS B 28 -38.19 -8.74 22.77
N GLY B 29 -37.42 -9.35 23.69
CA GLY B 29 -36.78 -8.62 24.79
C GLY B 29 -35.84 -7.56 24.27
N TYR B 30 -35.10 -7.88 23.20
CA TYR B 30 -34.15 -6.92 22.61
C TYR B 30 -34.94 -5.82 21.91
N PHE B 31 -35.93 -6.19 21.09
CA PHE B 31 -36.67 -5.19 20.29
C PHE B 31 -37.36 -4.19 21.22
N ALA B 32 -37.84 -4.67 22.37
CA ALA B 32 -38.56 -3.83 23.35
C ALA B 32 -37.63 -2.78 23.97
N THR B 33 -36.31 -2.97 23.90
CA THR B 33 -35.31 -2.09 24.58
C THR B 33 -34.52 -1.23 23.58
N GLY B 34 -34.66 -1.49 22.28
CA GLY B 34 -33.73 -0.92 21.29
C GLY B 34 -33.69 0.60 21.38
N GLU B 35 -34.85 1.23 21.47
CA GLU B 35 -34.92 2.70 21.44
C GLU B 35 -34.23 3.25 22.71
N LEU B 36 -34.39 2.58 23.86
CA LEU B 36 -33.77 3.03 25.13
C LEU B 36 -32.24 2.95 24.97
N ARG B 37 -31.74 1.94 24.27
CA ARG B 37 -30.29 1.76 24.09
C ARG B 37 -29.78 2.90 23.20
N VAL B 38 -30.53 3.23 22.15
CA VAL B 38 -30.12 4.33 21.22
C VAL B 38 -30.11 5.64 22.00
N ARG B 39 -31.12 5.87 22.84
CA ARG B 39 -31.22 7.14 23.62
CA ARG B 39 -31.21 7.14 23.61
C ARG B 39 -29.98 7.25 24.52
N ALA B 40 -29.61 6.17 25.21
CA ALA B 40 -28.43 6.19 26.10
C ALA B 40 -27.16 6.46 25.26
N ALA B 41 -27.02 5.78 24.13
CA ALA B 41 -25.81 5.92 23.28
C ALA B 41 -25.68 7.38 22.78
N THR B 42 -26.81 8.01 22.43
CA THR B 42 -26.83 9.41 21.96
C THR B 42 -26.26 10.31 23.07
N THR B 43 -26.74 10.13 24.29
CA THR B 43 -26.31 10.94 25.45
C THR B 43 -24.82 10.70 25.73
N ILE B 44 -24.38 9.47 25.71
CA ILE B 44 -22.96 9.15 26.04
C ILE B 44 -22.07 9.79 24.98
N SER B 45 -22.41 9.64 23.71
CA SER B 45 -21.60 10.20 22.60
C SER B 45 -21.40 11.71 22.82
N ALA B 46 -22.47 12.41 23.17
CA ALA B 46 -22.46 13.89 23.28
C ALA B 46 -21.62 14.33 24.48
N ASN B 47 -21.38 13.43 25.44
CA ASN B 47 -20.74 13.75 26.75
C ASN B 47 -19.48 12.90 26.98
N ALA B 48 -18.93 12.28 25.93
CA ALA B 48 -17.89 11.23 26.13
C ALA B 48 -16.65 11.83 26.82
N ALA B 49 -16.15 12.96 26.34
CA ALA B 49 -14.94 13.59 26.91
C ALA B 49 -15.21 14.02 28.35
N ALA B 50 -16.40 14.55 28.63
CA ALA B 50 -16.75 15.04 29.97
C ALA B 50 -16.85 13.89 30.95
N ILE B 51 -17.36 12.74 30.51
CA ILE B 51 -17.48 11.55 31.39
C ILE B 51 -16.07 11.13 31.83
N VAL B 52 -15.15 10.99 30.87
CA VAL B 52 -13.76 10.57 31.20
C VAL B 52 -13.11 11.63 32.11
N LYS B 53 -13.28 12.92 31.80
CA LYS B 53 -12.68 14.01 32.61
C LYS B 53 -13.11 13.87 34.07
N GLU B 54 -14.41 13.70 34.31
CA GLU B 54 -14.94 13.63 35.70
CA GLU B 54 -14.93 13.63 35.71
C GLU B 54 -14.42 12.35 36.38
N ALA B 55 -14.41 11.23 35.66
CA ALA B 55 -13.92 9.96 36.24
C ALA B 55 -12.44 10.10 36.65
N VAL B 56 -11.62 10.71 35.79
CA VAL B 56 -10.17 10.88 36.06
C VAL B 56 -10.00 11.77 37.30
N ALA B 57 -10.79 12.84 37.37
CA ALA B 57 -10.68 13.79 38.49
C ALA B 57 -11.01 13.06 39.81
N LYS B 58 -11.97 12.14 39.77
CA LYS B 58 -12.47 11.44 40.98
C LYS B 58 -11.48 10.34 41.42
N SER B 59 -10.77 9.72 40.49
CA SER B 59 -10.10 8.40 40.74
C SER B 59 -8.57 8.44 40.61
N LEU B 60 -8.00 9.40 39.86
CA LEU B 60 -6.56 9.33 39.48
C LEU B 60 -5.75 10.57 39.88
N LEU B 61 -6.34 11.76 39.74
CA LEU B 61 -5.53 13.00 39.85
C LEU B 61 -5.03 13.24 41.28
N TYR B 62 -3.98 14.03 41.37
CA TYR B 62 -3.43 14.57 42.64
C TYR B 62 -2.98 13.41 43.52
N SER B 63 -2.33 12.43 42.91
CA SER B 63 -1.86 11.21 43.59
C SER B 63 -0.46 10.88 43.10
N ASP B 64 0.12 9.84 43.68
CA ASP B 64 1.44 9.33 43.25
C ASP B 64 1.37 8.95 41.76
N ILE B 65 0.22 8.57 41.24
CA ILE B 65 0.15 8.03 39.86
CA ILE B 65 0.13 8.03 39.86
C ILE B 65 0.46 9.13 38.85
N THR B 66 0.10 10.39 39.12
CA THR B 66 0.34 11.49 38.15
C THR B 66 1.65 12.23 38.43
N ARG B 67 2.27 12.00 39.58
CA ARG B 67 3.55 12.64 39.96
C ARG B 67 4.71 11.84 39.36
N PRO B 68 5.89 12.47 39.26
CA PRO B 68 7.09 11.75 38.81
C PRO B 68 7.23 10.37 39.47
N GLY B 69 7.45 9.33 38.66
CA GLY B 69 7.57 7.96 39.17
C GLY B 69 6.27 7.18 39.02
N GLY B 70 5.15 7.88 38.82
CA GLY B 70 3.83 7.27 38.63
C GLY B 70 3.58 6.93 37.17
N MEN B 71 2.67 5.98 36.95
CA MEN B 71 2.46 5.49 35.58
C MEN B 71 1.71 6.46 34.67
O MEN B 71 1.67 6.25 33.47
CB MEN B 71 1.75 4.13 35.59
CG MEN B 71 1.87 3.42 34.22
OD1 MEN B 71 0.92 3.16 33.49
ND2 MEN B 71 3.12 3.07 33.86
CE2 MEN B 71 3.36 2.34 32.61
N MET B 72 1.11 7.54 35.23
CA MET B 72 0.48 8.57 34.40
C MET B 72 1.38 9.80 34.30
N TYR B 73 2.60 9.74 34.83
CA TYR B 73 3.56 10.85 34.67
C TYR B 73 4.13 10.81 33.24
N THR B 74 4.41 12.01 32.73
CA THR B 74 4.74 12.37 31.33
C THR B 74 3.42 12.58 30.59
N THR B 75 3.39 13.56 29.70
CA THR B 75 2.21 13.86 28.89
C THR B 75 1.85 12.63 28.04
N ARG B 76 2.85 11.89 27.56
CA ARG B 76 2.55 10.72 26.69
C ARG B 76 1.74 9.70 27.49
N ARG B 77 2.13 9.42 28.73
CA ARG B 77 1.44 8.40 29.55
CA ARG B 77 1.44 8.40 29.55
C ARG B 77 0.08 8.93 30.01
N TYR B 78 -0.01 10.21 30.35
CA TYR B 78 -1.32 10.78 30.73
C TYR B 78 -2.28 10.58 29.55
N ALA B 79 -1.84 10.96 28.35
CA ALA B 79 -2.66 10.89 27.13
C ALA B 79 -3.01 9.41 26.83
N ALA B 80 -2.09 8.48 27.00
CA ALA B 80 -2.36 7.05 26.73
C ALA B 80 -3.44 6.57 27.70
N CYS B 81 -3.36 6.98 28.95
CA CYS B 81 -4.36 6.54 29.96
C CYS B 81 -5.75 7.07 29.60
N ILE B 82 -5.88 8.34 29.29
CA ILE B 82 -7.24 8.87 28.97
CA ILE B 82 -7.19 8.95 28.89
C ILE B 82 -7.69 8.25 27.63
N ARG B 83 -6.79 7.97 26.71
CA ARG B 83 -7.15 7.24 25.46
C ARG B 83 -7.75 5.87 25.82
N ASP B 84 -7.15 5.15 26.77
CA ASP B 84 -7.67 3.83 27.21
C ASP B 84 -9.09 4.02 27.78
N LEU B 85 -9.28 5.02 28.63
CA LEU B 85 -10.62 5.24 29.22
C LEU B 85 -11.61 5.61 28.10
N ASP B 86 -11.20 6.39 27.11
CA ASP B 86 -12.03 6.74 25.94
C ASP B 86 -12.43 5.43 25.22
N TYR B 87 -11.48 4.53 25.04
CA TYR B 87 -11.76 3.20 24.43
C TYR B 87 -12.81 2.45 25.26
N TYR B 88 -12.61 2.36 26.57
CA TYR B 88 -13.52 1.57 27.44
C TYR B 88 -14.93 2.12 27.31
N LEU B 89 -15.09 3.44 27.31
CA LEU B 89 -16.44 4.04 27.21
C LEU B 89 -17.02 3.76 25.82
N ARG B 90 -16.24 3.93 24.76
CA ARG B 90 -16.75 3.75 23.38
C ARG B 90 -17.16 2.28 23.19
N TYR B 91 -16.34 1.33 23.66
CA TYR B 91 -16.63 -0.09 23.42
C TYR B 91 -17.77 -0.56 24.34
N ALA B 92 -17.83 -0.06 25.58
CA ALA B 92 -18.96 -0.41 26.47
C ALA B 92 -20.26 0.07 25.81
N THR B 93 -20.24 1.22 25.15
CA THR B 93 -21.43 1.79 24.47
C THR B 93 -21.82 0.88 23.31
N TYR B 94 -20.86 0.43 22.52
CA TYR B 94 -21.15 -0.54 21.44
C TYR B 94 -21.82 -1.79 22.03
N ALA B 95 -21.25 -2.35 23.10
CA ALA B 95 -21.74 -3.61 23.71
C ALA B 95 -23.17 -3.40 24.21
N MET B 96 -23.44 -2.22 24.78
CA MET B 96 -24.79 -1.90 25.26
C MET B 96 -25.76 -1.81 24.07
N LEU B 97 -25.36 -1.19 22.95
CA LEU B 97 -26.23 -1.11 21.76
C LEU B 97 -26.51 -2.53 21.25
N ALA B 98 -25.49 -3.39 21.26
CA ALA B 98 -25.58 -4.77 20.75
C ALA B 98 -26.37 -5.64 21.75
N GLY B 99 -26.45 -5.27 23.03
CA GLY B 99 -26.97 -6.14 24.09
C GLY B 99 -26.14 -7.43 24.22
N ASP B 100 -24.83 -7.37 24.00
CA ASP B 100 -23.97 -8.58 23.95
C ASP B 100 -22.53 -8.15 24.18
N PRO B 101 -21.78 -8.84 25.07
CA PRO B 101 -20.41 -8.43 25.38
C PRO B 101 -19.34 -8.98 24.41
N SER B 102 -19.73 -9.74 23.38
CA SER B 102 -18.76 -10.44 22.51
C SER B 102 -17.77 -9.44 21.88
N ILE B 103 -18.20 -8.23 21.52
CA ILE B 103 -17.27 -7.21 20.95
C ILE B 103 -16.14 -6.93 21.96
N LEU B 104 -16.41 -7.02 23.26
CA LEU B 104 -15.39 -6.71 24.29
C LEU B 104 -14.32 -7.80 24.28
N ASP B 105 -14.71 -9.08 24.15
CA ASP B 105 -13.72 -10.17 24.09
C ASP B 105 -12.88 -10.05 22.82
N GLU B 106 -13.52 -9.69 21.70
CA GLU B 106 -12.87 -9.72 20.37
CA GLU B 106 -12.87 -9.72 20.37
CA GLU B 106 -12.88 -9.72 20.36
C GLU B 106 -11.95 -8.50 20.19
N ARG B 107 -12.40 -7.33 20.63
CA ARG B 107 -11.75 -6.05 20.23
C ARG B 107 -11.12 -5.33 21.41
N VAL B 108 -11.44 -5.71 22.65
CA VAL B 108 -10.85 -4.96 23.82
C VAL B 108 -9.92 -5.87 24.63
N LEU B 109 -10.39 -7.05 25.03
CA LEU B 109 -9.71 -7.81 26.12
C LEU B 109 -8.65 -8.78 25.61
N ASN B 110 -8.64 -9.10 24.32
CA ASN B 110 -7.72 -10.15 23.77
C ASN B 110 -6.28 -9.66 23.92
N GLY B 111 -5.55 -10.18 24.91
CA GLY B 111 -4.14 -9.86 25.17
C GLY B 111 -3.97 -8.61 26.02
N LEU B 112 -5.06 -8.04 26.53
CA LEU B 112 -4.96 -6.72 27.21
C LEU B 112 -4.25 -6.86 28.56
N LYS B 113 -4.63 -7.83 29.38
CA LYS B 113 -3.99 -8.06 30.69
C LYS B 113 -2.47 -8.22 30.47
N GLU B 114 -2.09 -8.99 29.45
CA GLU B 114 -0.67 -9.30 29.16
C GLU B 114 0.05 -7.99 28.77
N THR B 115 -0.60 -7.15 27.96
CA THR B 115 -0.05 -5.85 27.51
C THR B 115 0.17 -4.96 28.74
N TYR B 116 -0.84 -4.81 29.59
CA TYR B 116 -0.72 -3.96 30.80
C TYR B 116 0.41 -4.49 31.69
N ASN B 117 0.48 -5.81 31.89
CA ASN B 117 1.51 -6.41 32.78
CA ASN B 117 1.51 -6.40 32.79
C ASN B 117 2.90 -6.14 32.20
N SER B 118 3.07 -6.27 30.87
CA SER B 118 4.40 -6.08 30.21
C SER B 118 4.83 -4.62 30.31
N LEU B 119 3.89 -3.67 30.28
CA LEU B 119 4.19 -2.21 30.28
C LEU B 119 4.26 -1.67 31.71
N GLY B 120 3.73 -2.39 32.70
CA GLY B 120 3.64 -1.90 34.09
C GLY B 120 2.46 -0.95 34.29
N VAL B 121 1.41 -1.08 33.49
CA VAL B 121 0.18 -0.29 33.71
C VAL B 121 -0.54 -0.88 34.91
N PRO B 122 -0.85 -0.09 35.96
CA PRO B 122 -1.53 -0.63 37.14
C PRO B 122 -3.00 -0.98 36.88
N VAL B 123 -3.32 -2.27 37.06
CA VAL B 123 -4.69 -2.78 36.80
C VAL B 123 -5.66 -2.25 37.86
N GLY B 124 -5.26 -2.26 39.12
CA GLY B 124 -6.16 -1.79 40.21
C GLY B 124 -6.62 -0.36 39.96
N ALA B 125 -5.70 0.54 39.61
CA ALA B 125 -6.04 1.96 39.33
C ALA B 125 -6.95 2.04 38.10
N THR B 126 -6.70 1.20 37.08
CA THR B 126 -7.54 1.19 35.88
C THR B 126 -8.97 0.79 36.26
N VAL B 127 -9.10 -0.26 37.07
CA VAL B 127 -10.43 -0.76 37.50
C VAL B 127 -11.14 0.34 38.30
N GLN B 128 -10.41 1.08 39.16
CA GLN B 128 -11.02 2.18 39.94
CA GLN B 128 -11.03 2.17 39.93
C GLN B 128 -11.52 3.26 38.97
N ALA B 129 -10.75 3.58 37.93
CA ALA B 129 -11.15 4.58 36.93
C ALA B 129 -12.39 4.12 36.17
N ILE B 130 -12.44 2.83 35.79
CA ILE B 130 -13.65 2.30 35.08
C ILE B 130 -14.88 2.40 36.01
N GLN B 131 -14.70 2.10 37.29
CA GLN B 131 -15.81 2.22 38.27
CA GLN B 131 -15.81 2.22 38.27
C GLN B 131 -16.29 3.67 38.30
N ALA B 132 -15.37 4.64 38.27
CA ALA B 132 -15.74 6.06 38.24
C ALA B 132 -16.49 6.40 36.95
N ILE B 133 -16.05 5.85 35.82
CA ILE B 133 -16.76 6.08 34.54
C ILE B 133 -18.19 5.53 34.65
N LYS B 134 -18.35 4.35 35.26
CA LYS B 134 -19.69 3.73 35.44
C LYS B 134 -20.59 4.70 36.22
N GLU B 135 -20.07 5.29 37.30
CA GLU B 135 -20.88 6.18 38.18
C GLU B 135 -21.25 7.46 37.41
N VAL B 136 -20.28 8.06 36.72
CA VAL B 136 -20.53 9.33 35.99
C VAL B 136 -21.53 9.06 34.85
N THR B 137 -21.34 7.94 34.13
CA THR B 137 -22.24 7.59 33.01
C THR B 137 -23.67 7.44 33.56
N ALA B 138 -23.84 6.72 34.68
CA ALA B 138 -25.17 6.45 35.27
C ALA B 138 -25.85 7.79 35.63
N SER B 139 -25.10 8.77 36.10
CA SER B 139 -25.65 10.10 36.45
C SER B 139 -26.27 10.77 35.21
N LEU B 140 -25.74 10.50 34.01
CA LEU B 140 -26.19 11.17 32.76
CA LEU B 140 -26.20 11.17 32.77
C LEU B 140 -27.32 10.38 32.08
N VAL B 141 -27.24 9.05 32.08
CA VAL B 141 -28.19 8.23 31.25
C VAL B 141 -29.35 7.71 32.10
N GLY B 142 -29.30 7.87 33.42
CA GLY B 142 -30.39 7.41 34.31
C GLY B 142 -30.15 6.01 34.82
N PRO B 143 -30.90 5.58 35.87
CA PRO B 143 -30.59 4.33 36.56
C PRO B 143 -30.61 3.07 35.70
N ASP B 144 -31.62 2.91 34.84
CA ASP B 144 -31.76 1.63 34.08
C ASP B 144 -30.62 1.53 33.07
N ALA B 145 -30.38 2.60 32.30
CA ALA B 145 -29.30 2.61 31.30
C ALA B 145 -27.96 2.55 32.02
N GLY B 146 -27.84 3.16 33.20
CA GLY B 146 -26.61 3.12 33.99
C GLY B 146 -26.27 1.69 34.42
N LYS B 147 -27.30 0.96 34.83
CA LYS B 147 -27.12 -0.46 35.25
C LYS B 147 -26.66 -1.30 34.04
N GLU B 148 -27.29 -1.09 32.90
CA GLU B 148 -26.95 -1.85 31.67
C GLU B 148 -25.52 -1.52 31.24
N MET B 149 -25.16 -0.24 31.18
CA MET B 149 -23.76 0.16 30.89
C MET B 149 -22.83 -0.50 31.92
N GLY B 150 -23.24 -0.57 33.19
CA GLY B 150 -22.45 -1.16 34.27
C GLY B 150 -22.08 -2.61 34.01
N VAL B 151 -22.98 -3.35 33.37
CA VAL B 151 -22.70 -4.76 33.02
C VAL B 151 -21.43 -4.80 32.15
N TYR B 152 -21.32 -3.92 31.17
CA TYR B 152 -20.20 -3.93 30.19
C TYR B 152 -18.95 -3.33 30.83
N PHE B 153 -19.07 -2.29 31.64
CA PHE B 153 -17.89 -1.76 32.38
C PHE B 153 -17.29 -2.87 33.27
N ASP B 154 -18.16 -3.58 34.00
CA ASP B 154 -17.73 -4.67 34.91
C ASP B 154 -17.10 -5.81 34.09
N TYR B 155 -17.63 -6.07 32.90
CA TYR B 155 -17.10 -7.13 32.00
C TYR B 155 -15.65 -6.80 31.60
N ILE B 156 -15.38 -5.54 31.29
CA ILE B 156 -14.01 -5.06 30.93
C ILE B 156 -13.13 -5.21 32.17
N CYS B 157 -13.56 -4.73 33.31
CA CYS B 157 -12.74 -4.83 34.53
C CYS B 157 -12.40 -6.27 34.89
N SER B 158 -13.37 -7.17 34.83
CA SER B 158 -13.17 -8.61 35.10
C SER B 158 -12.12 -9.16 34.14
N GLY B 159 -12.15 -8.71 32.89
CA GLY B 159 -11.22 -9.17 31.83
C GLY B 159 -9.79 -8.72 32.09
N LEU B 160 -9.59 -7.70 32.94
CA LEU B 160 -8.25 -7.20 33.30
C LEU B 160 -7.69 -7.97 34.50
N SER B 161 -8.54 -8.65 35.26
CA SER B 161 -8.19 -9.32 36.54
C SER B 161 -7.75 -10.77 36.30
N SER C 1 19.43 13.55 23.64
CA SER C 1 20.66 14.36 23.52
C SER C 1 21.13 14.41 22.08
N ILE C 2 22.04 15.33 21.80
CA ILE C 2 22.61 15.49 20.43
CA ILE C 2 22.63 15.49 20.44
CA ILE C 2 22.67 15.50 20.46
C ILE C 2 23.30 14.17 20.03
N VAL C 3 23.84 13.44 21.01
CA VAL C 3 24.54 12.17 20.70
C VAL C 3 23.51 11.15 20.21
N THR C 4 22.43 10.97 20.95
CA THR C 4 21.38 10.00 20.56
CA THR C 4 21.38 10.00 20.56
C THR C 4 20.74 10.44 19.23
N LYS C 5 20.46 11.72 19.06
CA LYS C 5 19.80 12.20 17.81
CA LYS C 5 19.80 12.21 17.80
C LYS C 5 20.70 11.87 16.62
N SER C 6 22.00 12.09 16.76
CA SER C 6 22.99 11.83 15.68
C SER C 6 23.01 10.34 15.36
N ILE C 7 23.04 9.50 16.40
CA ILE C 7 23.06 8.02 16.22
C ILE C 7 21.76 7.57 15.54
N VAL C 8 20.61 8.06 15.99
CA VAL C 8 19.30 7.63 15.43
C VAL C 8 19.23 8.04 13.95
N ASN C 9 19.70 9.24 13.60
CA ASN C 9 19.68 9.76 12.21
C ASN C 9 20.59 8.87 11.35
N ALA C 10 21.79 8.54 11.83
CA ALA C 10 22.75 7.71 11.07
C ALA C 10 22.19 6.29 10.91
N ASP C 11 21.59 5.74 11.97
CA ASP C 11 21.05 4.36 11.94
C ASP C 11 19.89 4.29 10.93
N ALA C 12 19.09 5.34 10.82
CA ALA C 12 17.95 5.38 9.87
C ALA C 12 18.46 5.29 8.42
N GLU C 13 19.72 5.68 8.17
CA GLU C 13 20.36 5.62 6.83
C GLU C 13 21.43 4.51 6.80
N ALA C 14 21.42 3.61 7.78
CA ALA C 14 22.30 2.41 7.85
C ALA C 14 23.76 2.82 7.66
N ARG C 15 24.19 3.90 8.30
CA ARG C 15 25.54 4.49 8.03
C ARG C 15 26.26 4.90 9.31
N TYR C 16 27.57 5.06 9.19
CA TYR C 16 28.38 5.72 10.22
C TYR C 16 28.06 7.20 10.21
N LEU C 17 28.27 7.85 11.34
CA LEU C 17 28.18 9.33 11.41
C LEU C 17 29.18 9.92 10.41
N SER C 18 28.83 11.03 9.78
CA SER C 18 29.75 11.81 8.91
C SER C 18 30.79 12.54 9.75
N PRO C 19 31.94 12.95 9.17
CA PRO C 19 32.86 13.85 9.87
C PRO C 19 32.16 15.10 10.45
N GLY C 20 31.22 15.68 9.70
CA GLY C 20 30.44 16.87 10.15
C GLY C 20 29.62 16.56 11.40
N GLU C 21 28.98 15.40 11.43
CA GLU C 21 28.15 14.98 12.59
C GLU C 21 29.05 14.75 13.81
N LEU C 22 30.21 14.13 13.60
CA LEU C 22 31.17 13.88 14.70
C LEU C 22 31.72 15.22 15.20
N ASP C 23 31.98 16.19 14.33
CA ASP C 23 32.47 17.53 14.73
C ASP C 23 31.40 18.21 15.59
N ARG C 24 30.13 18.07 15.24
CA ARG C 24 29.02 18.64 16.04
C ARG C 24 29.03 18.04 17.46
N ILE C 25 29.31 16.75 17.58
CA ILE C 25 29.39 16.09 18.92
C ILE C 25 30.62 16.60 19.67
N LYS C 26 31.76 16.77 19.00
CA LYS C 26 32.99 17.34 19.61
C LYS C 26 32.67 18.74 20.17
N SER C 27 31.98 19.59 19.41
CA SER C 27 31.60 20.97 19.83
C SER C 27 30.67 20.89 21.04
N PHE C 28 29.72 19.96 21.01
CA PHE C 28 28.76 19.71 22.13
C PHE C 28 29.54 19.38 23.42
N VAL C 29 30.47 18.42 23.36
CA VAL C 29 31.22 17.98 24.56
C VAL C 29 32.10 19.14 25.07
N SER C 30 32.76 19.87 24.17
CA SER C 30 33.67 20.97 24.57
CA SER C 30 33.67 20.97 24.57
CA SER C 30 33.67 20.97 24.56
C SER C 30 32.87 22.10 25.24
N GLY C 31 31.60 22.28 24.83
CA GLY C 31 30.71 23.33 25.38
C GLY C 31 29.90 22.85 26.55
N GLY C 32 30.10 21.60 27.01
CA GLY C 32 29.28 21.01 28.10
C GLY C 32 29.29 21.88 29.36
N ALA C 33 30.48 22.33 29.79
CA ALA C 33 30.61 23.13 31.02
C ALA C 33 29.75 24.39 30.93
N GLN C 34 29.74 25.05 29.77
CA GLN C 34 28.97 26.31 29.58
CA GLN C 34 28.98 26.31 29.56
C GLN C 34 27.47 25.99 29.62
N ARG C 35 27.03 24.89 29.00
N ARG C 35 27.04 24.89 28.99
CA ARG C 35 25.60 24.50 29.04
CA ARG C 35 25.61 24.46 29.04
C ARG C 35 25.19 24.20 30.47
C ARG C 35 25.19 24.22 30.48
N LEU C 36 26.03 23.52 31.26
CA LEU C 36 25.71 23.22 32.67
C LEU C 36 25.54 24.54 33.43
N ARG C 37 26.37 25.54 33.16
CA ARG C 37 26.30 26.86 33.85
CA ARG C 37 26.29 26.86 33.85
C ARG C 37 24.96 27.54 33.50
N ILE C 38 24.56 27.50 32.23
CA ILE C 38 23.28 28.14 31.83
C ILE C 38 22.14 27.42 32.56
N ALA C 39 22.11 26.09 32.53
CA ALA C 39 21.05 25.30 33.20
C ALA C 39 21.04 25.65 34.70
N GLN C 40 22.20 25.86 35.30
CA GLN C 40 22.31 26.11 36.76
C GLN C 40 21.68 27.47 37.11
N VAL C 41 21.77 28.47 36.23
CA VAL C 41 21.13 29.80 36.47
C VAL C 41 19.61 29.58 36.56
N LEU C 42 19.04 28.81 35.65
CA LEU C 42 17.57 28.57 35.66
C LEU C 42 17.22 27.78 36.92
N THR C 43 17.99 26.76 37.27
CA THR C 43 17.74 25.92 38.46
C THR C 43 17.76 26.82 39.73
N ASP C 44 18.80 27.65 39.84
CA ASP C 44 19.03 28.44 41.07
C ASP C 44 17.93 29.49 41.22
N ASN C 45 17.34 29.95 40.12
CA ASN C 45 16.35 31.06 40.13
C ASN C 45 14.95 30.55 39.83
N ARG C 46 14.72 29.25 39.99
CA ARG C 46 13.45 28.64 39.51
C ARG C 46 12.23 29.25 40.20
N GLU C 47 12.32 29.56 41.49
CA GLU C 47 11.12 30.10 42.23
CA GLU C 47 11.13 30.10 42.23
C GLU C 47 10.73 31.45 41.63
N ARG C 48 11.70 32.35 41.44
CA ARG C 48 11.43 33.72 40.89
CA ARG C 48 11.42 33.71 40.89
C ARG C 48 11.00 33.63 39.42
N ILE C 49 11.61 32.74 38.62
CA ILE C 49 11.25 32.65 37.20
C ILE C 49 9.76 32.23 37.11
N VAL C 50 9.37 31.21 37.86
CA VAL C 50 7.98 30.69 37.81
C VAL C 50 7.02 31.73 38.39
N LYS C 51 7.35 32.33 39.53
CA LYS C 51 6.46 33.31 40.21
CA LYS C 51 6.46 33.31 40.21
CA LYS C 51 6.46 33.31 40.21
C LYS C 51 6.22 34.51 39.27
N GLN C 52 7.29 35.08 38.72
CA GLN C 52 7.16 36.30 37.88
C GLN C 52 6.46 35.94 36.56
N ALA C 53 6.71 34.75 36.01
CA ALA C 53 6.06 34.31 34.77
C ALA C 53 4.56 34.19 35.03
N GLY C 54 4.19 33.58 36.15
CA GLY C 54 2.77 33.46 36.54
C GLY C 54 2.11 34.83 36.64
N ASP C 55 2.77 35.77 37.30
CA ASP C 55 2.22 37.15 37.44
C ASP C 55 2.00 37.78 36.06
N GLN C 56 2.97 37.64 35.15
CA GLN C 56 2.85 38.20 33.77
C GLN C 56 1.67 37.53 33.08
N LEU C 57 1.56 36.20 33.18
CA LEU C 57 0.46 35.49 32.51
C LEU C 57 -0.90 35.98 33.05
N PHE C 58 -1.04 36.07 34.36
CA PHE C 58 -2.34 36.39 34.97
C PHE C 58 -2.70 37.85 34.69
N GLN C 59 -1.72 38.71 34.43
CA GLN C 59 -1.99 40.12 34.00
C GLN C 59 -2.56 40.11 32.57
N LYS C 60 -2.03 39.26 31.68
CA LYS C 60 -2.48 39.18 30.26
C LYS C 60 -3.78 38.39 30.15
N ARG C 61 -3.94 37.37 31.00
CA ARG C 61 -5.07 36.41 30.94
C ARG C 61 -5.73 36.33 32.31
N PRO C 62 -6.29 37.43 32.84
CA PRO C 62 -6.89 37.38 34.18
C PRO C 62 -8.10 36.43 34.22
N ASP C 63 -8.66 36.13 33.06
CA ASP C 63 -9.82 35.21 32.95
C ASP C 63 -9.45 33.83 33.51
N VAL C 64 -8.22 33.35 33.37
CA VAL C 64 -7.89 31.96 33.80
C VAL C 64 -7.88 31.85 35.33
N VAL C 65 -7.78 32.97 36.05
CA VAL C 65 -7.80 33.00 37.54
C VAL C 65 -9.06 33.71 38.03
N SER C 66 -10.04 33.88 37.14
CA SER C 66 -11.37 34.45 37.46
CA SER C 66 -11.37 34.46 37.47
C SER C 66 -12.36 33.32 37.58
N PRO C 67 -13.53 33.52 38.23
CA PRO C 67 -14.52 32.46 38.33
C PRO C 67 -14.81 31.82 36.97
N GLY C 68 -14.86 30.49 36.92
CA GLY C 68 -15.06 29.71 35.69
C GLY C 68 -13.76 29.37 35.01
N GLY C 69 -12.67 30.09 35.31
CA GLY C 69 -11.34 29.86 34.74
C GLY C 69 -10.67 28.62 35.34
N ASN C 70 -9.83 27.97 34.54
CA ASN C 70 -9.21 26.67 34.90
C ASN C 70 -8.35 26.83 36.15
N ALA C 71 -7.72 27.99 36.36
CA ALA C 71 -6.77 28.22 37.47
C ALA C 71 -7.42 29.04 38.60
N TYR C 72 -8.75 29.13 38.63
CA TYR C 72 -9.45 29.92 39.66
C TYR C 72 -9.19 29.34 41.06
N GLY C 73 -8.79 30.20 41.99
CA GLY C 73 -8.61 29.84 43.40
C GLY C 73 -7.18 29.52 43.74
N GLN C 74 -6.84 29.53 45.03
CA GLN C 74 -5.46 29.38 45.52
C GLN C 74 -4.88 28.03 45.05
N GLU C 75 -5.64 26.94 45.22
CA GLU C 75 -5.12 25.57 44.94
C GLU C 75 -4.88 25.43 43.44
N MET C 76 -5.82 25.83 42.59
CA MET C 76 -5.67 25.65 41.12
CA MET C 76 -5.67 25.65 41.12
C MET C 76 -4.55 26.57 40.62
N THR C 77 -4.43 27.79 41.16
CA THR C 77 -3.34 28.70 40.77
C THR C 77 -1.99 28.06 41.11
N ALA C 78 -1.87 27.46 42.29
CA ALA C 78 -0.62 26.76 42.72
C ALA C 78 -0.34 25.61 41.74
N THR C 79 -1.36 24.87 41.31
CA THR C 79 -1.14 23.76 40.35
C THR C 79 -0.66 24.32 39.02
N CYS C 80 -1.19 25.45 38.59
CA CYS C 80 -0.75 26.10 37.34
C CYS C 80 0.74 26.42 37.44
N LEU C 81 1.19 27.04 38.53
CA LEU C 81 2.63 27.34 38.70
C LEU C 81 3.45 26.05 38.81
N ARG C 82 2.87 24.98 39.36
CA ARG C 82 3.54 23.65 39.44
C ARG C 82 3.84 23.20 38.01
N ASP C 83 2.89 23.36 37.09
CA ASP C 83 3.11 22.96 35.67
C ASP C 83 4.20 23.83 35.06
N LEU C 84 4.23 25.13 35.34
CA LEU C 84 5.30 25.99 34.77
C LEU C 84 6.65 25.52 35.30
N ASP C 85 6.72 25.12 36.56
CA ASP C 85 7.97 24.61 37.15
C ASP C 85 8.37 23.30 36.45
N TYR C 86 7.41 22.43 36.14
CA TYR C 86 7.71 21.21 35.35
C TYR C 86 8.41 21.62 34.04
N TYR C 87 7.85 22.57 33.31
CA TYR C 87 8.39 22.95 31.98
C TYR C 87 9.76 23.60 32.14
N LEU C 88 9.98 24.43 33.17
CA LEU C 88 11.32 25.00 33.39
C LEU C 88 12.33 23.88 33.63
N ARG C 89 11.96 22.89 34.44
CA ARG C 89 12.84 21.73 34.71
C ARG C 89 13.18 21.03 33.38
N LEU C 90 12.19 20.82 32.53
CA LEU C 90 12.44 20.14 31.24
C LEU C 90 13.35 21.01 30.38
N VAL C 91 13.17 22.33 30.40
CA VAL C 91 14.05 23.22 29.60
C VAL C 91 15.50 23.04 30.09
N THR C 92 15.73 22.91 31.40
CA THR C 92 17.13 22.70 31.90
C THR C 92 17.68 21.37 31.33
N TYR C 93 16.86 20.34 31.22
CA TYR C 93 17.31 19.04 30.68
C TYR C 93 17.69 19.22 29.22
N GLY C 94 16.88 19.94 28.44
CA GLY C 94 17.16 20.16 27.00
C GLY C 94 18.47 20.89 26.84
N ILE C 95 18.71 21.92 27.66
CA ILE C 95 19.94 22.72 27.55
C ILE C 95 21.15 21.81 27.79
N VAL C 96 21.14 20.98 28.81
CA VAL C 96 22.34 20.13 29.10
CA VAL C 96 22.31 20.10 29.13
C VAL C 96 22.48 19.05 28.02
N ALA C 97 21.37 18.58 27.43
CA ALA C 97 21.39 17.51 26.41
C ALA C 97 21.78 18.06 25.04
N GLY C 98 21.68 19.37 24.82
CA GLY C 98 21.94 20.00 23.53
C GLY C 98 20.90 19.64 22.49
N ASP C 99 19.70 19.25 22.91
CA ASP C 99 18.65 18.74 22.01
C ASP C 99 17.33 18.77 22.78
N VAL C 100 16.20 18.89 22.07
CA VAL C 100 14.88 19.02 22.75
C VAL C 100 14.32 17.65 23.11
N THR C 101 14.99 16.55 22.80
CA THR C 101 14.38 15.19 22.98
C THR C 101 13.86 15.00 24.41
N PRO C 102 14.58 15.35 25.51
CA PRO C 102 14.01 15.10 26.83
C PRO C 102 12.71 15.89 27.05
N ILE C 103 12.66 17.10 26.51
CA ILE C 103 11.45 17.95 26.61
C ILE C 103 10.31 17.27 25.86
N GLU C 104 10.58 16.83 24.64
CA GLU C 104 9.57 16.20 23.78
C GLU C 104 9.01 14.96 24.48
N GLU C 105 9.88 14.09 24.97
CA GLU C 105 9.50 12.74 25.46
C GLU C 105 8.77 12.87 26.80
N ILE C 106 9.08 13.91 27.60
CA ILE C 106 8.49 14.02 28.95
C ILE C 106 7.25 14.91 28.92
N GLY C 107 7.29 16.01 28.17
CA GLY C 107 6.29 17.09 28.33
C GLY C 107 5.55 17.49 27.07
N ILE C 108 5.87 16.93 25.89
CA ILE C 108 5.19 17.42 24.64
C ILE C 108 4.31 16.32 24.03
N VAL C 109 4.80 15.08 23.90
CA VAL C 109 3.95 14.05 23.27
C VAL C 109 2.63 13.95 24.08
N GLY C 110 1.48 14.12 23.43
CA GLY C 110 0.19 14.00 24.13
C GLY C 110 -0.20 15.23 24.92
N VAL C 111 0.58 16.31 24.87
CA VAL C 111 0.30 17.48 25.75
C VAL C 111 -1.08 18.08 25.41
N ARG C 112 -1.44 18.20 24.15
CA ARG C 112 -2.74 18.81 23.76
CA ARG C 112 -2.74 18.81 23.76
C ARG C 112 -3.89 17.93 24.30
N GLU C 113 -3.74 16.61 24.24
CA GLU C 113 -4.78 15.67 24.71
C GLU C 113 -4.93 15.81 26.23
N MET C 114 -3.83 15.91 26.96
CA MET C 114 -3.86 16.05 28.44
C MET C 114 -4.59 17.34 28.79
N TYR C 115 -4.15 18.47 28.26
CA TYR C 115 -4.76 19.78 28.68
C TYR C 115 -6.20 19.90 28.17
N LYS C 116 -6.52 19.29 27.01
CA LYS C 116 -7.92 19.31 26.53
C LYS C 116 -8.81 18.60 27.55
N SER C 117 -8.38 17.44 28.04
CA SER C 117 -9.15 16.64 29.01
C SER C 117 -9.34 17.46 30.29
N LEU C 118 -8.28 18.13 30.75
CA LEU C 118 -8.32 18.93 31.99
C LEU C 118 -9.13 20.23 31.83
N GLY C 119 -9.39 20.67 30.59
CA GLY C 119 -10.08 21.94 30.31
C GLY C 119 -9.16 23.14 30.47
N THR C 120 -7.85 22.92 30.43
CA THR C 120 -6.84 23.99 30.54
C THR C 120 -6.65 24.63 29.18
N PRO C 121 -6.73 25.97 29.06
CA PRO C 121 -6.46 26.64 27.80
C PRO C 121 -4.96 26.57 27.47
N ILE C 122 -4.60 25.75 26.51
CA ILE C 122 -3.16 25.47 26.26
C ILE C 122 -2.48 26.73 25.71
N ASP C 123 -3.19 27.65 25.06
CA ASP C 123 -2.62 28.93 24.57
C ASP C 123 -2.09 29.72 25.80
N ALA C 124 -2.77 29.63 26.93
CA ALA C 124 -2.35 30.33 28.16
C ALA C 124 -1.18 29.60 28.81
N VAL C 125 -1.12 28.26 28.72
CA VAL C 125 0.08 27.53 29.20
C VAL C 125 1.28 28.03 28.38
N ALA C 126 1.14 28.11 27.06
CA ALA C 126 2.21 28.59 26.15
C ALA C 126 2.62 30.01 26.57
N GLY C 127 1.64 30.86 26.91
CA GLY C 127 1.95 32.22 27.35
C GLY C 127 2.76 32.23 28.65
N GLY C 128 2.47 31.32 29.58
CA GLY C 128 3.25 31.15 30.82
C GLY C 128 4.69 30.77 30.51
N VAL C 129 4.88 29.86 29.56
CA VAL C 129 6.25 29.42 29.18
C VAL C 129 6.97 30.59 28.50
N ALA C 130 6.28 31.34 27.63
CA ALA C 130 6.88 32.51 26.96
C ALA C 130 7.28 33.54 28.03
N ALA C 131 6.49 33.67 29.11
CA ALA C 131 6.82 34.61 30.19
C ALA C 131 8.07 34.12 30.93
N MET C 132 8.21 32.82 31.15
CA MET C 132 9.42 32.27 31.82
C MET C 132 10.63 32.56 30.95
N LYS C 133 10.51 32.46 29.63
CA LYS C 133 11.65 32.76 28.73
C LYS C 133 12.13 34.19 29.00
N SER C 134 11.19 35.12 29.09
CA SER C 134 11.49 36.57 29.24
CA SER C 134 11.50 36.57 29.23
C SER C 134 12.15 36.82 30.60
N VAL C 135 11.68 36.16 31.65
CA VAL C 135 12.24 36.33 33.02
C VAL C 135 13.64 35.71 33.06
N ALA C 136 13.80 34.51 32.52
CA ALA C 136 15.10 33.79 32.51
C ALA C 136 16.12 34.62 31.73
N ALA C 137 15.70 35.23 30.62
CA ALA C 137 16.60 36.00 29.73
C ALA C 137 17.25 37.14 30.51
N GLY C 138 16.54 37.73 31.48
CA GLY C 138 17.02 38.83 32.33
C GLY C 138 18.16 38.41 33.25
N LEU C 139 18.35 37.10 33.46
CA LEU C 139 19.35 36.52 34.39
C LEU C 139 20.57 35.99 33.61
N LEU C 140 20.57 36.15 32.28
CA LEU C 140 21.57 35.55 31.37
C LEU C 140 22.20 36.64 30.50
N SER C 141 23.43 36.41 30.04
CA SER C 141 24.07 37.20 28.96
C SER C 141 23.21 37.09 27.70
N ALA C 142 23.37 38.02 26.75
CA ALA C 142 22.67 37.99 25.45
C ALA C 142 22.91 36.64 24.77
N GLU C 143 24.16 36.16 24.77
CA GLU C 143 24.56 34.88 24.11
C GLU C 143 23.83 33.72 24.82
N ASP C 144 23.89 33.68 26.16
CA ASP C 144 23.30 32.56 26.94
C ASP C 144 21.77 32.59 26.80
N ALA C 145 21.16 33.79 26.76
CA ALA C 145 19.71 33.95 26.59
C ALA C 145 19.30 33.44 25.20
N GLY C 146 20.13 33.67 24.18
CA GLY C 146 19.88 33.15 22.83
C GLY C 146 19.80 31.63 22.84
N GLU C 147 20.74 30.98 23.54
CA GLU C 147 20.81 29.49 23.61
C GLU C 147 19.57 28.98 24.37
N ALA C 148 19.34 29.51 25.59
CA ALA C 148 18.21 29.05 26.43
C ALA C 148 16.89 29.30 25.68
N GLY C 149 16.79 30.43 24.99
CA GLY C 149 15.56 30.90 24.33
C GLY C 149 15.02 29.87 23.33
N ALA C 150 15.92 29.19 22.62
CA ALA C 150 15.52 28.18 21.60
C ALA C 150 14.69 27.06 22.28
N TYR C 151 15.05 26.69 23.50
CA TYR C 151 14.39 25.58 24.25
C TYR C 151 13.00 26.04 24.73
N PHE C 152 12.90 27.26 25.25
CA PHE C 152 11.59 27.82 25.59
C PHE C 152 10.72 27.95 24.32
N ASP C 153 11.30 28.44 23.22
CA ASP C 153 10.54 28.62 21.95
C ASP C 153 10.02 27.26 21.46
N TYR C 154 10.80 26.21 21.63
CA TYR C 154 10.37 24.85 21.21
C TYR C 154 9.06 24.51 21.94
N VAL C 155 9.03 24.73 23.25
CA VAL C 155 7.85 24.38 24.08
C VAL C 155 6.66 25.24 23.64
N VAL C 156 6.86 26.55 23.52
CA VAL C 156 5.79 27.49 23.12
C VAL C 156 5.20 27.04 21.76
N GLY C 157 6.05 26.75 20.78
CA GLY C 157 5.57 26.36 19.44
C GLY C 157 4.85 25.02 19.46
N ALA C 158 5.26 24.11 20.34
CA ALA C 158 4.69 22.76 20.42
C ALA C 158 3.29 22.80 21.05
N MET C 159 2.95 23.91 21.72
CA MET C 159 1.64 24.07 22.40
C MET C 159 0.67 24.92 21.56
N GLN C 160 1.10 25.47 20.42
CA GLN C 160 0.33 26.60 19.81
C GLN C 160 -0.93 26.08 19.10
N MET D 1 16.71 4.00 22.66
CA MET D 1 18.03 3.86 23.30
C MET D 1 18.24 4.98 24.33
N GLN D 2 19.18 4.78 25.25
CA GLN D 2 19.70 5.87 26.12
CA GLN D 2 19.69 5.86 26.13
C GLN D 2 21.20 6.01 25.89
N ASP D 3 21.71 7.21 26.08
CA ASP D 3 23.15 7.50 26.18
CA ASP D 3 23.16 7.51 26.18
C ASP D 3 23.47 7.90 27.63
N ALA D 4 24.73 8.15 27.91
CA ALA D 4 25.20 8.47 29.26
C ALA D 4 24.47 9.72 29.79
N ILE D 5 24.18 10.67 28.91
CA ILE D 5 23.54 11.95 29.31
C ILE D 5 22.05 11.68 29.62
N THR D 6 21.34 10.99 28.73
CA THR D 6 19.89 10.78 28.90
CA THR D 6 19.89 10.75 28.88
C THR D 6 19.64 9.84 30.09
N SER D 7 20.55 8.93 30.40
CA SER D 7 20.39 8.06 31.59
CA SER D 7 20.41 8.06 31.60
C SER D 7 20.34 8.93 32.86
N VAL D 8 21.19 9.95 32.91
CA VAL D 8 21.22 10.86 34.07
C VAL D 8 19.94 11.68 34.08
N ILE D 9 19.56 12.26 32.95
CA ILE D 9 18.31 13.07 32.87
C ILE D 9 17.13 12.23 33.33
N ASN D 10 17.05 10.98 32.87
CA ASN D 10 15.89 10.12 33.18
C ASN D 10 15.86 9.83 34.67
N SER D 11 17.00 9.59 35.30
CA SER D 11 17.05 9.26 36.75
CA SER D 11 17.03 9.27 36.75
C SER D 11 16.63 10.51 37.56
N SER D 12 16.96 11.72 37.10
CA SER D 12 16.50 12.96 37.76
C SER D 12 14.99 13.15 37.53
N ASP D 13 14.53 12.91 36.31
CA ASP D 13 13.11 13.13 35.93
C ASP D 13 12.19 12.22 36.75
N VAL D 14 12.55 10.96 36.97
CA VAL D 14 11.66 10.02 37.71
CA VAL D 14 11.70 9.99 37.73
C VAL D 14 11.52 10.50 39.16
N GLN D 15 12.46 11.29 39.67
CA GLN D 15 12.40 11.88 41.03
CA GLN D 15 12.40 11.88 41.03
C GLN D 15 11.73 13.26 40.99
N GLY D 16 11.44 13.80 39.80
CA GLY D 16 10.91 15.17 39.67
C GLY D 16 11.92 16.23 40.05
N LYS D 17 13.22 15.96 39.87
CA LYS D 17 14.29 16.84 40.38
C LYS D 17 15.02 17.54 39.25
N TYR D 18 15.37 18.79 39.46
CA TYR D 18 16.43 19.47 38.69
C TYR D 18 17.73 18.70 38.94
N LEU D 19 18.64 18.77 37.98
CA LEU D 19 19.92 18.03 38.10
C LEU D 19 20.66 18.50 39.37
N ASP D 20 20.98 17.57 40.26
CA ASP D 20 21.69 17.82 41.53
C ASP D 20 23.18 17.62 41.34
N ASN D 21 23.96 17.81 42.40
CA ASN D 21 25.44 17.77 42.30
CA ASN D 21 25.45 17.77 42.31
C ASN D 21 25.88 16.39 41.78
N ALA D 22 25.29 15.31 42.28
CA ALA D 22 25.69 13.94 41.87
C ALA D 22 25.41 13.76 40.37
N ALA D 23 24.27 14.23 39.88
CA ALA D 23 23.89 14.11 38.46
C ALA D 23 24.88 14.92 37.61
N LEU D 24 25.20 16.13 38.04
CA LEU D 24 26.12 17.01 37.28
C LEU D 24 27.51 16.37 37.23
N GLU D 25 27.94 15.69 38.29
CA GLU D 25 29.27 15.01 38.29
C GLU D 25 29.26 13.89 37.22
N LYS D 26 28.17 13.15 37.08
CA LYS D 26 28.06 12.09 36.04
C LYS D 26 28.11 12.73 34.65
N LEU D 27 27.44 13.86 34.44
CA LEU D 27 27.48 14.57 33.13
C LEU D 27 28.92 15.04 32.86
N LYS D 28 29.58 15.62 33.85
CA LYS D 28 30.98 16.06 33.70
C LYS D 28 31.87 14.87 33.32
N GLY D 29 31.60 13.69 33.87
CA GLY D 29 32.36 12.46 33.57
C GLY D 29 32.23 12.10 32.10
N TYR D 30 31.06 12.31 31.48
CA TYR D 30 30.90 12.06 30.02
C TYR D 30 31.66 13.14 29.24
N PHE D 31 31.49 14.40 29.60
CA PHE D 31 32.11 15.53 28.88
C PHE D 31 33.63 15.43 28.97
N ALA D 32 34.18 14.92 30.06
CA ALA D 32 35.64 14.94 30.36
C ALA D 32 36.40 14.19 29.26
N THR D 33 35.83 13.09 28.77
CA THR D 33 36.54 12.18 27.82
C THR D 33 35.71 11.95 26.58
N GLY D 34 34.68 12.72 26.33
CA GLY D 34 33.80 12.50 25.16
C GLY D 34 34.56 12.70 23.85
N GLU D 35 35.50 13.63 23.80
CA GLU D 35 36.29 13.86 22.56
C GLU D 35 37.04 12.59 22.18
N LEU D 36 37.51 11.81 23.14
CA LEU D 36 38.24 10.53 22.85
C LEU D 36 37.28 9.56 22.17
N ARG D 37 36.00 9.56 22.53
CA ARG D 37 34.99 8.69 21.89
C ARG D 37 34.81 9.14 20.43
N VAL D 38 34.71 10.43 20.20
CA VAL D 38 34.53 11.00 18.85
C VAL D 38 35.75 10.61 18.01
N ARG D 39 36.95 10.74 18.56
CA ARG D 39 38.19 10.44 17.79
C ARG D 39 38.19 8.97 17.39
N ALA D 40 37.83 8.07 18.31
CA ALA D 40 37.79 6.62 18.00
C ALA D 40 36.74 6.37 16.91
N ALA D 41 35.55 6.97 17.01
CA ALA D 41 34.47 6.75 16.04
C ALA D 41 34.89 7.26 14.65
N THR D 42 35.63 8.36 14.59
CA THR D 42 36.14 8.93 13.32
C THR D 42 37.03 7.89 12.64
N THR D 43 37.97 7.33 13.39
CA THR D 43 38.92 6.33 12.85
C THR D 43 38.16 5.08 12.40
N ILE D 44 37.23 4.60 13.20
CA ILE D 44 36.49 3.36 12.84
C ILE D 44 35.70 3.58 11.55
N SER D 45 34.97 4.70 11.47
CA SER D 45 34.14 5.01 10.28
CA SER D 45 34.15 5.01 10.28
C SER D 45 35.01 4.99 9.02
N ALA D 46 36.20 5.59 9.09
CA ALA D 46 37.09 5.74 7.92
C ALA D 46 37.61 4.38 7.47
N ASN D 47 37.60 3.38 8.36
CA ASN D 47 38.27 2.08 8.15
C ASN D 47 37.28 0.91 8.27
N ALA D 48 35.97 1.16 8.21
CA ALA D 48 34.99 0.12 8.61
C ALA D 48 35.10 -1.12 7.72
N ALA D 49 35.18 -0.96 6.39
CA ALA D 49 35.24 -2.12 5.48
C ALA D 49 36.56 -2.88 5.72
N ALA D 50 37.66 -2.16 5.92
CA ALA D 50 38.99 -2.76 6.12
C ALA D 50 39.03 -3.54 7.43
N ILE D 51 38.38 -3.04 8.48
CA ILE D 51 38.37 -3.76 9.78
C ILE D 51 37.69 -5.13 9.58
N VAL D 52 36.54 -5.13 8.94
CA VAL D 52 35.77 -6.38 8.76
C VAL D 52 36.58 -7.32 7.85
N LYS D 53 37.15 -6.79 6.77
CA LYS D 53 37.95 -7.62 5.84
C LYS D 53 39.08 -8.33 6.59
N GLU D 54 39.84 -7.61 7.40
CA GLU D 54 41.00 -8.20 8.12
CA GLU D 54 41.00 -8.19 8.13
C GLU D 54 40.49 -9.20 9.16
N ALA D 55 39.40 -8.90 9.87
CA ALA D 55 38.88 -9.81 10.90
C ALA D 55 38.44 -11.12 10.25
N VAL D 56 37.77 -11.03 9.11
CA VAL D 56 37.29 -12.24 8.38
C VAL D 56 38.51 -13.06 7.94
N ALA D 57 39.52 -12.38 7.40
CA ALA D 57 40.74 -13.07 6.89
C ALA D 57 41.40 -13.84 8.05
N LYS D 58 41.41 -13.25 9.25
CA LYS D 58 42.16 -13.83 10.39
C LYS D 58 41.35 -14.94 11.06
N SER D 59 40.01 -14.95 10.98
CA SER D 59 39.19 -15.81 11.85
C SER D 59 38.34 -16.83 11.07
N LEU D 60 38.02 -16.59 9.81
CA LEU D 60 37.00 -17.41 9.08
C LEU D 60 37.56 -18.00 7.78
N LEU D 61 38.35 -17.27 7.02
CA LEU D 61 38.71 -17.73 5.65
C LEU D 61 39.61 -18.97 5.68
N TYR D 62 39.56 -19.72 4.57
CA TYR D 62 40.43 -20.89 4.30
C TYR D 62 40.24 -21.92 5.41
N SER D 63 38.99 -22.15 5.78
CA SER D 63 38.60 -23.11 6.83
C SER D 63 37.40 -23.91 6.35
N ASP D 64 36.98 -24.88 7.15
CA ASP D 64 35.76 -25.68 6.84
C ASP D 64 34.56 -24.74 6.70
N ILE D 65 34.57 -23.58 7.38
CA ILE D 65 33.37 -22.71 7.42
CA ILE D 65 33.36 -22.72 7.42
C ILE D 65 33.06 -22.14 6.01
N THR D 66 34.09 -21.85 5.22
CA THR D 66 33.87 -21.25 3.87
C THR D 66 33.83 -22.31 2.77
N ARG D 67 34.23 -23.53 3.07
CA ARG D 67 34.23 -24.64 2.08
C ARG D 67 32.84 -25.24 2.00
N PRO D 68 32.52 -25.97 0.91
CA PRO D 68 31.27 -26.72 0.83
C PRO D 68 30.96 -27.46 2.13
N GLY D 69 29.73 -27.30 2.63
CA GLY D 69 29.29 -27.90 3.90
C GLY D 69 29.38 -26.93 5.05
N GLY D 70 30.13 -25.83 4.89
CA GLY D 70 30.31 -24.84 5.97
C GLY D 70 29.22 -23.78 5.96
N MEN D 71 29.01 -23.11 7.10
CA MEN D 71 27.90 -22.15 7.19
C MEN D 71 28.14 -20.85 6.43
O MEN D 71 27.19 -20.10 6.23
CB MEN D 71 27.52 -21.83 8.63
CG MEN D 71 26.12 -21.18 8.72
OD1 MEN D 71 25.93 -19.97 9.11
ND2 MEN D 71 25.07 -21.95 8.32
CE2 MEN D 71 23.71 -21.41 8.37
N MET D 72 29.38 -20.59 5.96
CA MET D 72 29.64 -19.43 5.10
C MET D 72 29.80 -19.86 3.63
N TYR D 73 29.52 -21.10 3.32
CA TYR D 73 29.54 -21.57 1.91
C TYR D 73 28.25 -21.08 1.23
N THR D 74 28.36 -20.77 -0.05
CA THR D 74 27.41 -20.07 -0.93
C THR D 74 27.66 -18.59 -0.79
N THR D 75 27.54 -17.87 -1.89
CA THR D 75 27.73 -16.40 -1.88
C THR D 75 26.69 -15.77 -0.94
N ARG D 76 25.48 -16.31 -0.89
CA ARG D 76 24.42 -15.69 -0.06
C ARG D 76 24.85 -15.73 1.40
N ARG D 77 25.37 -16.86 1.86
CA ARG D 77 25.75 -17.02 3.28
CA ARG D 77 25.75 -17.02 3.28
C ARG D 77 27.02 -16.20 3.59
N TYR D 78 27.97 -16.17 2.66
CA TYR D 78 29.18 -15.35 2.85
C TYR D 78 28.72 -13.91 3.06
N ALA D 79 27.87 -13.41 2.18
CA ALA D 79 27.42 -12.01 2.20
C ALA D 79 26.63 -11.75 3.50
N ALA D 80 25.78 -12.69 3.93
CA ALA D 80 25.00 -12.50 5.18
C ALA D 80 25.97 -12.37 6.36
N CYS D 81 27.00 -13.18 6.38
CA CYS D 81 27.95 -13.19 7.51
C CYS D 81 28.71 -11.86 7.57
N ILE D 82 29.24 -11.38 6.46
CA ILE D 82 30.01 -10.11 6.51
CA ILE D 82 29.98 -10.08 6.41
C ILE D 82 29.03 -8.96 6.81
N ARG D 83 27.78 -9.05 6.37
CA ARG D 83 26.76 -8.03 6.73
C ARG D 83 26.59 -8.00 8.25
N ASP D 84 26.52 -9.18 8.88
CA ASP D 84 26.36 -9.26 10.36
C ASP D 84 27.58 -8.62 11.03
N LEU D 85 28.78 -8.93 10.56
CA LEU D 85 30.01 -8.34 11.16
CA LEU D 85 30.01 -8.33 11.16
C LEU D 85 29.99 -6.82 10.96
N ASP D 86 29.54 -6.33 9.81
CA ASP D 86 29.40 -4.87 9.55
CA ASP D 86 29.46 -4.87 9.62
C ASP D 86 28.44 -4.28 10.60
N TYR D 87 27.33 -4.96 10.85
CA TYR D 87 26.34 -4.51 11.85
C TYR D 87 27.01 -4.43 13.22
N TYR D 88 27.73 -5.48 13.63
CA TYR D 88 28.32 -5.51 14.98
C TYR D 88 29.28 -4.34 15.15
N LEU D 89 30.09 -4.04 14.15
CA LEU D 89 31.06 -2.94 14.22
C LEU D 89 30.29 -1.61 14.27
N ARG D 90 29.30 -1.43 13.42
CA ARG D 90 28.57 -0.15 13.34
C ARG D 90 27.85 0.07 14.67
N TYR D 91 27.21 -0.96 15.24
CA TYR D 91 26.38 -0.70 16.44
C TYR D 91 27.29 -0.59 17.65
N ALA D 92 28.39 -1.33 17.69
CA ALA D 92 29.36 -1.21 18.81
C ALA D 92 29.89 0.23 18.82
N THR D 93 30.11 0.83 17.65
CA THR D 93 30.64 2.21 17.53
C THR D 93 29.57 3.17 18.07
N TYR D 94 28.32 2.99 17.70
CA TYR D 94 27.23 3.83 18.27
C TYR D 94 27.24 3.71 19.80
N ALA D 95 27.33 2.51 20.34
CA ALA D 95 27.24 2.26 21.81
C ALA D 95 28.43 2.94 22.49
N MET D 96 29.60 2.89 21.87
CA MET D 96 30.80 3.54 22.42
C MET D 96 30.61 5.06 22.43
N LEU D 97 30.05 5.65 21.37
CA LEU D 97 29.79 7.11 21.33
C LEU D 97 28.81 7.45 22.45
N ALA D 98 27.80 6.62 22.64
CA ALA D 98 26.73 6.85 23.64
C ALA D 98 27.24 6.61 25.06
N GLY D 99 28.30 5.83 25.22
CA GLY D 99 28.74 5.33 26.53
C GLY D 99 27.69 4.49 27.22
N ASP D 100 26.93 3.71 26.47
CA ASP D 100 25.76 2.97 27.00
C ASP D 100 25.43 1.85 26.04
N PRO D 101 25.26 0.60 26.53
CA PRO D 101 24.99 -0.52 25.64
C PRO D 101 23.51 -0.71 25.26
N SER D 102 22.60 0.15 25.74
CA SER D 102 21.15 -0.04 25.53
C SER D 102 20.79 -0.19 24.05
N ILE D 103 21.46 0.54 23.15
CA ILE D 103 21.18 0.41 21.69
C ILE D 103 21.42 -1.04 21.25
N LEU D 104 22.36 -1.74 21.88
CA LEU D 104 22.68 -3.14 21.48
C LEU D 104 21.50 -4.04 21.84
N ASP D 105 20.89 -3.85 23.01
CA ASP D 105 19.72 -4.68 23.42
C ASP D 105 18.54 -4.37 22.49
N GLU D 106 18.35 -3.10 22.15
CA GLU D 106 17.14 -2.64 21.41
CA GLU D 106 17.15 -2.63 21.41
C GLU D 106 17.24 -2.99 19.92
N ARG D 107 18.42 -2.82 19.32
CA ARG D 107 18.57 -2.84 17.84
C ARG D 107 19.41 -4.01 17.37
N VAL D 108 20.14 -4.70 18.25
CA VAL D 108 21.00 -5.83 17.77
C VAL D 108 20.52 -7.17 18.34
N LEU D 109 20.37 -7.28 19.65
CA LEU D 109 20.35 -8.59 20.34
C LEU D 109 18.94 -9.17 20.50
N ASN D 110 17.89 -8.35 20.35
CA ASN D 110 16.50 -8.78 20.64
C ASN D 110 16.14 -9.85 19.61
N GLY D 111 16.13 -11.12 20.02
CA GLY D 111 15.75 -12.28 19.18
C GLY D 111 16.90 -12.81 18.36
N LEU D 112 18.11 -12.27 18.54
CA LEU D 112 19.22 -12.65 17.64
C LEU D 112 19.68 -14.08 17.90
N LYS D 113 19.91 -14.45 19.15
CA LYS D 113 20.33 -15.83 19.52
C LYS D 113 19.32 -16.81 18.93
N GLU D 114 18.03 -16.51 19.04
CA GLU D 114 16.95 -17.42 18.57
C GLU D 114 17.03 -17.55 17.04
N THR D 115 17.26 -16.43 16.35
CA THR D 115 17.39 -16.40 14.88
C THR D 115 18.59 -17.28 14.45
N TYR D 116 19.74 -17.06 15.06
CA TYR D 116 20.97 -17.84 14.75
C TYR D 116 20.70 -19.33 14.98
N ASN D 117 20.10 -19.67 16.12
CA ASN D 117 19.86 -21.09 16.48
C ASN D 117 18.92 -21.71 15.44
N SER D 118 17.87 -20.98 15.02
CA SER D 118 16.85 -21.53 14.09
C SER D 118 17.48 -21.76 12.70
N LEU D 119 18.44 -20.94 12.30
CA LEU D 119 19.07 -20.98 10.95
C LEU D 119 20.31 -21.88 10.96
N GLY D 120 20.84 -22.24 12.13
CA GLY D 120 22.09 -23.02 12.23
C GLY D 120 23.34 -22.19 12.05
N VAL D 121 23.27 -20.90 12.37
CA VAL D 121 24.47 -20.02 12.33
C VAL D 121 25.30 -20.34 13.57
N PRO D 122 26.58 -20.74 13.42
CA PRO D 122 27.37 -21.16 14.57
C PRO D 122 27.78 -19.98 15.46
N VAL D 123 27.36 -20.01 16.71
CA VAL D 123 27.64 -18.92 17.67
C VAL D 123 29.13 -18.90 18.01
N GLY D 124 29.76 -20.05 18.23
CA GLY D 124 31.20 -20.10 18.54
C GLY D 124 32.03 -19.37 17.50
N ALA D 125 31.82 -19.68 16.23
CA ALA D 125 32.57 -19.03 15.12
C ALA D 125 32.22 -17.55 15.05
N THR D 126 30.97 -17.18 15.31
CA THR D 126 30.58 -15.73 15.32
C THR D 126 31.36 -15.02 16.42
N VAL D 127 31.44 -15.61 17.59
CA VAL D 127 32.16 -15.00 18.74
C VAL D 127 33.65 -14.89 18.39
N GLN D 128 34.23 -15.88 17.70
CA GLN D 128 35.66 -15.82 17.26
C GLN D 128 35.83 -14.65 16.29
N ALA D 129 34.88 -14.45 15.37
CA ALA D 129 34.95 -13.35 14.39
C ALA D 129 34.82 -12.00 15.13
N ILE D 130 33.93 -11.90 16.12
CA ILE D 130 33.78 -10.63 16.88
C ILE D 130 35.08 -10.36 17.65
N GLN D 131 35.70 -11.38 18.22
CA GLN D 131 37.01 -11.24 18.91
C GLN D 131 38.03 -10.69 17.92
N ALA D 132 38.04 -11.19 16.69
CA ALA D 132 38.97 -10.70 15.65
C ALA D 132 38.65 -9.24 15.32
N ILE D 133 37.38 -8.87 15.22
CA ILE D 133 37.00 -7.45 14.96
C ILE D 133 37.55 -6.60 16.12
N LYS D 134 37.40 -7.06 17.36
CA LYS D 134 37.89 -6.32 18.55
CA LYS D 134 37.89 -6.32 18.55
C LYS D 134 39.40 -6.09 18.43
N GLU D 135 40.15 -7.11 18.04
CA GLU D 135 41.63 -7.01 17.96
C GLU D 135 42.03 -6.06 16.83
N VAL D 136 41.39 -6.17 15.67
CA VAL D 136 41.73 -5.30 14.51
C VAL D 136 41.36 -3.85 14.86
N THR D 137 40.19 -3.65 15.47
CA THR D 137 39.75 -2.29 15.87
C THR D 137 40.77 -1.70 16.85
N ALA D 138 41.21 -2.47 17.84
CA ALA D 138 42.16 -2.00 18.88
C ALA D 138 43.47 -1.58 18.21
N SER D 139 43.91 -2.28 17.17
CA SER D 139 45.16 -1.96 16.44
CA SER D 139 45.17 -1.96 16.45
C SER D 139 45.06 -0.57 15.82
N LEU D 140 43.85 -0.14 15.42
CA LEU D 140 43.64 1.14 14.71
CA LEU D 140 43.63 1.14 14.71
C LEU D 140 43.36 2.29 15.70
N VAL D 141 42.59 2.04 16.76
CA VAL D 141 42.15 3.15 17.65
C VAL D 141 43.04 3.28 18.88
N GLY D 142 43.95 2.34 19.11
CA GLY D 142 44.88 2.32 20.25
C GLY D 142 44.31 1.50 21.38
N PRO D 143 45.15 1.05 22.33
CA PRO D 143 44.72 0.11 23.37
C PRO D 143 43.56 0.61 24.24
N ASP D 144 43.58 1.87 24.66
CA ASP D 144 42.54 2.41 25.57
C ASP D 144 41.18 2.45 24.87
N ALA D 145 41.11 3.02 23.67
CA ALA D 145 39.85 3.06 22.89
C ALA D 145 39.46 1.63 22.50
N GLY D 146 40.46 0.77 22.23
CA GLY D 146 40.20 -0.64 21.91
C GLY D 146 39.54 -1.36 23.07
N LYS D 147 39.93 -1.07 24.29
CA LYS D 147 39.32 -1.65 25.51
C LYS D 147 37.86 -1.19 25.59
N GLU D 148 37.59 0.10 25.36
CA GLU D 148 36.18 0.62 25.46
C GLU D 148 35.34 -0.03 24.34
N MET D 149 35.83 -0.08 23.12
CA MET D 149 35.12 -0.80 22.03
C MET D 149 34.91 -2.27 22.44
N GLY D 150 35.89 -2.88 23.09
CA GLY D 150 35.83 -4.28 23.55
C GLY D 150 34.68 -4.52 24.51
N VAL D 151 34.35 -3.53 25.34
CA VAL D 151 33.18 -3.65 26.26
C VAL D 151 31.93 -3.97 25.40
N TYR D 152 31.73 -3.26 24.31
CA TYR D 152 30.51 -3.38 23.47
C TYR D 152 30.60 -4.63 22.60
N PHE D 153 31.78 -4.97 22.06
CA PHE D 153 31.92 -6.25 21.32
C PHE D 153 31.60 -7.42 22.26
N ASP D 154 32.12 -7.40 23.48
CA ASP D 154 31.88 -8.47 24.48
C ASP D 154 30.39 -8.50 24.84
N TYR D 155 29.72 -7.35 24.90
CA TYR D 155 28.27 -7.25 25.21
C TYR D 155 27.46 -7.99 24.14
N ILE D 156 27.84 -7.78 22.88
CA ILE D 156 27.17 -8.48 21.73
C ILE D 156 27.46 -9.97 21.84
N CYS D 157 28.72 -10.36 22.03
CA CYS D 157 29.07 -11.80 22.11
C CYS D 157 28.31 -12.50 23.24
N SER D 158 28.27 -11.88 24.42
CA SER D 158 27.55 -12.43 25.60
C SER D 158 26.08 -12.59 25.26
N GLY D 159 25.51 -11.66 24.50
CA GLY D 159 24.10 -11.65 24.10
C GLY D 159 23.77 -12.79 23.16
N LEU D 160 24.77 -13.37 22.50
CA LEU D 160 24.58 -14.52 21.57
C LEU D 160 24.64 -15.84 22.33
N SER D 161 25.25 -15.84 23.52
CA SER D 161 25.68 -17.06 24.24
C SER D 161 24.64 -17.44 25.28
N SER E 1 15.18 -27.24 -10.95
CA SER E 1 15.17 -27.77 -12.32
C SER E 1 13.97 -27.21 -13.10
N ILE E 2 13.84 -27.54 -14.38
CA ILE E 2 12.65 -27.20 -15.21
C ILE E 2 11.39 -27.75 -14.53
N VAL E 3 11.50 -28.87 -13.83
CA VAL E 3 10.31 -29.47 -13.14
C VAL E 3 9.89 -28.54 -11.99
N THR E 4 10.81 -28.13 -11.14
CA THR E 4 10.50 -27.19 -10.04
C THR E 4 10.00 -25.86 -10.63
N LYS E 5 10.62 -25.31 -11.67
CA LYS E 5 10.21 -24.01 -12.24
C LYS E 5 8.75 -24.11 -12.71
N SER E 6 8.39 -25.22 -13.36
CA SER E 6 7.03 -25.45 -13.88
C SER E 6 6.04 -25.53 -12.70
N ILE E 7 6.41 -26.26 -11.65
CA ILE E 7 5.55 -26.40 -10.44
C ILE E 7 5.38 -25.04 -9.76
N VAL E 8 6.44 -24.27 -9.59
CA VAL E 8 6.38 -22.95 -8.92
C VAL E 8 5.46 -22.02 -9.72
N ASN E 9 5.57 -22.02 -11.04
CA ASN E 9 4.75 -21.18 -11.94
C ASN E 9 3.28 -21.59 -11.81
N ALA E 10 3.01 -22.90 -11.82
CA ALA E 10 1.62 -23.42 -11.71
C ALA E 10 1.05 -23.07 -10.32
N ASP E 11 1.84 -23.24 -9.28
CA ASP E 11 1.39 -22.98 -7.89
C ASP E 11 1.05 -21.49 -7.74
N ALA E 12 1.81 -20.60 -8.37
CA ALA E 12 1.57 -19.15 -8.30
C ALA E 12 0.21 -18.80 -8.88
N GLU E 13 -0.31 -19.63 -9.79
CA GLU E 13 -1.63 -19.45 -10.45
C GLU E 13 -2.65 -20.47 -9.91
N ALA E 14 -2.34 -21.15 -8.81
CA ALA E 14 -3.24 -22.08 -8.08
C ALA E 14 -3.81 -23.11 -9.05
N ARG E 15 -2.97 -23.66 -9.93
CA ARG E 15 -3.46 -24.52 -11.03
C ARG E 15 -2.58 -25.75 -11.19
N TYR E 16 -3.11 -26.76 -11.87
CA TYR E 16 -2.29 -27.88 -12.37
C TYR E 16 -1.35 -27.34 -13.45
N LEU E 17 -0.25 -28.05 -13.69
CA LEU E 17 0.63 -27.71 -14.83
C LEU E 17 -0.21 -27.65 -16.12
N SER E 18 0.16 -26.75 -17.02
CA SER E 18 -0.49 -26.60 -18.34
C SER E 18 -0.05 -27.76 -19.23
N PRO E 19 -0.82 -28.10 -20.28
CA PRO E 19 -0.35 -29.07 -21.26
C PRO E 19 1.06 -28.74 -21.79
N GLY E 20 1.33 -27.45 -22.02
CA GLY E 20 2.64 -26.99 -22.52
C GLY E 20 3.75 -27.27 -21.52
N GLU E 21 3.51 -27.06 -20.23
CA GLU E 21 4.51 -27.32 -19.16
C GLU E 21 4.76 -28.82 -19.08
N LEU E 22 3.72 -29.65 -19.17
CA LEU E 22 3.88 -31.11 -19.10
C LEU E 22 4.67 -31.59 -20.34
N ASP E 23 4.38 -31.02 -21.50
CA ASP E 23 5.11 -31.36 -22.75
CA ASP E 23 5.11 -31.36 -22.75
C ASP E 23 6.59 -31.00 -22.62
N ARG E 24 6.89 -29.85 -22.00
CA ARG E 24 8.28 -29.37 -21.80
C ARG E 24 9.00 -30.34 -20.87
N ILE E 25 8.33 -30.89 -19.86
CA ILE E 25 8.96 -31.89 -18.94
C ILE E 25 9.26 -33.16 -19.75
N LYS E 26 8.32 -33.60 -20.59
CA LYS E 26 8.54 -34.82 -21.41
C LYS E 26 9.75 -34.61 -22.33
N SER E 27 9.84 -33.47 -22.99
CA SER E 27 10.94 -33.13 -23.93
C SER E 27 12.25 -33.03 -23.14
N PHE E 28 12.21 -32.44 -21.95
CA PHE E 28 13.38 -32.30 -21.04
C PHE E 28 13.92 -33.68 -20.70
N VAL E 29 13.08 -34.60 -20.24
CA VAL E 29 13.60 -35.93 -19.81
C VAL E 29 14.04 -36.75 -21.03
N SER E 30 13.41 -36.60 -22.20
CA SER E 30 13.85 -37.33 -23.43
C SER E 30 15.23 -36.85 -23.86
N GLY E 31 15.58 -35.59 -23.61
CA GLY E 31 16.89 -34.99 -23.95
C GLY E 31 17.89 -35.13 -22.80
N GLY E 32 17.52 -35.77 -21.70
CA GLY E 32 18.33 -35.86 -20.48
C GLY E 32 19.69 -36.48 -20.75
N ALA E 33 19.75 -37.57 -21.52
CA ALA E 33 21.01 -38.27 -21.84
C ALA E 33 21.99 -37.28 -22.48
N GLN E 34 21.51 -36.43 -23.40
CA GLN E 34 22.35 -35.44 -24.12
C GLN E 34 22.86 -34.38 -23.12
N ARG E 35 22.00 -33.90 -22.23
CA ARG E 35 22.42 -32.93 -21.18
CA ARG E 35 22.41 -32.93 -21.18
C ARG E 35 23.51 -33.55 -20.28
N LEU E 36 23.33 -34.81 -19.90
CA LEU E 36 24.31 -35.48 -19.01
C LEU E 36 25.64 -35.60 -19.75
N ARG E 37 25.63 -35.84 -21.07
CA ARG E 37 26.88 -35.93 -21.85
CA ARG E 37 26.88 -35.93 -21.88
CA ARG E 37 26.87 -35.92 -21.87
C ARG E 37 27.57 -34.56 -21.90
N ILE E 38 26.81 -33.48 -22.03
CA ILE E 38 27.42 -32.11 -22.01
C ILE E 38 28.10 -31.92 -20.64
N ALA E 39 27.39 -32.20 -19.55
CA ALA E 39 27.95 -32.05 -18.20
C ALA E 39 29.21 -32.92 -18.07
N GLN E 40 29.21 -34.12 -18.63
CA GLN E 40 30.37 -35.05 -18.52
C GLN E 40 31.60 -34.48 -19.26
N VAL E 41 31.40 -33.85 -20.43
CA VAL E 41 32.53 -33.26 -21.21
C VAL E 41 33.14 -32.14 -20.37
N LEU E 42 32.31 -31.29 -19.78
CA LEU E 42 32.87 -30.16 -18.98
C LEU E 42 33.60 -30.74 -17.75
N THR E 43 33.01 -31.74 -17.10
CA THR E 43 33.59 -32.38 -15.90
C THR E 43 34.94 -32.98 -16.25
N ASP E 44 34.99 -33.76 -17.34
CA ASP E 44 36.19 -34.52 -17.70
C ASP E 44 37.32 -33.57 -18.09
N ASN E 45 36.99 -32.39 -18.61
CA ASN E 45 37.99 -31.42 -19.11
C ASN E 45 38.14 -30.24 -18.14
N ARG E 46 37.72 -30.38 -16.90
CA ARG E 46 37.62 -29.20 -15.99
CA ARG E 46 37.62 -29.21 -15.98
C ARG E 46 39.00 -28.60 -15.75
N GLU E 47 40.06 -29.40 -15.62
CA GLU E 47 41.42 -28.85 -15.32
CA GLU E 47 41.42 -28.85 -15.32
CA GLU E 47 41.40 -28.82 -15.31
C GLU E 47 41.86 -27.95 -16.48
N ARG E 48 41.73 -28.43 -17.71
CA ARG E 48 42.18 -27.68 -18.92
CA ARG E 48 42.18 -27.67 -18.91
C ARG E 48 41.28 -26.46 -19.15
N ILE E 49 39.96 -26.58 -18.92
CA ILE E 49 39.04 -25.44 -19.15
C ILE E 49 39.45 -24.32 -18.19
N VAL E 50 39.64 -24.65 -16.92
CA VAL E 50 39.94 -23.61 -15.89
C VAL E 50 41.36 -23.05 -16.14
N LYS E 51 42.34 -23.91 -16.43
CA LYS E 51 43.75 -23.46 -16.62
CA LYS E 51 43.75 -23.46 -16.62
C LYS E 51 43.81 -22.50 -17.81
N GLN E 52 43.23 -22.89 -18.94
CA GLN E 52 43.28 -22.07 -20.19
CA GLN E 52 43.32 -22.06 -20.16
C GLN E 52 42.49 -20.78 -19.99
N ALA E 53 41.36 -20.86 -19.31
CA ALA E 53 40.51 -19.66 -19.07
C ALA E 53 41.32 -18.69 -18.20
N GLY E 54 41.99 -19.20 -17.16
CA GLY E 54 42.83 -18.36 -16.29
C GLY E 54 43.90 -17.65 -17.11
N ASP E 55 44.61 -18.38 -17.97
CA ASP E 55 45.69 -17.78 -18.79
C ASP E 55 45.10 -16.66 -19.67
N GLN E 56 43.95 -16.89 -20.30
CA GLN E 56 43.30 -15.89 -21.18
C GLN E 56 42.94 -14.66 -20.33
N LEU E 57 42.34 -14.89 -19.16
CA LEU E 57 41.95 -13.78 -18.28
C LEU E 57 43.18 -12.96 -17.88
N PHE E 58 44.24 -13.60 -17.46
CA PHE E 58 45.42 -12.88 -16.92
C PHE E 58 46.13 -12.14 -18.04
N GLN E 59 45.97 -12.53 -19.31
CA GLN E 59 46.51 -11.74 -20.43
C GLN E 59 45.68 -10.44 -20.60
N LYS E 60 44.36 -10.52 -20.46
CA LYS E 60 43.43 -9.37 -20.63
C LYS E 60 43.46 -8.48 -19.39
N ARG E 61 43.68 -9.07 -18.22
CA ARG E 61 43.63 -8.38 -16.91
C ARG E 61 44.93 -8.63 -16.15
N PRO E 62 46.08 -8.14 -16.68
CA PRO E 62 47.36 -8.39 -16.01
C PRO E 62 47.43 -7.72 -14.63
N ASP E 63 46.57 -6.74 -14.40
CA ASP E 63 46.52 -6.01 -13.10
C ASP E 63 46.26 -7.00 -11.97
N VAL E 64 45.41 -8.02 -12.18
CA VAL E 64 44.98 -8.86 -11.04
C VAL E 64 46.12 -9.80 -10.62
N VAL E 65 47.11 -10.03 -11.49
CA VAL E 65 48.27 -10.92 -11.16
C VAL E 65 49.57 -10.09 -11.10
N SER E 66 49.43 -8.78 -11.02
CA SER E 66 50.56 -7.83 -10.89
C SER E 66 50.62 -7.40 -9.43
N PRO E 67 51.76 -6.85 -8.96
CA PRO E 67 51.85 -6.34 -7.58
C PRO E 67 50.63 -5.47 -7.23
N GLY E 68 50.05 -5.71 -6.05
CA GLY E 68 48.86 -5.00 -5.56
C GLY E 68 47.57 -5.64 -6.03
N GLY E 69 47.65 -6.56 -6.97
CA GLY E 69 46.47 -7.21 -7.56
C GLY E 69 45.92 -8.29 -6.64
N ASN E 70 44.63 -8.53 -6.73
CA ASN E 70 43.91 -9.47 -5.84
C ASN E 70 44.48 -10.89 -5.95
N ALA E 71 44.93 -11.28 -7.15
CA ALA E 71 45.41 -12.65 -7.44
C ALA E 71 46.94 -12.69 -7.53
N TYR E 72 47.64 -11.67 -7.01
CA TYR E 72 49.12 -11.60 -7.12
C TYR E 72 49.76 -12.75 -6.36
N GLY E 73 50.66 -13.47 -7.02
CA GLY E 73 51.42 -14.58 -6.42
C GLY E 73 50.77 -15.94 -6.60
N GLN E 74 51.55 -16.99 -6.35
CA GLN E 74 51.18 -18.39 -6.71
C GLN E 74 49.91 -18.77 -5.92
N GLU E 75 49.88 -18.51 -4.62
CA GLU E 75 48.76 -18.98 -3.75
C GLU E 75 47.47 -18.25 -4.15
N MET E 76 47.50 -16.94 -4.33
CA MET E 76 46.29 -16.16 -4.67
CA MET E 76 46.29 -16.17 -4.68
C MET E 76 45.82 -16.55 -6.09
N THR E 77 46.74 -16.75 -7.02
CA THR E 77 46.38 -17.19 -8.38
C THR E 77 45.68 -18.57 -8.30
N ALA E 78 46.18 -19.49 -7.49
CA ALA E 78 45.55 -20.82 -7.31
C ALA E 78 44.14 -20.64 -6.74
N THR E 79 43.94 -19.71 -5.80
CA THR E 79 42.59 -19.48 -5.24
C THR E 79 41.66 -18.93 -6.32
N CYS E 80 42.18 -18.06 -7.18
CA CYS E 80 41.39 -17.52 -8.32
C CYS E 80 40.93 -18.71 -9.21
N LEU E 81 41.83 -19.61 -9.56
CA LEU E 81 41.43 -20.78 -10.39
C LEU E 81 40.45 -21.66 -9.62
N ARG E 82 40.60 -21.77 -8.30
CA ARG E 82 39.62 -22.52 -7.45
C ARG E 82 38.23 -21.93 -7.66
N ASP E 83 38.10 -20.61 -7.65
CA ASP E 83 36.80 -19.96 -7.87
C ASP E 83 36.27 -20.25 -9.28
N LEU E 84 37.13 -20.21 -10.30
CA LEU E 84 36.63 -20.52 -11.67
C LEU E 84 36.14 -21.98 -11.70
N ASP E 85 36.82 -22.87 -11.01
CA ASP E 85 36.40 -24.29 -10.94
C ASP E 85 35.05 -24.37 -10.22
N TYR E 86 34.83 -23.60 -9.16
CA TYR E 86 33.48 -23.55 -8.52
C TYR E 86 32.44 -23.18 -9.58
N TYR E 87 32.66 -22.12 -10.36
CA TYR E 87 31.66 -21.64 -11.34
C TYR E 87 31.45 -22.69 -12.45
N LEU E 88 32.52 -23.35 -12.89
CA LEU E 88 32.33 -24.42 -13.92
C LEU E 88 31.45 -25.53 -13.34
N ARG E 89 31.70 -25.92 -12.10
CA ARG E 89 30.88 -26.94 -11.40
C ARG E 89 29.41 -26.48 -11.41
N LEU E 90 29.16 -25.23 -11.03
CA LEU E 90 27.77 -24.73 -10.98
C LEU E 90 27.15 -24.74 -12.38
N VAL E 91 27.92 -24.40 -13.41
CA VAL E 91 27.39 -24.42 -14.80
C VAL E 91 26.96 -25.86 -15.14
N THR E 92 27.72 -26.87 -14.74
CA THR E 92 27.31 -28.27 -15.02
C THR E 92 25.99 -28.57 -14.31
N TYR E 93 25.77 -28.04 -13.10
CA TYR E 93 24.51 -28.29 -12.38
C TYR E 93 23.35 -27.65 -13.16
N GLY E 94 23.53 -26.41 -13.65
CA GLY E 94 22.47 -25.75 -14.41
C GLY E 94 22.11 -26.51 -15.67
N ILE E 95 23.14 -27.00 -16.37
CA ILE E 95 22.93 -27.78 -17.62
C ILE E 95 22.10 -29.02 -17.34
N VAL E 96 22.42 -29.78 -16.28
CA VAL E 96 21.64 -31.04 -16.02
C VAL E 96 20.23 -30.67 -15.54
N ALA E 97 20.05 -29.55 -14.85
CA ALA E 97 18.74 -29.16 -14.29
C ALA E 97 17.85 -28.53 -15.36
N GLY E 98 18.43 -28.04 -16.46
CA GLY E 98 17.68 -27.23 -17.46
C GLY E 98 17.20 -25.90 -16.87
N ASP E 99 17.88 -25.38 -15.84
CA ASP E 99 17.39 -24.17 -15.12
C ASP E 99 18.57 -23.52 -14.40
N VAL E 100 18.55 -22.20 -14.26
CA VAL E 100 19.70 -21.47 -13.66
C VAL E 100 19.55 -21.42 -12.14
N THR E 101 18.40 -21.82 -11.56
CA THR E 101 18.18 -21.59 -10.11
C THR E 101 19.30 -22.22 -9.27
N PRO E 102 19.81 -23.45 -9.54
CA PRO E 102 20.89 -23.99 -8.71
C PRO E 102 22.13 -23.08 -8.73
N ILE E 103 22.43 -22.51 -9.89
CA ILE E 103 23.58 -21.58 -10.02
C ILE E 103 23.30 -20.33 -9.17
N GLU E 104 22.10 -19.78 -9.34
CA GLU E 104 21.71 -18.54 -8.63
C GLU E 104 21.87 -18.74 -7.12
N GLU E 105 21.31 -19.83 -6.59
CA GLU E 105 21.21 -20.07 -5.14
C GLU E 105 22.58 -20.34 -4.53
N ILE E 106 23.54 -20.91 -5.27
CA ILE E 106 24.86 -21.28 -4.71
C ILE E 106 25.85 -20.11 -4.93
N GLY E 107 25.85 -19.52 -6.14
CA GLY E 107 26.99 -18.68 -6.57
C GLY E 107 26.65 -17.27 -6.99
N ILE E 108 25.38 -16.84 -6.99
CA ILE E 108 25.04 -15.49 -7.50
C ILE E 108 24.48 -14.59 -6.39
N VAL E 109 23.56 -15.06 -5.57
CA VAL E 109 22.98 -14.17 -4.54
C VAL E 109 24.12 -13.68 -3.64
N GLY E 110 24.29 -12.34 -3.50
CA GLY E 110 25.33 -11.78 -2.63
C GLY E 110 26.72 -11.79 -3.25
N VAL E 111 26.87 -12.21 -4.51
CA VAL E 111 28.23 -12.38 -5.08
C VAL E 111 28.98 -11.03 -5.10
N ARG E 112 28.33 -9.94 -5.44
CA ARG E 112 29.00 -8.61 -5.49
CA ARG E 112 29.00 -8.61 -5.49
C ARG E 112 29.50 -8.23 -4.10
N GLU E 113 28.72 -8.50 -3.07
CA GLU E 113 29.10 -8.15 -1.68
C GLU E 113 30.31 -8.98 -1.26
N MET E 114 30.32 -10.27 -1.58
CA MET E 114 31.45 -11.17 -1.22
C MET E 114 32.73 -10.64 -1.90
N TYR E 115 32.70 -10.47 -3.23
CA TYR E 115 33.94 -10.09 -3.94
C TYR E 115 34.33 -8.65 -3.56
N LYS E 116 33.40 -7.74 -3.32
CA LYS E 116 33.74 -6.37 -2.87
C LYS E 116 34.54 -6.45 -1.58
N SER E 117 34.08 -7.26 -0.62
CA SER E 117 34.76 -7.41 0.69
C SER E 117 36.18 -7.94 0.48
N LEU E 118 36.33 -8.93 -0.39
CA LEU E 118 37.64 -9.58 -0.68
C LEU E 118 38.56 -8.65 -1.48
N GLY E 119 38.02 -7.63 -2.15
CA GLY E 119 38.79 -6.73 -3.03
C GLY E 119 39.00 -7.32 -4.41
N THR E 120 38.22 -8.34 -4.77
CA THR E 120 38.32 -9.00 -6.08
C THR E 120 37.49 -8.21 -7.09
N PRO E 121 38.06 -7.80 -8.24
CA PRO E 121 37.27 -7.09 -9.26
C PRO E 121 36.30 -8.06 -9.93
N ILE E 122 35.00 -7.90 -9.67
CA ILE E 122 34.02 -8.90 -10.14
C ILE E 122 33.94 -8.90 -11.68
N ASP E 123 34.27 -7.79 -12.37
CA ASP E 123 34.29 -7.75 -13.86
CA ASP E 123 34.28 -7.76 -13.86
C ASP E 123 35.35 -8.74 -14.36
N ALA E 124 36.44 -8.93 -13.61
CA ALA E 124 37.51 -9.88 -13.99
C ALA E 124 37.04 -11.32 -13.71
N VAL E 125 36.28 -11.54 -12.66
CA VAL E 125 35.66 -12.89 -12.41
C VAL E 125 34.77 -13.20 -13.61
N ALA E 126 33.93 -12.27 -14.02
CA ALA E 126 33.02 -12.45 -15.18
C ALA E 126 33.85 -12.76 -16.43
N GLY E 127 34.98 -12.08 -16.61
CA GLY E 127 35.87 -12.33 -17.75
C GLY E 127 36.41 -13.75 -17.73
N GLY E 128 36.75 -14.26 -16.54
CA GLY E 128 37.23 -15.65 -16.38
C GLY E 128 36.16 -16.62 -16.76
N VAL E 129 34.91 -16.37 -16.38
CA VAL E 129 33.79 -17.27 -16.74
C VAL E 129 33.56 -17.20 -18.26
N ALA E 130 33.60 -16.02 -18.85
CA ALA E 130 33.45 -15.85 -20.31
C ALA E 130 34.58 -16.62 -21.02
N ALA E 131 35.80 -16.63 -20.46
CA ALA E 131 36.94 -17.36 -21.06
C ALA E 131 36.67 -18.86 -20.97
N MET E 132 36.10 -19.34 -19.86
CA MET E 132 35.76 -20.78 -19.73
C MET E 132 34.74 -21.15 -20.81
N LYS E 133 33.78 -20.29 -21.08
CA LYS E 133 32.74 -20.56 -22.11
C LYS E 133 33.45 -20.84 -23.44
N SER E 134 34.41 -19.97 -23.79
CA SER E 134 35.09 -20.00 -25.11
C SER E 134 35.95 -21.26 -25.18
N VAL E 135 36.62 -21.64 -24.10
CA VAL E 135 37.47 -22.87 -24.09
C VAL E 135 36.58 -24.12 -24.18
N ALA E 136 35.51 -24.17 -23.40
CA ALA E 136 34.58 -25.32 -23.35
C ALA E 136 33.94 -25.52 -24.73
N ALA E 137 33.62 -24.42 -25.43
CA ALA E 137 32.82 -24.46 -26.67
C ALA E 137 33.50 -25.37 -27.71
N GLY E 138 34.84 -25.37 -27.72
CA GLY E 138 35.63 -26.16 -28.66
C GLY E 138 35.52 -27.66 -28.43
N LEU E 139 34.99 -28.09 -27.30
CA LEU E 139 34.87 -29.52 -26.89
C LEU E 139 33.45 -30.03 -27.17
N LEU E 140 32.57 -29.19 -27.70
CA LEU E 140 31.12 -29.47 -27.83
C LEU E 140 30.68 -29.25 -29.28
N SER E 141 29.65 -29.99 -29.70
CA SER E 141 28.92 -29.75 -30.98
C SER E 141 28.37 -28.34 -30.95
N ALA E 142 28.02 -27.77 -32.10
CA ALA E 142 27.40 -26.43 -32.21
C ALA E 142 26.14 -26.39 -31.33
N GLU E 143 25.30 -27.44 -31.40
CA GLU E 143 24.03 -27.53 -30.62
C GLU E 143 24.36 -27.54 -29.12
N ASP E 144 25.29 -28.40 -28.70
CA ASP E 144 25.64 -28.56 -27.26
C ASP E 144 26.34 -27.30 -26.75
N ALA E 145 27.15 -26.62 -27.57
CA ALA E 145 27.82 -25.36 -27.20
C ALA E 145 26.76 -24.27 -27.00
N GLY E 146 25.71 -24.27 -27.82
CA GLY E 146 24.59 -23.33 -27.68
C GLY E 146 23.92 -23.50 -26.32
N GLU E 147 23.68 -24.76 -25.93
CA GLU E 147 23.01 -25.09 -24.65
CA GLU E 147 23.01 -25.09 -24.65
C GLU E 147 23.93 -24.69 -23.49
N ALA E 148 25.18 -25.16 -23.48
CA ALA E 148 26.12 -24.87 -22.38
C ALA E 148 26.33 -23.37 -22.30
N GLY E 149 26.43 -22.70 -23.44
CA GLY E 149 26.70 -21.26 -23.54
C GLY E 149 25.69 -20.42 -22.77
N ALA E 150 24.42 -20.80 -22.78
CA ALA E 150 23.33 -20.07 -22.10
C ALA E 150 23.65 -20.01 -20.60
N TYR E 151 24.21 -21.06 -20.03
CA TYR E 151 24.50 -21.15 -18.57
C TYR E 151 25.73 -20.32 -18.25
N PHE E 152 26.79 -20.38 -19.06
CA PHE E 152 27.94 -19.47 -18.88
C PHE E 152 27.46 -18.02 -19.02
N ASP E 153 26.61 -17.72 -20.01
CA ASP E 153 26.11 -16.34 -20.26
C ASP E 153 25.32 -15.88 -19.03
N TYR E 154 24.53 -16.76 -18.43
CA TYR E 154 23.73 -16.42 -17.23
C TYR E 154 24.70 -15.91 -16.14
N VAL E 155 25.79 -16.65 -15.89
CA VAL E 155 26.74 -16.31 -14.82
C VAL E 155 27.38 -14.96 -15.15
N VAL E 156 27.88 -14.79 -16.36
CA VAL E 156 28.56 -13.54 -16.79
C VAL E 156 27.59 -12.36 -16.58
N GLY E 157 26.36 -12.48 -17.04
CA GLY E 157 25.38 -11.38 -16.96
C GLY E 157 24.98 -11.10 -15.50
N ALA E 158 24.97 -12.11 -14.65
CA ALA E 158 24.55 -11.97 -13.23
C ALA E 158 25.65 -11.30 -12.42
N MET E 159 26.86 -11.23 -12.96
CA MET E 159 28.01 -10.56 -12.28
C MET E 159 28.22 -9.13 -12.78
N GLN E 160 27.48 -8.70 -13.80
CA GLN E 160 27.52 -7.39 -14.49
C GLN E 160 26.43 -6.49 -13.90
N MET F 1 11.62 -25.45 -2.63
CA MET F 1 11.40 -26.91 -2.77
C MET F 1 12.59 -27.53 -3.50
N GLN F 2 12.76 -28.84 -3.36
CA GLN F 2 13.68 -29.63 -4.21
C GLN F 2 12.88 -30.67 -5.00
N ASP F 3 13.37 -31.01 -6.16
CA ASP F 3 12.90 -32.16 -6.97
C ASP F 3 14.00 -33.23 -6.96
N ALA F 4 13.76 -34.35 -7.61
CA ALA F 4 14.73 -35.47 -7.64
C ALA F 4 16.06 -35.01 -8.27
N ILE F 5 16.03 -34.06 -9.20
CA ILE F 5 17.27 -33.55 -9.85
C ILE F 5 18.03 -32.66 -8.85
N THR F 6 17.33 -31.71 -8.24
CA THR F 6 18.00 -30.74 -7.33
C THR F 6 18.45 -31.45 -6.06
N SER F 7 17.80 -32.53 -5.63
CA SER F 7 18.26 -33.34 -4.47
C SER F 7 19.67 -33.87 -4.75
N VAL F 8 19.88 -34.35 -5.98
CA VAL F 8 21.21 -34.90 -6.37
C VAL F 8 22.21 -33.75 -6.43
N ILE F 9 21.86 -32.66 -7.09
CA ILE F 9 22.76 -31.47 -7.19
C ILE F 9 23.13 -31.04 -5.76
N ASN F 10 22.17 -30.96 -4.85
CA ASN F 10 22.43 -30.42 -3.49
C ASN F 10 23.39 -31.36 -2.77
N SER F 11 23.22 -32.68 -2.90
CA SER F 11 24.08 -33.65 -2.20
C SER F 11 25.50 -33.58 -2.77
N SER F 12 25.65 -33.32 -4.06
CA SER F 12 26.99 -33.15 -4.69
C SER F 12 27.59 -31.81 -4.23
N ASP F 13 26.80 -30.76 -4.20
CA ASP F 13 27.28 -29.40 -3.86
C ASP F 13 27.80 -29.37 -2.42
N VAL F 14 27.13 -30.02 -1.47
CA VAL F 14 27.59 -29.99 -0.05
C VAL F 14 28.97 -30.65 0.06
N GLN F 15 29.33 -31.52 -0.88
CA GLN F 15 30.66 -32.18 -0.92
C GLN F 15 31.64 -31.38 -1.79
N GLY F 16 31.17 -30.35 -2.49
CA GLY F 16 31.99 -29.61 -3.48
C GLY F 16 32.35 -30.43 -4.70
N LYS F 17 31.50 -31.36 -5.08
CA LYS F 17 31.80 -32.36 -6.14
C LYS F 17 31.02 -32.08 -7.41
N TYR F 18 31.69 -32.24 -8.54
CA TYR F 18 31.00 -32.44 -9.82
C TYR F 18 30.19 -33.74 -9.71
N LEU F 19 29.13 -33.81 -10.50
CA LEU F 19 28.29 -35.02 -10.57
C LEU F 19 29.17 -36.19 -11.04
N ASP F 20 29.26 -37.23 -10.21
CA ASP F 20 30.03 -38.45 -10.52
C ASP F 20 29.10 -39.47 -11.20
N ASN F 21 29.65 -40.64 -11.53
CA ASN F 21 28.87 -41.66 -12.27
C ASN F 21 27.59 -42.00 -11.49
N ALA F 22 27.67 -42.21 -10.18
CA ALA F 22 26.51 -42.59 -9.35
C ALA F 22 25.45 -41.48 -9.41
N ALA F 23 25.85 -40.21 -9.33
CA ALA F 23 24.91 -39.06 -9.37
C ALA F 23 24.24 -39.00 -10.74
N LEU F 24 25.01 -39.19 -11.81
CA LEU F 24 24.44 -39.13 -13.18
C LEU F 24 23.44 -40.29 -13.36
N GLU F 25 23.73 -41.45 -12.79
CA GLU F 25 22.82 -42.63 -12.87
C GLU F 25 21.54 -42.32 -12.10
N LYS F 26 21.58 -41.60 -10.98
CA LYS F 26 20.34 -41.21 -10.25
C LYS F 26 19.53 -40.27 -11.13
N LEU F 27 20.19 -39.33 -11.82
CA LEU F 27 19.45 -38.42 -12.74
C LEU F 27 18.81 -39.23 -13.86
N LYS F 28 19.56 -40.15 -14.47
CA LYS F 28 19.00 -41.02 -15.53
C LYS F 28 17.76 -41.78 -15.00
N GLY F 29 17.80 -42.25 -13.76
CA GLY F 29 16.70 -42.97 -13.10
C GLY F 29 15.45 -42.10 -13.05
N TYR F 30 15.62 -40.80 -12.73
CA TYR F 30 14.46 -39.86 -12.71
C TYR F 30 13.97 -39.63 -14.15
N PHE F 31 14.88 -39.36 -15.10
CA PHE F 31 14.46 -39.04 -16.48
C PHE F 31 13.66 -40.22 -17.06
N ALA F 32 14.04 -41.45 -16.71
CA ALA F 32 13.38 -42.68 -17.20
C ALA F 32 11.95 -42.80 -16.68
N THR F 33 11.57 -42.06 -15.63
CA THR F 33 10.20 -42.07 -15.04
C THR F 33 9.38 -40.82 -15.42
N GLY F 34 10.01 -39.81 -16.01
CA GLY F 34 9.38 -38.52 -16.25
C GLY F 34 8.09 -38.66 -17.03
N GLU F 35 8.09 -39.47 -18.10
CA GLU F 35 6.89 -39.58 -18.95
C GLU F 35 5.77 -40.25 -18.13
N LEU F 36 6.10 -41.24 -17.30
CA LEU F 36 5.09 -41.94 -16.48
C LEU F 36 4.48 -40.95 -15.47
N ARG F 37 5.30 -40.05 -14.93
CA ARG F 37 4.83 -39.06 -13.94
C ARG F 37 3.89 -38.09 -14.66
N VAL F 38 4.28 -37.65 -15.85
CA VAL F 38 3.45 -36.69 -16.64
C VAL F 38 2.13 -37.38 -16.98
N ARG F 39 2.15 -38.64 -17.39
CA ARG F 39 0.93 -39.40 -17.76
C ARG F 39 -0.02 -39.40 -16.54
N ALA F 40 0.49 -39.74 -15.36
CA ALA F 40 -0.34 -39.77 -14.15
C ALA F 40 -0.89 -38.37 -13.85
N ALA F 41 -0.06 -37.33 -13.94
CA ALA F 41 -0.47 -35.94 -13.63
C ALA F 41 -1.56 -35.50 -14.61
N THR F 42 -1.45 -35.88 -15.88
CA THR F 42 -2.43 -35.53 -16.93
C THR F 42 -3.78 -36.13 -16.55
N THR F 43 -3.79 -37.41 -16.18
CA THR F 43 -5.04 -38.12 -15.79
C THR F 43 -5.62 -37.48 -14.53
N ILE F 44 -4.82 -37.17 -13.54
CA ILE F 44 -5.34 -36.58 -12.27
C ILE F 44 -5.97 -35.22 -12.59
N SER F 45 -5.26 -34.36 -13.34
CA SER F 45 -5.76 -33.02 -13.70
C SER F 45 -7.14 -33.13 -14.37
N ALA F 46 -7.30 -34.07 -15.28
CA ALA F 46 -8.54 -34.22 -16.08
C ALA F 46 -9.69 -34.68 -15.20
N ASN F 47 -9.39 -35.28 -14.04
CA ASN F 47 -10.39 -35.94 -13.16
C ASN F 47 -10.37 -35.31 -11.75
N ALA F 48 -9.79 -34.13 -11.56
CA ALA F 48 -9.51 -33.62 -10.20
C ALA F 48 -10.81 -33.43 -9.41
N ALA F 49 -11.82 -32.80 -10.02
CA ALA F 49 -13.11 -32.57 -9.33
C ALA F 49 -13.79 -33.90 -9.01
N ALA F 50 -13.74 -34.86 -9.94
CA ALA F 50 -14.39 -36.17 -9.78
C ALA F 50 -13.72 -36.97 -8.66
N ILE F 51 -12.39 -36.87 -8.55
CA ILE F 51 -11.66 -37.60 -7.48
C ILE F 51 -12.15 -37.09 -6.11
N VAL F 52 -12.17 -35.78 -5.95
CA VAL F 52 -12.59 -35.18 -4.65
C VAL F 52 -14.06 -35.54 -4.39
N LYS F 53 -14.92 -35.41 -5.39
CA LYS F 53 -16.36 -35.75 -5.24
C LYS F 53 -16.51 -37.17 -4.69
N GLU F 54 -15.84 -38.14 -5.31
CA GLU F 54 -16.00 -39.57 -4.92
C GLU F 54 -15.42 -39.76 -3.51
N ALA F 55 -14.28 -39.15 -3.20
CA ALA F 55 -13.65 -39.31 -1.88
C ALA F 55 -14.60 -38.76 -0.80
N VAL F 56 -15.19 -37.61 -1.06
CA VAL F 56 -16.11 -36.96 -0.07
C VAL F 56 -17.33 -37.87 0.12
N ALA F 57 -17.87 -38.40 -0.97
CA ALA F 57 -19.07 -39.26 -0.90
C ALA F 57 -18.75 -40.50 -0.06
N LYS F 58 -17.54 -41.04 -0.16
CA LYS F 58 -17.13 -42.30 0.51
C LYS F 58 -16.86 -42.06 2.00
N SER F 59 -16.37 -40.87 2.38
CA SER F 59 -15.73 -40.69 3.70
C SER F 59 -16.46 -39.67 4.60
N LEU F 60 -17.22 -38.73 4.05
CA LEU F 60 -17.71 -37.56 4.84
C LEU F 60 -19.22 -37.41 4.76
N LEU F 61 -19.86 -37.63 3.60
CA LEU F 61 -21.28 -37.26 3.43
C LEU F 61 -22.22 -38.09 4.33
N TYR F 62 -23.38 -37.52 4.62
CA TYR F 62 -24.49 -38.21 5.34
C TYR F 62 -23.99 -38.67 6.71
N SER F 63 -23.27 -37.79 7.39
CA SER F 63 -22.71 -38.07 8.71
C SER F 63 -22.95 -36.85 9.60
N ASP F 64 -22.58 -36.98 10.86
CA ASP F 64 -22.69 -35.86 11.82
C ASP F 64 -21.86 -34.67 11.32
N ILE F 65 -20.83 -34.92 10.53
CA ILE F 65 -19.88 -33.85 10.12
C ILE F 65 -20.59 -32.86 9.20
N THR F 66 -21.53 -33.27 8.37
CA THR F 66 -22.21 -32.37 7.41
C THR F 66 -23.50 -31.79 7.99
N ARG F 67 -23.99 -32.34 9.10
CA ARG F 67 -25.24 -31.87 9.75
C ARG F 67 -24.93 -30.72 10.69
N PRO F 68 -25.95 -29.92 11.08
CA PRO F 68 -25.75 -28.88 12.10
C PRO F 68 -24.96 -29.43 13.31
N GLY F 69 -23.93 -28.71 13.75
CA GLY F 69 -23.04 -29.15 14.84
C GLY F 69 -21.76 -29.77 14.30
N GLY F 70 -21.73 -30.11 13.02
CA GLY F 70 -20.54 -30.72 12.42
C GLY F 70 -19.68 -29.68 11.73
N MEN F 71 -18.40 -30.04 11.54
CA MEN F 71 -17.47 -29.05 11.01
C MEN F 71 -17.62 -28.73 9.52
O MEN F 71 -17.02 -27.78 9.05
CB MEN F 71 -16.02 -29.44 11.32
CG MEN F 71 -15.08 -28.28 11.20
OD1 MEN F 71 -14.18 -28.27 10.38
ND2 MEN F 71 -15.25 -27.26 12.05
CE2 MEN F 71 -14.37 -26.09 12.07
N MET F 72 -18.40 -29.55 8.78
CA MET F 72 -18.67 -29.26 7.38
C MET F 72 -20.06 -28.66 7.20
N TYR F 73 -20.77 -28.37 8.30
CA TYR F 73 -22.04 -27.64 8.21
C TYR F 73 -21.79 -26.17 7.87
N THR F 74 -22.73 -25.60 7.12
CA THR F 74 -22.72 -24.30 6.42
C THR F 74 -22.00 -24.48 5.08
N THR F 75 -22.50 -23.81 4.06
CA THR F 75 -21.89 -23.89 2.70
C THR F 75 -20.44 -23.40 2.78
N ARG F 76 -20.13 -22.42 3.63
CA ARG F 76 -18.76 -21.88 3.70
C ARG F 76 -17.80 -22.99 4.15
N ARG F 77 -18.18 -23.77 5.17
N ARG F 77 -18.18 -23.77 5.17
CA ARG F 77 -17.30 -24.82 5.72
CA ARG F 77 -17.30 -24.82 5.72
C ARG F 77 -17.26 -26.00 4.74
C ARG F 77 -17.26 -26.00 4.74
N TYR F 78 -18.38 -26.34 4.12
CA TYR F 78 -18.38 -27.45 3.13
C TYR F 78 -17.36 -27.06 2.04
N ALA F 79 -17.46 -25.84 1.52
CA ALA F 79 -16.60 -25.36 0.43
C ALA F 79 -15.14 -25.33 0.90
N ALA F 80 -14.86 -24.87 2.13
CA ALA F 80 -13.49 -24.80 2.65
C ALA F 80 -12.91 -26.22 2.70
N CYS F 81 -13.69 -27.19 3.12
CA CYS F 81 -13.20 -28.58 3.25
C CYS F 81 -12.87 -29.14 1.85
N ILE F 82 -13.76 -28.98 0.88
CA ILE F 82 -13.46 -29.55 -0.46
C ILE F 82 -12.31 -28.75 -1.08
N ARG F 83 -12.16 -27.47 -0.78
CA ARG F 83 -10.98 -26.67 -1.21
C ARG F 83 -9.71 -27.31 -0.63
N ASP F 84 -9.71 -27.70 0.63
CA ASP F 84 -8.52 -28.34 1.27
C ASP F 84 -8.22 -29.65 0.53
N LEU F 85 -9.24 -30.45 0.25
CA LEU F 85 -9.01 -31.73 -0.48
C LEU F 85 -8.46 -31.43 -1.87
N ASP F 86 -8.98 -30.40 -2.55
CA ASP F 86 -8.44 -29.96 -3.87
C ASP F 86 -6.95 -29.61 -3.70
N TYR F 87 -6.58 -28.89 -2.65
CA TYR F 87 -5.17 -28.55 -2.37
C TYR F 87 -4.36 -29.82 -2.21
N TYR F 88 -4.81 -30.76 -1.39
CA TYR F 88 -4.02 -32.00 -1.11
C TYR F 88 -3.77 -32.75 -2.43
N LEU F 89 -4.78 -32.84 -3.28
CA LEU F 89 -4.62 -33.55 -4.56
C LEU F 89 -3.65 -32.78 -5.46
N ARG F 90 -3.79 -31.46 -5.56
CA ARG F 90 -2.95 -30.65 -6.46
C ARG F 90 -1.50 -30.73 -5.96
N TYR F 91 -1.25 -30.61 -4.67
CA TYR F 91 0.14 -30.58 -4.15
C TYR F 91 0.75 -31.99 -4.19
N ALA F 92 -0.04 -33.03 -3.92
CA ALA F 92 0.46 -34.42 -4.02
C ALA F 92 0.90 -34.67 -5.47
N THR F 93 0.15 -34.12 -6.43
CA THR F 93 0.46 -34.28 -7.87
C THR F 93 1.79 -33.56 -8.17
N TYR F 94 1.97 -32.35 -7.66
CA TYR F 94 3.27 -31.65 -7.81
C TYR F 94 4.40 -32.52 -7.24
N ALA F 95 4.23 -33.05 -6.03
CA ALA F 95 5.28 -33.83 -5.33
C ALA F 95 5.61 -35.07 -6.18
N MET F 96 4.59 -35.68 -6.77
CA MET F 96 4.79 -36.88 -7.62
C MET F 96 5.57 -36.47 -8.89
N LEU F 97 5.26 -35.34 -9.51
CA LEU F 97 6.02 -34.85 -10.68
C LEU F 97 7.47 -34.62 -10.28
N ALA F 98 7.70 -34.03 -9.11
CA ALA F 98 9.04 -33.71 -8.59
C ALA F 98 9.79 -34.96 -8.14
N GLY F 99 9.08 -36.04 -7.81
CA GLY F 99 9.66 -37.21 -7.13
C GLY F 99 10.29 -36.84 -5.78
N ASP F 100 9.67 -35.91 -5.05
CA ASP F 100 10.26 -35.39 -3.79
C ASP F 100 9.15 -34.75 -2.96
N PRO F 101 9.04 -35.04 -1.65
CA PRO F 101 7.96 -34.49 -0.83
C PRO F 101 8.24 -33.10 -0.25
N SER F 102 9.39 -32.50 -0.53
CA SER F 102 9.80 -31.24 0.14
C SER F 102 8.76 -30.12 -0.09
N ILE F 103 8.12 -30.06 -1.25
CA ILE F 103 7.06 -29.05 -1.53
C ILE F 103 5.96 -29.18 -0.47
N LEU F 104 5.68 -30.40 0.02
CA LEU F 104 4.59 -30.61 0.99
C LEU F 104 4.98 -29.97 2.32
N ASP F 105 6.23 -30.11 2.77
CA ASP F 105 6.68 -29.45 4.03
C ASP F 105 6.62 -27.93 3.88
N GLU F 106 7.03 -27.41 2.73
CA GLU F 106 7.23 -25.96 2.52
CA GLU F 106 7.24 -25.96 2.51
C GLU F 106 5.88 -25.27 2.30
N ARG F 107 4.99 -25.88 1.54
CA ARG F 107 3.79 -25.17 1.03
C ARG F 107 2.49 -25.73 1.62
N VAL F 108 2.51 -26.91 2.23
CA VAL F 108 1.23 -27.51 2.72
C VAL F 108 1.26 -27.63 4.25
N LEU F 109 2.27 -28.24 4.83
CA LEU F 109 2.20 -28.75 6.23
C LEU F 109 2.67 -27.72 7.25
N ASN F 110 3.38 -26.67 6.85
CA ASN F 110 3.98 -25.70 7.79
C ASN F 110 2.86 -24.97 8.53
N GLY F 111 2.63 -25.35 9.79
CA GLY F 111 1.62 -24.75 10.67
C GLY F 111 0.24 -25.32 10.45
N LEU F 112 0.08 -26.36 9.62
CA LEU F 112 -1.29 -26.80 9.24
C LEU F 112 -1.99 -27.48 10.41
N LYS F 113 -1.32 -28.42 11.09
CA LYS F 113 -1.92 -29.11 12.27
C LYS F 113 -2.37 -28.04 13.27
N GLU F 114 -1.54 -27.02 13.49
CA GLU F 114 -1.84 -25.96 14.49
C GLU F 114 -3.06 -25.16 14.03
N THR F 115 -3.16 -24.86 12.73
CA THR F 115 -4.31 -24.13 12.14
C THR F 115 -5.59 -24.95 12.35
N TYR F 116 -5.56 -26.23 11.99
CA TYR F 116 -6.74 -27.10 12.15
C TYR F 116 -7.13 -27.16 13.63
N ASN F 117 -6.17 -27.34 14.53
CA ASN F 117 -6.47 -27.48 15.98
C ASN F 117 -7.09 -26.16 16.48
N SER F 118 -6.59 -25.01 16.04
CA SER F 118 -7.09 -23.69 16.51
CA SER F 118 -7.09 -23.69 16.51
C SER F 118 -8.51 -23.45 16.00
N LEU F 119 -8.85 -23.95 14.82
CA LEU F 119 -10.18 -23.72 14.19
C LEU F 119 -11.18 -24.82 14.60
N GLY F 120 -10.71 -25.94 15.13
CA GLY F 120 -11.57 -27.10 15.44
C GLY F 120 -11.88 -27.94 14.22
N VAL F 121 -11.00 -27.95 13.22
CA VAL F 121 -11.15 -28.87 12.06
C VAL F 121 -10.73 -30.25 12.52
N PRO F 122 -11.59 -31.28 12.36
CA PRO F 122 -11.22 -32.63 12.81
C PRO F 122 -10.16 -33.27 11.90
N VAL F 123 -9.00 -33.56 12.49
CA VAL F 123 -7.85 -34.13 11.74
C VAL F 123 -8.17 -35.58 11.40
N GLY F 124 -8.78 -36.35 12.32
CA GLY F 124 -9.10 -37.75 12.02
C GLY F 124 -9.95 -37.88 10.75
N ALA F 125 -11.00 -37.08 10.65
CA ALA F 125 -11.88 -37.07 9.45
C ALA F 125 -11.09 -36.65 8.22
N THR F 126 -10.20 -35.66 8.36
CA THR F 126 -9.38 -35.18 7.22
C THR F 126 -8.52 -36.35 6.73
N VAL F 127 -7.88 -37.07 7.65
CA VAL F 127 -6.98 -38.19 7.28
C VAL F 127 -7.82 -39.30 6.60
N GLN F 128 -9.05 -39.55 7.06
CA GLN F 128 -9.95 -40.54 6.41
C GLN F 128 -10.27 -40.07 4.98
N ALA F 129 -10.52 -38.79 4.78
CA ALA F 129 -10.83 -38.23 3.44
C ALA F 129 -9.59 -38.36 2.55
N ILE F 130 -8.39 -38.10 3.08
CA ILE F 130 -7.17 -38.23 2.24
C ILE F 130 -6.97 -39.70 1.86
N GLN F 131 -7.23 -40.62 2.77
CA GLN F 131 -7.16 -42.08 2.46
C GLN F 131 -8.11 -42.37 1.29
N ALA F 132 -9.32 -41.81 1.31
CA ALA F 132 -10.30 -42.03 0.23
C ALA F 132 -9.77 -41.43 -1.09
N ILE F 133 -9.16 -40.25 -1.04
CA ILE F 133 -8.59 -39.63 -2.26
C ILE F 133 -7.50 -40.57 -2.81
N LYS F 134 -6.66 -41.12 -1.93
CA LYS F 134 -5.58 -42.04 -2.36
C LYS F 134 -6.20 -43.23 -3.11
N GLU F 135 -7.27 -43.82 -2.59
CA GLU F 135 -7.88 -45.01 -3.20
C GLU F 135 -8.49 -44.65 -4.56
N VAL F 136 -9.23 -43.54 -4.62
CA VAL F 136 -9.90 -43.12 -5.88
C VAL F 136 -8.82 -42.79 -6.93
N THR F 137 -7.78 -42.08 -6.52
CA THR F 137 -6.68 -41.69 -7.45
C THR F 137 -6.04 -42.97 -8.01
N ALA F 138 -5.75 -43.94 -7.14
CA ALA F 138 -5.07 -45.20 -7.56
C ALA F 138 -5.94 -45.93 -8.61
N SER F 139 -7.27 -45.89 -8.45
CA SER F 139 -8.20 -46.55 -9.39
C SER F 139 -8.06 -45.94 -10.79
N LEU F 140 -7.71 -44.66 -10.90
CA LEU F 140 -7.64 -43.94 -12.20
C LEU F 140 -6.25 -44.04 -12.83
N VAL F 141 -5.18 -43.97 -12.04
CA VAL F 141 -3.80 -43.84 -12.59
C VAL F 141 -3.10 -45.20 -12.65
N GLY F 142 -3.68 -46.25 -12.06
CA GLY F 142 -3.11 -47.60 -12.10
C GLY F 142 -2.18 -47.86 -10.92
N PRO F 143 -1.79 -49.12 -10.66
CA PRO F 143 -1.13 -49.50 -9.42
C PRO F 143 0.20 -48.78 -9.14
N ASP F 144 1.09 -48.68 -10.13
CA ASP F 144 2.43 -48.10 -9.89
C ASP F 144 2.29 -46.61 -9.55
N ALA F 145 1.54 -45.86 -10.37
CA ALA F 145 1.33 -44.42 -10.13
C ALA F 145 0.51 -44.25 -8.86
N GLY F 146 -0.41 -45.16 -8.57
CA GLY F 146 -1.23 -45.10 -7.35
C GLY F 146 -0.37 -45.23 -6.11
N LYS F 147 0.61 -46.12 -6.16
CA LYS F 147 1.55 -46.33 -5.03
C LYS F 147 2.38 -45.05 -4.84
N GLU F 148 2.88 -44.48 -5.93
CA GLU F 148 3.73 -43.26 -5.86
C GLU F 148 2.89 -42.11 -5.32
N MET F 149 1.68 -41.89 -5.83
CA MET F 149 0.77 -40.85 -5.29
C MET F 149 0.53 -41.14 -3.81
N GLY F 150 0.38 -42.40 -3.43
CA GLY F 150 0.13 -42.80 -2.03
C GLY F 150 1.25 -42.35 -1.10
N VAL F 151 2.49 -42.36 -1.58
CA VAL F 151 3.63 -41.88 -0.77
C VAL F 151 3.34 -40.44 -0.33
N TYR F 152 2.86 -39.59 -1.24
CA TYR F 152 2.67 -38.14 -0.97
C TYR F 152 1.38 -37.92 -0.18
N PHE F 153 0.32 -38.68 -0.45
CA PHE F 153 -0.91 -38.59 0.38
C PHE F 153 -0.58 -38.98 1.82
N ASP F 154 0.18 -40.07 2.00
CA ASP F 154 0.58 -40.55 3.35
C ASP F 154 1.48 -39.50 4.02
N TYR F 155 2.33 -38.84 3.26
CA TYR F 155 3.23 -37.79 3.78
C TYR F 155 2.41 -36.65 4.37
N ILE F 156 1.36 -36.23 3.66
CA ILE F 156 0.44 -35.16 4.12
C ILE F 156 -0.26 -35.66 5.39
N CYS F 157 -0.83 -36.85 5.36
CA CYS F 157 -1.54 -37.38 6.54
C CYS F 157 -0.65 -37.46 7.77
N SER F 158 0.55 -37.99 7.62
CA SER F 158 1.55 -38.10 8.72
C SER F 158 1.85 -36.71 9.27
N GLY F 159 1.92 -35.71 8.39
CA GLY F 159 2.24 -34.31 8.75
C GLY F 159 1.13 -33.68 9.57
N LEU F 160 -0.08 -34.22 9.48
CA LEU F 160 -1.25 -33.72 10.26
C LEU F 160 -1.32 -34.36 11.64
N SER F 161 -0.65 -35.48 11.82
CA SER F 161 -0.78 -36.38 13.00
C SER F 161 0.37 -36.06 13.94
N SER G 1 -29.51 15.52 3.53
CA SER G 1 -30.84 14.92 3.86
C SER G 1 -30.72 13.40 3.90
N ILE G 2 -31.72 12.78 4.50
CA ILE G 2 -31.77 11.30 4.63
C ILE G 2 -31.76 10.70 3.23
N VAL G 3 -32.33 11.40 2.25
CA VAL G 3 -32.40 10.87 0.87
C VAL G 3 -30.98 10.81 0.30
N THR G 4 -30.23 11.91 0.36
CA THR G 4 -28.85 11.95 -0.15
C THR G 4 -27.98 10.96 0.63
N LYS G 5 -28.10 10.90 1.95
CA LYS G 5 -27.23 10.00 2.76
C LYS G 5 -27.46 8.56 2.30
N SER G 6 -28.72 8.19 2.08
CA SER G 6 -29.11 6.81 1.66
C SER G 6 -28.51 6.53 0.27
N ILE G 7 -28.62 7.49 -0.64
CA ILE G 7 -28.07 7.33 -2.03
C ILE G 7 -26.55 7.19 -1.97
N VAL G 8 -25.88 8.04 -1.20
CA VAL G 8 -24.39 8.02 -1.12
C VAL G 8 -23.93 6.67 -0.56
N ASN G 9 -24.61 6.16 0.47
CA ASN G 9 -24.27 4.87 1.13
C ASN G 9 -24.48 3.74 0.11
N ALA G 10 -25.60 3.75 -0.62
CA ALA G 10 -25.91 2.71 -1.62
C ALA G 10 -24.90 2.75 -2.76
N ASP G 11 -24.56 3.96 -3.23
CA ASP G 11 -23.63 4.11 -4.36
C ASP G 11 -22.24 3.60 -3.97
N ALA G 12 -21.84 3.80 -2.71
CA ALA G 12 -20.52 3.34 -2.22
C ALA G 12 -20.43 1.81 -2.29
N GLU G 13 -21.57 1.11 -2.26
CA GLU G 13 -21.66 -0.37 -2.32
C GLU G 13 -22.23 -0.81 -3.67
N ALA G 14 -22.28 0.09 -4.66
CA ALA G 14 -22.68 -0.19 -6.06
C ALA G 14 -24.03 -0.92 -6.07
N ARG G 15 -24.99 -0.46 -5.27
CA ARG G 15 -26.27 -1.18 -5.08
C ARG G 15 -27.45 -0.22 -5.08
N TYR G 16 -28.62 -0.78 -5.25
CA TYR G 16 -29.89 -0.06 -5.02
C TYR G 16 -30.02 0.20 -3.52
N LEU G 17 -30.80 1.23 -3.15
CA LEU G 17 -31.07 1.49 -1.71
C LEU G 17 -31.59 0.21 -1.07
N SER G 18 -31.23 0.00 0.20
CA SER G 18 -31.72 -1.17 0.96
C SER G 18 -33.18 -0.96 1.33
N PRO G 19 -33.94 -2.03 1.61
CA PRO G 19 -35.29 -1.85 2.15
C PRO G 19 -35.32 -0.97 3.39
N GLY G 20 -34.31 -1.06 4.25
CA GLY G 20 -34.18 -0.20 5.46
C GLY G 20 -34.07 1.26 5.09
N GLU G 21 -33.24 1.57 4.09
CA GLU G 21 -33.03 2.97 3.61
C GLU G 21 -34.35 3.48 3.02
N LEU G 22 -35.04 2.68 2.23
CA LEU G 22 -36.29 3.10 1.57
C LEU G 22 -37.37 3.30 2.63
N ASP G 23 -37.42 2.47 3.66
CA ASP G 23 -38.42 2.60 4.75
CA ASP G 23 -38.42 2.58 4.75
C ASP G 23 -38.16 3.90 5.49
N ARG G 24 -36.88 4.23 5.73
CA ARG G 24 -36.50 5.49 6.42
CA ARG G 24 -36.48 5.50 6.40
C ARG G 24 -36.99 6.68 5.57
N ILE G 25 -36.87 6.60 4.25
CA ILE G 25 -37.33 7.70 3.35
C ILE G 25 -38.86 7.78 3.42
N LYS G 26 -39.57 6.66 3.40
CA LYS G 26 -41.06 6.66 3.49
C LYS G 26 -41.48 7.33 4.80
N SER G 27 -40.84 6.96 5.91
CA SER G 27 -41.16 7.47 7.27
C SER G 27 -40.84 8.95 7.30
N PHE G 28 -39.72 9.34 6.71
CA PHE G 28 -39.24 10.74 6.63
C PHE G 28 -40.27 11.58 5.90
N VAL G 29 -40.73 11.17 4.72
CA VAL G 29 -41.67 12.04 3.96
CA VAL G 29 -41.70 11.95 3.90
C VAL G 29 -43.03 12.06 4.67
N SER G 30 -43.48 10.96 5.28
CA SER G 30 -44.79 10.93 5.98
C SER G 30 -44.74 11.88 7.20
N GLY G 31 -43.56 12.00 7.82
CA GLY G 31 -43.34 12.82 9.03
C GLY G 31 -42.92 14.22 8.68
N GLY G 32 -42.83 14.59 7.40
CA GLY G 32 -42.29 15.90 6.98
C GLY G 32 -43.03 17.06 7.63
N ALA G 33 -44.38 17.02 7.62
CA ALA G 33 -45.20 18.12 8.19
C ALA G 33 -44.83 18.33 9.67
N GLN G 34 -44.66 17.23 10.42
CA GLN G 34 -44.33 17.31 11.86
C GLN G 34 -42.94 17.91 12.04
N ARG G 35 -41.96 17.51 11.22
CA ARG G 35 -40.59 18.06 11.31
CA ARG G 35 -40.58 18.06 11.27
C ARG G 35 -40.62 19.56 11.02
N LEU G 36 -41.39 19.99 10.01
CA LEU G 36 -41.46 21.44 9.69
C LEU G 36 -42.03 22.19 10.90
N ARG G 37 -43.02 21.63 11.59
CA ARG G 37 -43.64 22.29 12.76
C ARG G 37 -42.60 22.42 13.89
N ILE G 38 -41.82 21.37 14.13
CA ILE G 38 -40.79 21.40 15.20
C ILE G 38 -39.77 22.50 14.84
N ALA G 39 -39.28 22.52 13.60
CA ALA G 39 -38.30 23.52 13.16
C ALA G 39 -38.89 24.93 13.31
N GLN G 40 -40.19 25.08 13.06
CA GLN G 40 -40.83 26.42 13.11
C GLN G 40 -40.89 26.92 14.55
N VAL G 41 -41.02 26.05 15.55
CA VAL G 41 -40.98 26.46 16.97
C VAL G 41 -39.61 27.08 17.27
N LEU G 42 -38.54 26.45 16.84
CA LEU G 42 -37.17 26.99 17.08
C LEU G 42 -37.01 28.33 16.35
N THR G 43 -37.46 28.40 15.09
CA THR G 43 -37.38 29.63 14.28
C THR G 43 -38.12 30.79 14.99
N ASP G 44 -39.35 30.50 15.42
CA ASP G 44 -40.24 31.54 15.97
C ASP G 44 -39.68 32.05 17.31
N ASN G 45 -38.94 31.22 18.04
CA ASN G 45 -38.48 31.54 19.42
C ASN G 45 -36.97 31.76 19.46
N ARG G 46 -36.37 32.06 18.32
CA ARG G 46 -34.88 32.11 18.26
C ARG G 46 -34.33 33.21 19.20
N GLU G 47 -34.98 34.35 19.35
CA GLU G 47 -34.47 35.43 20.26
C GLU G 47 -34.34 34.91 21.69
N ARG G 48 -35.41 34.30 22.21
CA ARG G 48 -35.42 33.81 23.61
C ARG G 48 -34.49 32.61 23.78
N ILE G 49 -34.45 31.71 22.79
CA ILE G 49 -33.57 30.51 22.90
C ILE G 49 -32.12 30.98 23.03
N VAL G 50 -31.71 31.88 22.16
CA VAL G 50 -30.30 32.34 22.11
C VAL G 50 -30.00 33.19 23.37
N LYS G 51 -30.91 34.09 23.74
CA LYS G 51 -30.68 34.98 24.91
CA LYS G 51 -30.68 35.00 24.91
CA LYS G 51 -30.67 34.98 24.90
C LYS G 51 -30.54 34.14 26.18
N GLN G 52 -31.48 33.22 26.42
CA GLN G 52 -31.48 32.43 27.66
C GLN G 52 -30.29 31.47 27.65
N ALA G 53 -29.93 30.92 26.49
CA ALA G 53 -28.77 30.00 26.41
C ALA G 53 -27.50 30.79 26.77
N GLY G 54 -27.37 32.00 26.23
CA GLY G 54 -26.22 32.86 26.54
C GLY G 54 -26.13 33.13 28.03
N ASP G 55 -27.26 33.48 28.65
CA ASP G 55 -27.28 33.78 30.11
C ASP G 55 -26.83 32.54 30.89
N GLN G 56 -27.33 31.35 30.53
CA GLN G 56 -26.94 30.09 31.22
CA GLN G 56 -26.95 30.08 31.22
C GLN G 56 -25.44 29.87 31.03
N LEU G 57 -24.94 30.03 29.81
CA LEU G 57 -23.50 29.82 29.56
C LEU G 57 -22.66 30.79 30.42
N PHE G 58 -23.02 32.06 30.43
CA PHE G 58 -22.18 33.09 31.09
C PHE G 58 -22.28 32.93 32.61
N GLN G 59 -23.33 32.31 33.13
CA GLN G 59 -23.43 31.99 34.58
C GLN G 59 -22.46 30.86 34.91
N LYS G 60 -22.33 29.85 34.04
CA LYS G 60 -21.45 28.67 34.25
C LYS G 60 -20.00 29.04 33.93
N ARG G 61 -19.79 29.92 32.96
CA ARG G 61 -18.45 30.27 32.42
C ARG G 61 -18.30 31.78 32.41
N PRO G 62 -18.36 32.45 33.58
CA PRO G 62 -18.24 33.92 33.58
C PRO G 62 -16.86 34.39 33.09
N ASP G 63 -15.88 33.50 33.11
CA ASP G 63 -14.51 33.81 32.64
C ASP G 63 -14.56 34.23 31.16
N VAL G 64 -15.42 33.67 30.32
CA VAL G 64 -15.37 34.00 28.86
C VAL G 64 -15.84 35.45 28.60
N VAL G 65 -16.55 36.06 29.56
CA VAL G 65 -17.04 37.46 29.44
C VAL G 65 -16.34 38.36 30.48
N SER G 66 -15.25 37.87 31.04
CA SER G 66 -14.37 38.61 31.98
CA SER G 66 -14.38 38.62 31.98
C SER G 66 -13.14 39.08 31.21
N PRO G 67 -12.39 40.09 31.72
CA PRO G 67 -11.19 40.52 31.03
C PRO G 67 -10.27 39.35 30.66
N GLY G 68 -9.78 39.35 29.43
CA GLY G 68 -8.91 38.28 28.90
C GLY G 68 -9.73 37.21 28.20
N GLY G 69 -11.03 37.12 28.49
CA GLY G 69 -11.93 36.12 27.90
C GLY G 69 -12.29 36.46 26.46
N ASN G 70 -12.54 35.43 25.66
CA ASN G 70 -12.79 35.59 24.21
C ASN G 70 -14.02 36.44 23.94
N ALA G 71 -15.03 36.40 24.82
CA ALA G 71 -16.31 37.13 24.61
C ALA G 71 -16.38 38.40 25.48
N TYR G 72 -15.25 38.88 25.99
CA TYR G 72 -15.22 40.08 26.85
C TYR G 72 -15.68 41.30 26.07
N GLY G 73 -16.64 42.04 26.65
CA GLY G 73 -17.12 43.31 26.10
C GLY G 73 -18.40 43.14 25.30
N GLN G 74 -19.10 44.23 25.07
CA GLN G 74 -20.46 44.17 24.48
CA GLN G 74 -20.46 44.22 24.46
C GLN G 74 -20.38 43.61 23.06
N GLU G 75 -19.42 44.06 22.26
CA GLU G 75 -19.32 43.63 20.83
C GLU G 75 -19.00 42.14 20.76
N MET G 76 -18.01 41.65 21.51
CA MET G 76 -17.61 40.22 21.46
CA MET G 76 -17.61 40.22 21.46
C MET G 76 -18.75 39.35 22.01
N THR G 77 -19.41 39.80 23.08
CA THR G 77 -20.56 39.03 23.63
C THR G 77 -21.64 38.92 22.56
N ALA G 78 -21.95 40.00 21.84
CA ALA G 78 -22.96 39.98 20.75
C ALA G 78 -22.52 38.99 19.66
N THR G 79 -21.23 38.95 19.32
CA THR G 79 -20.75 38.01 18.29
C THR G 79 -20.92 36.57 18.78
N CYS G 80 -20.67 36.32 20.06
CA CYS G 80 -20.88 34.99 20.67
C CYS G 80 -22.34 34.57 20.49
N LEU G 81 -23.30 35.43 20.80
CA LEU G 81 -24.73 35.08 20.63
C LEU G 81 -25.07 34.93 19.13
N ARG G 82 -24.40 35.67 18.27
CA ARG G 82 -24.56 35.52 16.79
C ARG G 82 -24.18 34.07 16.41
N ASP G 83 -23.10 33.54 16.96
CA ASP G 83 -22.67 32.16 16.66
C ASP G 83 -23.73 31.19 17.18
N LEU G 84 -24.29 31.42 18.36
CA LEU G 84 -25.34 30.50 18.86
C LEU G 84 -26.54 30.54 17.91
N ASP G 85 -26.89 31.70 17.41
CA ASP G 85 -28.00 31.82 16.43
CA ASP G 85 -28.01 31.85 16.42
C ASP G 85 -27.65 31.05 15.15
N TYR G 86 -26.40 31.11 14.70
CA TYR G 86 -25.97 30.30 13.53
C TYR G 86 -26.27 28.82 13.81
N TYR G 87 -25.86 28.31 14.96
CA TYR G 87 -26.00 26.86 15.27
C TYR G 87 -27.49 26.51 15.42
N LEU G 88 -28.31 27.38 15.99
CA LEU G 88 -29.77 27.10 16.06
C LEU G 88 -30.32 26.98 14.64
N ARG G 89 -29.92 27.88 13.74
CA ARG G 89 -30.37 27.84 12.32
C ARG G 89 -29.96 26.49 11.72
N LEU G 90 -28.74 26.06 11.95
CA LEU G 90 -28.29 24.78 11.37
C LEU G 90 -29.10 23.62 11.96
N VAL G 91 -29.42 23.67 13.25
CA VAL G 91 -30.23 22.61 13.88
C VAL G 91 -31.59 22.56 13.17
N THR G 92 -32.20 23.70 12.83
CA THR G 92 -33.49 23.67 12.09
C THR G 92 -33.31 22.98 10.74
N TYR G 93 -32.18 23.21 10.06
CA TYR G 93 -31.93 22.57 8.75
C TYR G 93 -31.84 21.05 8.94
N GLY G 94 -31.12 20.59 9.96
CA GLY G 94 -30.98 19.14 10.20
C GLY G 94 -32.33 18.51 10.47
N ILE G 95 -33.16 19.17 11.28
CA ILE G 95 -34.50 18.64 11.64
C ILE G 95 -35.31 18.47 10.34
N VAL G 96 -35.34 19.46 9.45
CA VAL G 96 -36.20 19.34 8.23
CA VAL G 96 -36.17 19.39 8.21
C VAL G 96 -35.59 18.32 7.27
N ALA G 97 -34.26 18.16 7.26
CA ALA G 97 -33.58 17.23 6.33
C ALA G 97 -33.63 15.80 6.84
N GLY G 98 -33.93 15.59 8.12
CA GLY G 98 -33.95 14.26 8.75
C GLY G 98 -32.58 13.65 8.86
N ASP G 99 -31.54 14.47 8.85
CA ASP G 99 -30.14 14.02 8.82
C ASP G 99 -29.24 15.20 9.21
N VAL G 100 -28.08 14.92 9.77
CA VAL G 100 -27.17 15.99 10.25
C VAL G 100 -26.31 16.55 9.10
N THR G 101 -26.40 16.05 7.87
CA THR G 101 -25.48 16.49 6.79
C THR G 101 -25.43 18.01 6.66
N PRO G 102 -26.54 18.78 6.65
CA PRO G 102 -26.41 20.23 6.49
C PRO G 102 -25.63 20.85 7.65
N ILE G 103 -25.82 20.32 8.84
CA ILE G 103 -25.10 20.81 10.05
C ILE G 103 -23.61 20.51 9.86
N GLU G 104 -23.29 19.30 9.48
CA GLU G 104 -21.89 18.86 9.32
C GLU G 104 -21.21 19.76 8.30
N GLU G 105 -21.81 19.94 7.13
CA GLU G 105 -21.16 20.60 5.97
C GLU G 105 -21.02 22.09 6.21
N ILE G 106 -21.94 22.70 6.99
CA ILE G 106 -21.94 24.17 7.15
C ILE G 106 -21.17 24.55 8.42
N GLY G 107 -21.34 23.81 9.51
CA GLY G 107 -20.91 24.25 10.84
C GLY G 107 -19.97 23.33 11.58
N ILE G 108 -19.67 22.12 11.08
CA ILE G 108 -18.84 21.17 11.88
C ILE G 108 -17.49 20.91 11.21
N VAL G 109 -17.44 20.63 9.90
CA VAL G 109 -16.11 20.38 9.27
C VAL G 109 -15.25 21.63 9.52
N GLY G 110 -14.08 21.45 10.10
CA GLY G 110 -13.15 22.57 10.34
C GLY G 110 -13.51 23.41 11.56
N VAL G 111 -14.52 23.05 12.33
CA VAL G 111 -14.98 23.94 13.44
C VAL G 111 -13.88 24.11 14.49
N ARG G 112 -13.16 23.05 14.83
N ARG G 112 -13.16 23.04 14.84
CA ARG G 112 -12.10 23.12 15.87
CA ARG G 112 -12.10 23.12 15.87
C ARG G 112 -10.98 24.04 15.36
C ARG G 112 -10.98 24.04 15.36
N GLU G 113 -10.63 23.94 14.08
CA GLU G 113 -9.56 24.76 13.50
C GLU G 113 -9.98 26.24 13.52
N MET G 114 -11.22 26.56 13.18
CA MET G 114 -11.72 27.95 13.16
C MET G 114 -11.65 28.50 14.60
N TYR G 115 -12.25 27.83 15.56
CA TYR G 115 -12.31 28.39 16.94
C TYR G 115 -10.93 28.40 17.57
N LYS G 116 -10.04 27.45 17.24
CA LYS G 116 -8.66 27.49 17.77
C LYS G 116 -7.97 28.77 17.28
N SER G 117 -8.11 29.10 16.00
CA SER G 117 -7.48 30.30 15.40
C SER G 117 -8.02 31.55 16.11
N LEU G 118 -9.32 31.59 16.34
CA LEU G 118 -9.99 32.76 16.97
C LEU G 118 -9.67 32.86 18.47
N GLY G 119 -9.20 31.79 19.10
CA GLY G 119 -8.93 31.74 20.55
C GLY G 119 -10.20 31.53 21.35
N THR G 120 -11.25 31.04 20.72
CA THR G 120 -12.55 30.76 21.37
C THR G 120 -12.48 29.40 22.05
N PRO G 121 -12.81 29.29 23.35
CA PRO G 121 -12.85 27.99 24.01
C PRO G 121 -14.04 27.17 23.49
N ILE G 122 -13.76 26.14 22.71
CA ILE G 122 -14.85 25.43 21.99
C ILE G 122 -15.71 24.65 23.00
N ASP G 123 -15.16 24.27 24.17
CA ASP G 123 -15.96 23.61 25.24
C ASP G 123 -17.10 24.55 25.67
N ALA G 124 -16.85 25.87 25.67
CA ALA G 124 -17.86 26.87 26.07
C ALA G 124 -18.87 27.06 24.94
N VAL G 125 -18.43 26.97 23.68
CA VAL G 125 -19.40 27.02 22.54
C VAL G 125 -20.34 25.82 22.71
N ALA G 126 -19.81 24.63 22.96
CA ALA G 126 -20.61 23.40 23.15
C ALA G 126 -21.59 23.63 24.30
N GLY G 127 -21.15 24.26 25.38
CA GLY G 127 -22.02 24.55 26.52
C GLY G 127 -23.17 25.46 26.12
N GLY G 128 -22.91 26.47 25.30
CA GLY G 128 -23.96 27.35 24.75
C GLY G 128 -24.99 26.57 23.94
N VAL G 129 -24.52 25.64 23.11
CA VAL G 129 -25.44 24.82 22.28
C VAL G 129 -26.25 23.90 23.20
N ALA G 130 -25.62 23.29 24.21
CA ALA G 130 -26.33 22.44 25.19
C ALA G 130 -27.40 23.28 25.91
N ALA G 131 -27.11 24.55 26.20
CA ALA G 131 -28.08 25.44 26.89
C ALA G 131 -29.25 25.72 25.92
N MET G 132 -28.99 25.91 24.63
CA MET G 132 -30.08 26.14 23.65
C MET G 132 -30.99 24.90 23.62
N LYS G 133 -30.40 23.70 23.69
CA LYS G 133 -31.20 22.46 23.67
C LYS G 133 -32.20 22.51 24.83
N SER G 134 -31.71 22.88 26.01
CA SER G 134 -32.52 22.87 27.26
CA SER G 134 -32.53 22.88 27.26
C SER G 134 -33.64 23.93 27.15
N VAL G 135 -33.34 25.10 26.59
CA VAL G 135 -34.37 26.19 26.43
C VAL G 135 -35.40 25.74 25.39
N ALA G 136 -34.96 25.22 24.26
CA ALA G 136 -35.85 24.78 23.16
C ALA G 136 -36.75 23.66 23.68
N ALA G 137 -36.22 22.75 24.48
CA ALA G 137 -36.98 21.58 25.00
C ALA G 137 -38.21 22.06 25.78
N GLY G 138 -38.10 23.19 26.47
CA GLY G 138 -39.21 23.78 27.25
C GLY G 138 -40.37 24.26 26.39
N LEU G 139 -40.14 24.44 25.09
CA LEU G 139 -41.13 24.98 24.11
C LEU G 139 -41.74 23.85 23.28
N LEU G 140 -41.35 22.60 23.56
CA LEU G 140 -41.73 21.41 22.75
C LEU G 140 -42.36 20.35 23.65
N SER G 141 -43.21 19.51 23.08
CA SER G 141 -43.68 18.25 23.71
C SER G 141 -42.47 17.37 24.01
N ALA G 142 -42.61 16.41 24.91
CA ALA G 142 -41.54 15.43 25.24
C ALA G 142 -41.07 14.74 23.95
N GLU G 143 -42.01 14.31 23.08
CA GLU G 143 -41.70 13.60 21.82
C GLU G 143 -40.91 14.54 20.89
N ASP G 144 -41.39 15.78 20.72
CA ASP G 144 -40.75 16.74 19.78
C ASP G 144 -39.37 17.16 20.32
N ALA G 145 -39.23 17.29 21.65
CA ALA G 145 -37.94 17.62 22.30
C ALA G 145 -36.95 16.48 22.09
N GLY G 146 -37.43 15.23 22.11
CA GLY G 146 -36.60 14.05 21.82
C GLY G 146 -36.00 14.14 20.42
N GLU G 147 -36.83 14.50 19.44
CA GLU G 147 -36.41 14.59 18.02
C GLU G 147 -35.40 15.75 17.88
N ALA G 148 -35.78 16.95 18.34
CA ALA G 148 -34.89 18.13 18.21
C ALA G 148 -33.57 17.87 18.95
N GLY G 149 -33.65 17.22 20.12
CA GLY G 149 -32.50 17.01 21.03
C GLY G 149 -31.36 16.27 20.34
N ALA G 150 -31.68 15.31 19.47
CA ALA G 150 -30.66 14.51 18.75
C ALA G 150 -29.75 15.45 17.93
N TYR G 151 -30.33 16.49 17.34
CA TYR G 151 -29.60 17.44 16.46
C TYR G 151 -28.72 18.36 17.31
N PHE G 152 -29.23 18.86 18.42
CA PHE G 152 -28.39 19.64 19.36
C PHE G 152 -27.26 18.75 19.90
N ASP G 153 -27.56 17.50 20.27
CA ASP G 153 -26.55 16.58 20.83
C ASP G 153 -25.46 16.32 19.79
N TYR G 154 -25.83 16.22 18.51
CA TYR G 154 -24.84 16.01 17.43
C TYR G 154 -23.82 17.14 17.47
N VAL G 155 -24.30 18.38 17.53
CA VAL G 155 -23.41 19.57 17.53
C VAL G 155 -22.53 19.55 18.78
N VAL G 156 -23.12 19.35 19.95
CA VAL G 156 -22.36 19.33 21.23
C VAL G 156 -21.24 18.28 21.15
N GLY G 157 -21.56 17.06 20.69
CA GLY G 157 -20.58 15.97 20.63
C GLY G 157 -19.48 16.26 19.61
N ALA G 158 -19.84 16.93 18.52
CA ALA G 158 -18.90 17.23 17.41
C ALA G 158 -17.90 18.33 17.84
N MET G 159 -18.19 19.06 18.92
CA MET G 159 -17.32 20.13 19.44
C MET G 159 -16.47 19.68 20.64
N GLN G 160 -16.59 18.43 21.08
CA GLN G 160 -15.87 17.92 22.28
C GLN G 160 -14.34 17.95 22.13
N MET H 1 -23.46 15.60 -4.62
CA MET H 1 -24.80 15.69 -5.23
C MET H 1 -25.71 16.57 -4.37
N GLN H 2 -26.80 17.07 -4.96
CA GLN H 2 -27.90 17.70 -4.19
C GLN H 2 -29.20 16.94 -4.48
N ASP H 3 -30.10 16.93 -3.49
CA ASP H 3 -31.49 16.49 -3.69
C ASP H 3 -32.41 17.73 -3.55
N ALA H 4 -33.70 17.51 -3.73
CA ALA H 4 -34.72 18.56 -3.71
C ALA H 4 -34.66 19.30 -2.36
N ILE H 5 -34.39 18.56 -1.28
CA ILE H 5 -34.42 19.13 0.10
C ILE H 5 -33.14 19.97 0.29
N THR H 6 -31.98 19.41 -0.04
CA THR H 6 -30.69 20.10 0.19
CA THR H 6 -30.63 20.04 0.07
C THR H 6 -30.59 21.35 -0.69
N SER H 7 -31.19 21.34 -1.88
CA SER H 7 -31.18 22.53 -2.76
CA SER H 7 -31.14 22.56 -2.74
C SER H 7 -31.86 23.71 -2.02
N VAL H 8 -32.97 23.41 -1.36
CA VAL H 8 -33.73 24.45 -0.61
C VAL H 8 -32.90 24.91 0.59
N ILE H 9 -32.35 23.98 1.35
CA ILE H 9 -31.55 24.35 2.55
C ILE H 9 -30.37 25.22 2.11
N ASN H 10 -29.72 24.84 1.02
CA ASN H 10 -28.52 25.59 0.56
C ASN H 10 -28.91 27.00 0.14
N SER H 11 -30.06 27.17 -0.52
CA SER H 11 -30.48 28.52 -0.98
C SER H 11 -30.79 29.40 0.24
N SER H 12 -31.33 28.82 1.31
N SER H 12 -31.33 28.82 1.31
CA SER H 12 -31.58 29.57 2.57
CA SER H 12 -31.58 29.56 2.58
C SER H 12 -30.24 29.89 3.26
C SER H 12 -30.24 29.89 3.26
N ASP H 13 -29.33 28.91 3.31
CA ASP H 13 -28.05 29.07 4.04
C ASP H 13 -27.20 30.18 3.38
N VAL H 14 -27.17 30.29 2.07
CA VAL H 14 -26.31 31.30 1.39
CA VAL H 14 -26.32 31.30 1.39
C VAL H 14 -26.82 32.71 1.75
N GLN H 15 -28.10 32.83 2.14
CA GLN H 15 -28.70 34.11 2.56
C GLN H 15 -28.60 34.29 4.08
N GLY H 16 -28.12 33.30 4.80
CA GLY H 16 -28.11 33.32 6.29
C GLY H 16 -29.51 33.27 6.89
N LYS H 17 -30.45 32.65 6.21
CA LYS H 17 -31.87 32.71 6.61
C LYS H 17 -32.35 31.38 7.17
N TYR H 18 -33.19 31.46 8.19
CA TYR H 18 -34.09 30.34 8.55
C TYR H 18 -35.04 30.12 7.37
N LEU H 19 -35.54 28.90 7.23
CA LEU H 19 -36.44 28.56 6.11
C LEU H 19 -37.68 29.47 6.16
N ASP H 20 -37.92 30.19 5.07
CA ASP H 20 -39.07 31.13 4.92
C ASP H 20 -40.25 30.40 4.26
N ASN H 21 -41.36 31.11 4.07
CA ASN H 21 -42.60 30.47 3.58
CA ASN H 21 -42.60 30.47 3.58
C ASN H 21 -42.34 29.82 2.22
N ALA H 22 -41.63 30.51 1.31
CA ALA H 22 -41.39 29.98 -0.05
C ALA H 22 -40.55 28.69 0.05
N ALA H 23 -39.54 28.66 0.92
CA ALA H 23 -38.68 27.47 1.10
C ALA H 23 -39.52 26.32 1.65
N LEU H 24 -40.37 26.60 2.63
CA LEU H 24 -41.20 25.54 3.25
C LEU H 24 -42.17 24.97 2.21
N GLU H 25 -42.70 25.81 1.31
CA GLU H 25 -43.62 25.34 0.25
C GLU H 25 -42.85 24.37 -0.68
N LYS H 26 -41.59 24.66 -1.00
CA LYS H 26 -40.79 23.74 -1.86
C LYS H 26 -40.57 22.41 -1.13
N LEU H 27 -40.28 22.44 0.16
CA LEU H 27 -40.11 21.19 0.95
C LEU H 27 -41.42 20.41 0.95
N LYS H 28 -42.55 21.07 1.19
CA LYS H 28 -43.87 20.42 1.17
C LYS H 28 -44.11 19.78 -0.20
N GLY H 29 -43.67 20.39 -1.28
CA GLY H 29 -43.81 19.83 -2.64
C GLY H 29 -43.08 18.50 -2.76
N TYR H 30 -41.92 18.34 -2.13
CA TYR H 30 -41.21 17.05 -2.13
C TYR H 30 -41.98 16.03 -1.27
N PHE H 31 -42.36 16.43 -0.06
CA PHE H 31 -43.05 15.53 0.89
C PHE H 31 -44.36 15.06 0.30
N ALA H 32 -45.06 15.89 -0.48
CA ALA H 32 -46.44 15.61 -0.97
C ALA H 32 -46.45 14.31 -1.78
N THR H 33 -45.41 14.09 -2.59
CA THR H 33 -45.40 12.93 -3.53
C THR H 33 -44.18 12.06 -3.34
N GLY H 34 -43.42 12.22 -2.28
CA GLY H 34 -42.18 11.46 -2.08
C GLY H 34 -42.44 9.96 -1.97
N GLU H 35 -43.57 9.56 -1.37
CA GLU H 35 -43.90 8.12 -1.25
CA GLU H 35 -43.93 8.13 -1.24
CA GLU H 35 -43.93 8.13 -1.24
C GLU H 35 -44.00 7.49 -2.63
N LEU H 36 -44.49 8.23 -3.63
CA LEU H 36 -44.59 7.68 -5.02
C LEU H 36 -43.19 7.42 -5.56
N ARG H 37 -42.20 8.24 -5.22
CA ARG H 37 -40.80 8.02 -5.67
C ARG H 37 -40.27 6.74 -5.01
N VAL H 38 -40.53 6.57 -3.72
CA VAL H 38 -40.05 5.37 -2.98
C VAL H 38 -40.70 4.12 -3.61
N ARG H 39 -42.01 4.19 -3.91
CA ARG H 39 -42.75 3.03 -4.48
C ARG H 39 -42.12 2.66 -5.82
N ALA H 40 -41.84 3.65 -6.69
CA ALA H 40 -41.21 3.38 -8.00
C ALA H 40 -39.83 2.75 -7.80
N ALA H 41 -39.02 3.29 -6.90
CA ALA H 41 -37.65 2.81 -6.66
C ALA H 41 -37.68 1.35 -6.17
N THR H 42 -38.67 1.01 -5.32
CA THR H 42 -38.83 -0.36 -4.79
C THR H 42 -39.08 -1.32 -5.95
N THR H 43 -39.99 -0.96 -6.85
CA THR H 43 -40.34 -1.81 -8.02
C THR H 43 -39.11 -1.97 -8.93
N ILE H 44 -38.41 -0.88 -9.21
CA ILE H 44 -37.26 -0.94 -10.14
C ILE H 44 -36.17 -1.85 -9.54
N SER H 45 -35.86 -1.68 -8.26
CA SER H 45 -34.81 -2.46 -7.57
C SER H 45 -35.12 -3.96 -7.72
N ALA H 46 -36.38 -4.33 -7.50
CA ALA H 46 -36.82 -5.74 -7.48
C ALA H 46 -36.69 -6.34 -8.88
N ASN H 47 -36.69 -5.51 -9.93
CA ASN H 47 -36.78 -5.94 -11.34
C ASN H 47 -35.59 -5.45 -12.17
N ALA H 48 -34.48 -5.04 -11.54
CA ALA H 48 -33.42 -4.32 -12.26
C ALA H 48 -32.81 -5.17 -13.39
N ALA H 49 -32.48 -6.42 -13.12
CA ALA H 49 -31.86 -7.29 -14.15
C ALA H 49 -32.88 -7.55 -15.26
N ALA H 50 -34.15 -7.76 -14.92
CA ALA H 50 -35.21 -8.06 -15.90
C ALA H 50 -35.45 -6.86 -16.82
N ILE H 51 -35.37 -5.64 -16.27
CA ILE H 51 -35.58 -4.42 -17.09
C ILE H 51 -34.47 -4.36 -18.15
N VAL H 52 -33.23 -4.54 -17.76
CA VAL H 52 -32.08 -4.44 -18.69
C VAL H 52 -32.23 -5.57 -19.73
N LYS H 53 -32.53 -6.79 -19.28
CA LYS H 53 -32.66 -7.95 -20.20
C LYS H 53 -33.70 -7.62 -21.29
N GLU H 54 -34.87 -7.15 -20.92
CA GLU H 54 -35.96 -6.88 -21.89
CA GLU H 54 -35.97 -6.89 -21.89
C GLU H 54 -35.55 -5.73 -22.80
N ALA H 55 -34.94 -4.67 -22.26
CA ALA H 55 -34.52 -3.52 -23.07
C ALA H 55 -33.50 -3.97 -24.13
N VAL H 56 -32.54 -4.81 -23.74
CA VAL H 56 -31.50 -5.31 -24.67
C VAL H 56 -32.18 -6.14 -25.75
N ALA H 57 -33.10 -7.01 -25.36
CA ALA H 57 -33.79 -7.90 -26.32
C ALA H 57 -34.54 -7.04 -27.35
N LYS H 58 -35.13 -5.92 -26.93
CA LYS H 58 -35.98 -5.07 -27.80
C LYS H 58 -35.12 -4.21 -28.73
N SER H 59 -33.92 -3.81 -28.31
CA SER H 59 -33.20 -2.68 -28.96
C SER H 59 -31.87 -3.09 -29.58
N LEU H 60 -31.24 -4.17 -29.11
CA LEU H 60 -29.83 -4.49 -29.50
C LEU H 60 -29.70 -5.89 -30.07
N LEU H 61 -30.41 -6.90 -29.55
CA LEU H 61 -30.11 -8.30 -29.97
C LEU H 61 -30.53 -8.55 -31.42
N TYR H 62 -29.89 -9.56 -32.02
CA TYR H 62 -30.22 -10.09 -33.38
C TYR H 62 -30.09 -8.94 -34.39
N SER H 63 -29.02 -8.17 -34.25
CA SER H 63 -28.75 -7.01 -35.14
C SER H 63 -27.26 -7.01 -35.48
N ASP H 64 -26.86 -6.09 -36.35
CA ASP H 64 -25.43 -5.94 -36.70
C ASP H 64 -24.61 -5.65 -35.43
N ILE H 65 -25.21 -5.06 -34.41
CA ILE H 65 -24.44 -4.62 -33.21
CA ILE H 65 -24.42 -4.62 -33.23
C ILE H 65 -23.88 -5.84 -32.46
N THR H 66 -24.60 -6.96 -32.42
CA THR H 66 -24.13 -8.15 -31.65
C THR H 66 -23.41 -9.15 -32.54
N ARG H 67 -23.49 -8.98 -33.85
CA ARG H 67 -22.80 -9.88 -34.81
C ARG H 67 -21.36 -9.43 -34.96
N PRO H 68 -20.47 -10.32 -35.44
CA PRO H 68 -19.09 -9.96 -35.76
C PRO H 68 -19.02 -8.61 -36.49
N GLY H 69 -18.15 -7.73 -36.02
CA GLY H 69 -17.99 -6.37 -36.57
C GLY H 69 -18.75 -5.34 -35.77
N GLY H 70 -19.73 -5.77 -34.95
CA GLY H 70 -20.56 -4.85 -34.16
C GLY H 70 -19.93 -4.52 -32.81
N MEN H 71 -20.32 -3.40 -32.23
CA MEN H 71 -19.68 -2.95 -30.99
C MEN H 71 -20.07 -3.77 -29.76
O MEN H 71 -19.41 -3.64 -28.73
CB MEN H 71 -19.88 -1.47 -30.71
CG MEN H 71 -18.89 -0.93 -29.66
OD1 MEN H 71 -19.24 -0.51 -28.52
ND2 MEN H 71 -17.61 -0.93 -30.02
CE2 MEN H 71 -16.58 -0.40 -29.07
N MET H 72 -21.10 -4.63 -29.84
CA MET H 72 -21.42 -5.55 -28.75
C MET H 72 -20.92 -6.97 -29.05
N TYR H 73 -20.19 -7.16 -30.14
CA TYR H 73 -19.58 -8.47 -30.44
C TYR H 73 -18.36 -8.66 -29.53
N THR H 74 -18.13 -9.92 -29.16
CA THR H 74 -17.20 -10.44 -28.13
C THR H 74 -17.92 -10.40 -26.79
N THR H 75 -17.68 -11.40 -25.97
CA THR H 75 -18.32 -11.49 -24.64
C THR H 75 -17.93 -10.26 -23.81
N ARG H 76 -16.70 -9.77 -23.95
CA ARG H 76 -16.22 -8.64 -23.12
C ARG H 76 -17.07 -7.41 -23.43
N ARG H 77 -17.33 -7.15 -24.70
CA ARG H 77 -18.09 -5.94 -25.11
CA ARG H 77 -18.09 -5.94 -25.11
C ARG H 77 -19.56 -6.12 -24.74
N TYR H 78 -20.11 -7.32 -24.92
CA TYR H 78 -21.51 -7.57 -24.53
C TYR H 78 -21.63 -7.23 -23.03
N ALA H 79 -20.75 -7.78 -22.21
CA ALA H 79 -20.79 -7.59 -20.75
C ALA H 79 -20.62 -6.11 -20.40
N ALA H 80 -19.72 -5.39 -21.08
CA ALA H 80 -19.50 -3.95 -20.79
C ALA H 80 -20.80 -3.20 -21.08
N CYS H 81 -21.46 -3.53 -22.18
CA CYS H 81 -22.66 -2.78 -22.59
C CYS H 81 -23.78 -3.01 -21.56
N ILE H 82 -24.03 -4.26 -21.16
CA ILE H 82 -25.13 -4.48 -20.19
C ILE H 82 -24.75 -3.85 -18.84
N ARG H 83 -23.47 -3.82 -18.49
CA ARG H 83 -23.00 -3.13 -17.27
C ARG H 83 -23.37 -1.63 -17.37
N ASP H 84 -23.15 -1.01 -18.51
CA ASP H 84 -23.48 0.43 -18.71
C ASP H 84 -24.99 0.62 -18.53
N LEU H 85 -25.81 -0.26 -19.12
CA LEU H 85 -27.28 -0.13 -18.98
C LEU H 85 -27.66 -0.31 -17.50
N ASP H 86 -27.02 -1.23 -16.79
CA ASP H 86 -27.26 -1.41 -15.33
CA ASP H 86 -27.34 -1.37 -15.34
C ASP H 86 -26.95 -0.09 -14.60
N TYR H 87 -25.83 0.54 -14.95
CA TYR H 87 -25.45 1.84 -14.36
C TYR H 87 -26.53 2.88 -14.65
N TYR H 88 -26.96 3.01 -15.89
CA TYR H 88 -27.95 4.06 -16.25
C TYR H 88 -29.22 3.87 -15.44
N LEU H 89 -29.69 2.62 -15.29
CA LEU H 89 -30.91 2.36 -14.54
C LEU H 89 -30.69 2.69 -13.06
N ARG H 90 -29.57 2.26 -12.50
CA ARG H 90 -29.32 2.46 -11.05
C ARG H 90 -29.21 3.97 -10.80
N TYR H 91 -28.52 4.71 -11.66
CA TYR H 91 -28.29 6.15 -11.30
C TYR H 91 -29.55 6.94 -11.62
N ALA H 92 -30.30 6.59 -12.66
CA ALA H 92 -31.58 7.27 -12.95
C ALA H 92 -32.51 7.09 -11.74
N THR H 93 -32.48 5.92 -11.11
CA THR H 93 -33.34 5.62 -9.93
C THR H 93 -32.91 6.53 -8.76
N TYR H 94 -31.61 6.66 -8.53
CA TYR H 94 -31.12 7.59 -7.48
C TYR H 94 -31.64 9.01 -7.77
N ALA H 95 -31.51 9.46 -9.02
CA ALA H 95 -31.86 10.86 -9.40
C ALA H 95 -33.37 11.06 -9.17
N MET H 96 -34.16 10.04 -9.50
CA MET H 96 -35.63 10.11 -9.30
C MET H 96 -35.94 10.22 -7.79
N LEU H 97 -35.26 9.45 -6.96
CA LEU H 97 -35.47 9.53 -5.48
C LEU H 97 -35.12 10.93 -5.00
N ALA H 98 -34.03 11.49 -5.52
CA ALA H 98 -33.52 12.81 -5.12
C ALA H 98 -34.40 13.94 -5.66
N GLY H 99 -35.14 13.68 -6.74
CA GLY H 99 -35.84 14.72 -7.50
C GLY H 99 -34.88 15.75 -8.07
N ASP H 100 -33.69 15.33 -8.49
CA ASP H 100 -32.60 16.26 -8.89
C ASP H 100 -31.63 15.48 -9.75
N PRO H 101 -31.23 16.00 -10.93
CA PRO H 101 -30.31 15.25 -11.80
C PRO H 101 -28.83 15.44 -11.48
N SER H 102 -28.47 16.23 -10.46
CA SER H 102 -27.06 16.58 -10.18
C SER H 102 -26.19 15.33 -10.03
N ILE H 103 -26.69 14.25 -9.43
CA ILE H 103 -25.91 13.00 -9.27
C ILE H 103 -25.49 12.49 -10.67
N LEU H 104 -26.30 12.73 -11.69
CA LEU H 104 -25.99 12.23 -13.05
C LEU H 104 -24.79 13.00 -13.61
N ASP H 105 -24.72 14.31 -13.40
CA ASP H 105 -23.56 15.10 -13.88
C ASP H 105 -22.31 14.67 -13.12
N GLU H 106 -22.43 14.43 -11.82
CA GLU H 106 -21.26 14.19 -10.93
C GLU H 106 -20.72 12.78 -11.12
N ARG H 107 -21.61 11.79 -11.23
CA ARG H 107 -21.23 10.36 -11.10
C ARG H 107 -21.44 9.59 -12.41
N VAL H 108 -22.16 10.16 -13.39
CA VAL H 108 -22.36 9.38 -14.66
C VAL H 108 -21.69 10.08 -15.85
N LEU H 109 -21.99 11.37 -16.06
CA LEU H 109 -21.76 12.00 -17.38
C LEU H 109 -20.39 12.64 -17.52
N ASN H 110 -19.69 12.91 -16.42
CA ASN H 110 -18.41 13.67 -16.45
C ASN H 110 -17.37 12.86 -17.23
N GLY H 111 -17.11 13.25 -18.47
CA GLY H 111 -16.11 12.61 -19.35
C GLY H 111 -16.66 11.41 -20.11
N LEU H 112 -17.96 11.13 -19.98
CA LEU H 112 -18.50 9.87 -20.55
C LEU H 112 -18.53 9.93 -22.08
N LYS H 113 -19.04 11.02 -22.66
CA LYS H 113 -19.09 11.21 -24.13
C LYS H 113 -17.67 11.01 -24.69
N GLU H 114 -16.66 11.58 -24.03
CA GLU H 114 -15.26 11.53 -24.51
C GLU H 114 -14.76 10.09 -24.45
N THR H 115 -15.11 9.37 -23.38
CA THR H 115 -14.72 7.94 -23.21
C THR H 115 -15.35 7.11 -24.34
N TYR H 116 -16.64 7.26 -24.56
CA TYR H 116 -17.36 6.51 -25.63
C TYR H 116 -16.73 6.84 -26.98
N ASN H 117 -16.45 8.11 -27.27
CA ASN H 117 -15.91 8.52 -28.58
CA ASN H 117 -15.91 8.52 -28.58
C ASN H 117 -14.52 7.90 -28.76
N SER H 118 -13.69 7.88 -27.71
CA SER H 118 -12.30 7.34 -27.80
C SER H 118 -12.33 5.82 -28.04
N LEU H 119 -13.33 5.12 -27.49
CA LEU H 119 -13.42 3.65 -27.57
C LEU H 119 -14.23 3.21 -28.80
N GLY H 120 -14.96 4.11 -29.44
CA GLY H 120 -15.86 3.78 -30.56
C GLY H 120 -17.17 3.18 -30.11
N VAL H 121 -17.64 3.50 -28.91
CA VAL H 121 -18.97 3.03 -28.45
C VAL H 121 -20.00 3.91 -29.14
N PRO H 122 -20.96 3.34 -29.90
CA PRO H 122 -21.88 4.16 -30.69
C PRO H 122 -22.94 4.83 -29.79
N VAL H 123 -22.98 6.15 -29.82
CA VAL H 123 -23.93 6.94 -29.00
C VAL H 123 -25.36 6.71 -29.50
N GLY H 124 -25.59 6.69 -30.82
CA GLY H 124 -26.94 6.46 -31.37
C GLY H 124 -27.58 5.20 -30.78
N ALA H 125 -26.86 4.09 -30.85
CA ALA H 125 -27.36 2.78 -30.35
C ALA H 125 -27.52 2.84 -28.83
N THR H 126 -26.63 3.54 -28.11
CA THR H 126 -26.76 3.68 -26.64
C THR H 126 -28.06 4.42 -26.33
N VAL H 127 -28.33 5.50 -27.05
CA VAL H 127 -29.57 6.29 -26.83
C VAL H 127 -30.79 5.42 -27.14
N GLN H 128 -30.73 4.58 -28.18
CA GLN H 128 -31.85 3.66 -28.51
C GLN H 128 -32.03 2.67 -27.34
N ALA H 129 -30.96 2.16 -26.76
CA ALA H 129 -31.04 1.19 -25.64
C ALA H 129 -31.62 1.92 -24.41
N ILE H 130 -31.22 3.16 -24.14
CA ILE H 130 -31.76 3.91 -22.99
C ILE H 130 -33.26 4.16 -23.21
N GLN H 131 -33.67 4.47 -24.43
CA GLN H 131 -35.10 4.65 -24.77
C GLN H 131 -35.84 3.35 -24.47
N ALA H 132 -35.26 2.20 -24.79
CA ALA H 132 -35.88 0.89 -24.49
C ALA H 132 -35.96 0.69 -22.98
N ILE H 133 -34.92 1.05 -22.22
CA ILE H 133 -34.96 0.94 -20.74
C ILE H 133 -36.12 1.82 -20.24
N LYS H 134 -36.25 3.02 -20.78
CA LYS H 134 -37.32 3.97 -20.34
C LYS H 134 -38.69 3.31 -20.57
N GLU H 135 -38.91 2.69 -21.72
CA GLU H 135 -40.21 2.07 -22.07
C GLU H 135 -40.47 0.88 -21.15
N VAL H 136 -39.47 0.02 -20.94
CA VAL H 136 -39.65 -1.19 -20.09
C VAL H 136 -39.92 -0.74 -18.65
N THR H 137 -39.17 0.24 -18.17
CA THR H 137 -39.35 0.77 -16.79
C THR H 137 -40.78 1.30 -16.66
N ALA H 138 -41.27 2.08 -17.62
CA ALA H 138 -42.61 2.70 -17.58
C ALA H 138 -43.67 1.60 -17.53
N SER H 139 -43.47 0.48 -18.21
CA SER H 139 -44.44 -0.65 -18.20
C SER H 139 -44.58 -1.21 -16.79
N LEU H 140 -43.52 -1.15 -15.98
CA LEU H 140 -43.50 -1.76 -14.62
CA LEU H 140 -43.46 -1.75 -14.62
C LEU H 140 -43.96 -0.76 -13.56
N VAL H 141 -43.56 0.51 -13.67
CA VAL H 141 -43.85 1.49 -12.57
C VAL H 141 -45.09 2.33 -12.89
N GLY H 142 -45.66 2.21 -14.08
CA GLY H 142 -46.86 2.93 -14.52
C GLY H 142 -46.45 4.21 -15.23
N PRO H 143 -47.38 4.79 -16.03
CA PRO H 143 -47.05 5.91 -16.90
C PRO H 143 -46.49 7.15 -16.17
N ASP H 144 -47.07 7.50 -15.04
CA ASP H 144 -46.66 8.74 -14.33
C ASP H 144 -45.25 8.57 -13.76
N ALA H 145 -44.96 7.50 -13.06
CA ALA H 145 -43.60 7.22 -12.53
C ALA H 145 -42.64 7.02 -13.72
N GLY H 146 -43.13 6.43 -14.81
CA GLY H 146 -42.33 6.21 -16.03
C GLY H 146 -41.92 7.53 -16.64
N LYS H 147 -42.79 8.54 -16.62
CA LYS H 147 -42.49 9.88 -17.12
C LYS H 147 -41.39 10.50 -16.26
N GLU H 148 -41.48 10.39 -14.93
CA GLU H 148 -40.45 10.97 -14.02
C GLU H 148 -39.11 10.25 -14.26
N MET H 149 -39.11 8.92 -14.32
CA MET H 149 -37.87 8.18 -14.65
C MET H 149 -37.34 8.64 -16.02
N GLY H 150 -38.23 8.90 -16.97
CA GLY H 150 -37.89 9.36 -18.32
C GLY H 150 -37.14 10.67 -18.31
N VAL H 151 -37.44 11.55 -17.38
CA VAL H 151 -36.69 12.83 -17.24
C VAL H 151 -35.20 12.49 -17.08
N TYR H 152 -34.88 11.53 -16.21
CA TYR H 152 -33.47 11.21 -15.86
C TYR H 152 -32.84 10.37 -16.98
N PHE H 153 -33.58 9.44 -17.59
CA PHE H 153 -33.06 8.70 -18.76
C PHE H 153 -32.71 9.70 -19.87
N ASP H 154 -33.60 10.64 -20.15
CA ASP H 154 -33.38 11.66 -21.20
C ASP H 154 -32.19 12.54 -20.84
N TYR H 155 -32.00 12.84 -19.55
CA TYR H 155 -30.86 13.65 -19.07
C TYR H 155 -29.54 12.95 -19.39
N ILE H 156 -29.49 11.64 -19.17
CA ILE H 156 -28.29 10.83 -19.49
C ILE H 156 -28.11 10.83 -21.01
N CYS H 157 -29.16 10.54 -21.77
CA CYS H 157 -29.02 10.51 -23.25
C CYS H 157 -28.52 11.84 -23.81
N SER H 158 -29.10 12.95 -23.35
N SER H 158 -29.09 12.94 -23.34
CA SER H 158 -28.70 14.32 -23.77
CA SER H 158 -28.70 14.31 -23.77
C SER H 158 -27.23 14.54 -23.45
C SER H 158 -27.23 14.54 -23.45
N GLY H 159 -26.77 14.03 -22.30
CA GLY H 159 -25.38 14.17 -21.82
C GLY H 159 -24.40 13.43 -22.70
N LEU H 160 -24.86 12.44 -23.46
CA LEU H 160 -24.00 11.65 -24.38
C LEU H 160 -23.89 12.34 -25.75
N SER H 161 -24.83 13.23 -26.07
CA SER H 161 -25.06 13.74 -27.44
C SER H 161 -24.35 15.09 -27.61
N SER I 1 -1.00 -15.26 -30.15
CA SER I 1 -0.29 -16.49 -30.58
C SER I 1 0.84 -16.82 -29.61
N ILE I 2 1.52 -17.95 -29.81
CA ILE I 2 2.72 -18.33 -29.02
C ILE I 2 3.77 -17.23 -29.13
N VAL I 3 3.82 -16.54 -30.27
CA VAL I 3 4.83 -15.46 -30.46
C VAL I 3 4.47 -14.30 -29.52
N THR I 4 3.23 -13.83 -29.54
CA THR I 4 2.78 -12.75 -28.65
C THR I 4 2.93 -13.17 -27.19
N LYS I 5 2.57 -14.38 -26.82
CA LYS I 5 2.66 -14.84 -25.40
C LYS I 5 4.13 -14.75 -24.95
N SER I 6 5.05 -15.19 -25.81
CA SER I 6 6.50 -15.17 -25.50
C SER I 6 6.96 -13.71 -25.33
N ILE I 7 6.55 -12.82 -26.23
CA ILE I 7 6.92 -11.39 -26.18
C ILE I 7 6.35 -10.75 -24.91
N VAL I 8 5.09 -11.01 -24.57
CA VAL I 8 4.44 -10.40 -23.38
C VAL I 8 5.18 -10.86 -22.12
N ASN I 9 5.54 -12.15 -22.04
CA ASN I 9 6.26 -12.73 -20.88
C ASN I 9 7.64 -12.05 -20.78
N ALA I 10 8.34 -11.92 -21.89
CA ALA I 10 9.69 -11.31 -21.94
C ALA I 10 9.60 -9.84 -21.55
N ASP I 11 8.62 -9.11 -22.07
CA ASP I 11 8.47 -7.67 -21.79
C ASP I 11 8.20 -7.48 -20.29
N ALA I 12 7.43 -8.36 -19.67
CA ALA I 12 7.10 -8.26 -18.22
C ALA I 12 8.37 -8.38 -17.38
N GLU I 13 9.43 -9.02 -17.90
CA GLU I 13 10.72 -9.21 -17.22
C GLU I 13 11.82 -8.35 -17.87
N ALA I 14 11.43 -7.37 -18.71
CA ALA I 14 12.33 -6.38 -19.33
C ALA I 14 13.50 -7.09 -20.01
N ARG I 15 13.24 -8.17 -20.74
CA ARG I 15 14.30 -9.05 -21.29
C ARG I 15 14.01 -9.43 -22.74
N TYR I 16 15.04 -9.88 -23.42
CA TYR I 16 14.88 -10.57 -24.73
C TYR I 16 14.20 -11.90 -24.46
N LEU I 17 13.57 -12.48 -25.49
CA LEU I 17 13.05 -13.86 -25.40
C LEU I 17 14.17 -14.79 -24.92
N SER I 18 13.80 -15.80 -24.14
CA SER I 18 14.75 -16.83 -23.66
C SER I 18 15.08 -17.76 -24.83
N PRO I 19 16.23 -18.47 -24.77
CA PRO I 19 16.52 -19.49 -25.78
C PRO I 19 15.36 -20.50 -25.93
N GLY I 20 14.71 -20.87 -24.82
CA GLY I 20 13.58 -21.80 -24.80
C GLY I 20 12.39 -21.24 -25.56
N GLU I 21 12.08 -19.96 -25.38
CA GLU I 21 10.96 -19.29 -26.08
C GLU I 21 11.25 -19.28 -27.58
N LEU I 22 12.48 -18.94 -27.95
CA LEU I 22 12.87 -18.86 -29.39
C LEU I 22 12.78 -20.27 -30.02
N ASP I 23 13.23 -21.29 -29.28
CA ASP I 23 13.19 -22.70 -29.76
C ASP I 23 11.74 -23.13 -29.97
N ARG I 24 10.84 -22.73 -29.05
CA ARG I 24 9.41 -23.10 -29.11
C ARG I 24 8.81 -22.43 -30.33
N ILE I 25 9.21 -21.21 -30.67
CA ILE I 25 8.68 -20.53 -31.90
C ILE I 25 9.19 -21.30 -33.13
N LYS I 26 10.45 -21.70 -33.16
CA LYS I 26 10.98 -22.47 -34.32
C LYS I 26 10.19 -23.78 -34.50
N SER I 27 9.96 -24.50 -33.40
CA SER I 27 9.21 -25.79 -33.43
CA SER I 27 9.21 -25.79 -33.43
C SER I 27 7.77 -25.54 -33.87
N PHE I 28 7.16 -24.46 -33.38
CA PHE I 28 5.78 -24.06 -33.70
C PHE I 28 5.66 -23.81 -35.21
N VAL I 29 6.56 -23.02 -35.79
CA VAL I 29 6.41 -22.66 -37.23
C VAL I 29 6.72 -23.89 -38.09
N SER I 30 7.62 -24.78 -37.68
CA SER I 30 7.94 -26.00 -38.46
C SER I 30 6.71 -26.93 -38.51
N GLY I 31 5.87 -26.93 -37.47
CA GLY I 31 4.62 -27.72 -37.43
C GLY I 31 3.40 -26.95 -37.95
N GLY I 32 3.60 -25.74 -38.45
CA GLY I 32 2.49 -24.84 -38.86
C GLY I 32 1.58 -25.49 -39.89
N ALA I 33 2.13 -26.14 -40.93
CA ALA I 33 1.31 -26.76 -42.00
C ALA I 33 0.36 -27.78 -41.37
N GLN I 34 0.83 -28.57 -40.40
CA GLN I 34 0.00 -29.61 -39.76
C GLN I 34 -1.13 -28.93 -38.94
N ARG I 35 -0.81 -27.87 -38.21
CA ARG I 35 -1.84 -27.09 -37.47
C ARG I 35 -2.89 -26.54 -38.43
N LEU I 36 -2.46 -25.99 -39.55
CA LEU I 36 -3.42 -25.41 -40.53
C LEU I 36 -4.34 -26.51 -41.05
N ARG I 37 -3.82 -27.71 -41.26
CA ARG I 37 -4.64 -28.85 -41.75
C ARG I 37 -5.67 -29.24 -40.69
N ILE I 38 -5.30 -29.26 -39.41
CA ILE I 38 -6.29 -29.52 -38.32
C ILE I 38 -7.42 -28.48 -38.43
N ALA I 39 -7.09 -27.18 -38.51
CA ALA I 39 -8.13 -26.13 -38.60
C ALA I 39 -8.99 -26.36 -39.83
N GLN I 40 -8.41 -26.80 -40.96
CA GLN I 40 -9.17 -27.00 -42.21
CA GLN I 40 -9.18 -27.00 -42.21
C GLN I 40 -10.17 -28.17 -42.05
N VAL I 41 -9.77 -29.24 -41.35
CA VAL I 41 -10.63 -30.45 -41.17
C VAL I 41 -11.80 -30.01 -40.29
N LEU I 42 -11.54 -29.25 -39.22
CA LEU I 42 -12.67 -28.81 -38.34
C LEU I 42 -13.58 -27.88 -39.13
N THR I 43 -13.03 -26.96 -39.90
CA THR I 43 -13.82 -26.01 -40.73
C THR I 43 -14.69 -26.82 -41.72
N ASP I 44 -14.08 -27.77 -42.43
CA ASP I 44 -14.81 -28.57 -43.45
C ASP I 44 -15.95 -29.39 -42.82
N ASN I 45 -15.80 -29.80 -41.56
CA ASN I 45 -16.78 -30.68 -40.86
C ASN I 45 -17.62 -29.90 -39.83
N ARG I 46 -17.64 -28.59 -39.92
CA ARG I 46 -18.22 -27.75 -38.84
C ARG I 46 -19.71 -28.06 -38.67
N GLU I 47 -20.46 -28.29 -39.75
CA GLU I 47 -21.92 -28.52 -39.65
C GLU I 47 -22.17 -29.78 -38.82
N ARG I 48 -21.49 -30.87 -39.12
CA ARG I 48 -21.69 -32.17 -38.43
CA ARG I 48 -21.69 -32.16 -38.43
C ARG I 48 -21.17 -32.10 -36.99
N ILE I 49 -20.06 -31.41 -36.75
CA ILE I 49 -19.50 -31.31 -35.38
C ILE I 49 -20.55 -30.59 -34.49
N VAL I 50 -21.08 -29.48 -34.98
CA VAL I 50 -22.06 -28.69 -34.19
C VAL I 50 -23.38 -29.48 -34.05
N LYS I 51 -23.87 -30.08 -35.12
CA LYS I 51 -25.17 -30.81 -35.10
C LYS I 51 -25.08 -31.97 -34.10
N GLN I 52 -24.02 -32.78 -34.18
CA GLN I 52 -23.89 -33.98 -33.30
C GLN I 52 -23.67 -33.51 -31.84
N ALA I 53 -22.91 -32.44 -31.64
CA ALA I 53 -22.67 -31.93 -30.29
C ALA I 53 -23.99 -31.45 -29.70
N GLY I 54 -24.80 -30.74 -30.49
CA GLY I 54 -26.13 -30.28 -30.05
C GLY I 54 -26.99 -31.45 -29.62
N ASP I 55 -27.04 -32.50 -30.44
CA ASP I 55 -27.86 -33.69 -30.11
C ASP I 55 -27.39 -34.29 -28.78
N GLN I 56 -26.07 -34.44 -28.57
CA GLN I 56 -25.54 -35.00 -27.32
CA GLN I 56 -25.53 -35.01 -27.31
C GLN I 56 -25.93 -34.09 -26.15
N LEU I 57 -25.78 -32.78 -26.32
CA LEU I 57 -26.11 -31.85 -25.22
C LEU I 57 -27.59 -31.96 -24.86
N PHE I 58 -28.47 -31.95 -25.86
CA PHE I 58 -29.94 -31.91 -25.58
C PHE I 58 -30.38 -33.23 -24.97
N GLN I 59 -29.66 -34.33 -25.23
CA GLN I 59 -29.96 -35.64 -24.60
CA GLN I 59 -29.97 -35.64 -24.60
C GLN I 59 -29.55 -35.58 -23.12
N LYS I 60 -28.40 -34.98 -22.81
CA LYS I 60 -27.89 -34.87 -21.41
CA LYS I 60 -27.88 -34.87 -21.42
CA LYS I 60 -27.91 -34.89 -21.41
C LYS I 60 -28.62 -33.77 -20.62
N ARG I 61 -29.06 -32.72 -21.32
CA ARG I 61 -29.68 -31.51 -20.70
C ARG I 61 -31.02 -31.24 -21.38
N PRO I 62 -31.99 -32.18 -21.27
CA PRO I 62 -33.29 -31.99 -21.92
C PRO I 62 -34.02 -30.74 -21.43
N ASP I 63 -33.69 -30.27 -20.22
CA ASP I 63 -34.32 -29.07 -19.63
C ASP I 63 -34.15 -27.88 -20.57
N VAL I 64 -33.01 -27.72 -21.26
CA VAL I 64 -32.75 -26.46 -22.00
C VAL I 64 -33.61 -26.43 -23.27
N VAL I 65 -34.13 -27.58 -23.73
CA VAL I 65 -35.00 -27.62 -24.94
C VAL I 65 -36.41 -28.05 -24.57
N SER I 66 -36.74 -27.97 -23.28
CA SER I 66 -38.09 -28.24 -22.74
C SER I 66 -38.76 -26.91 -22.45
N PRO I 67 -40.10 -26.86 -22.29
CA PRO I 67 -40.78 -25.62 -21.93
C PRO I 67 -40.09 -24.92 -20.76
N GLY I 68 -39.90 -23.61 -20.88
CA GLY I 68 -39.21 -22.78 -19.88
C GLY I 68 -37.70 -22.75 -20.07
N GLY I 69 -37.17 -23.65 -20.90
CA GLY I 69 -35.73 -23.76 -21.16
C GLY I 69 -35.24 -22.67 -22.08
N ASN I 70 -33.98 -22.30 -21.94
CA ASN I 70 -33.40 -21.16 -22.68
C ASN I 70 -33.41 -21.43 -24.20
N ALA I 71 -33.28 -22.70 -24.61
CA ALA I 71 -33.18 -23.10 -26.03
C ALA I 71 -34.51 -23.71 -26.53
N TYR I 72 -35.61 -23.50 -25.80
CA TYR I 72 -36.90 -24.12 -26.17
C TYR I 72 -37.39 -23.56 -27.51
N GLY I 73 -37.73 -24.46 -28.43
CA GLY I 73 -38.30 -24.09 -29.73
C GLY I 73 -37.25 -23.99 -30.82
N GLN I 74 -37.72 -23.99 -32.07
CA GLN I 74 -36.86 -24.11 -33.27
C GLN I 74 -35.86 -22.95 -33.32
N GLU I 75 -36.35 -21.72 -33.11
N GLU I 75 -36.34 -21.70 -33.13
CA GLU I 75 -35.56 -20.48 -33.28
CA GLU I 75 -35.49 -20.50 -33.31
C GLU I 75 -34.44 -20.46 -32.20
C GLU I 75 -34.43 -20.46 -32.20
N MET I 76 -34.80 -20.70 -30.95
CA MET I 76 -33.83 -20.64 -29.82
CA MET I 76 -33.82 -20.63 -29.82
C MET I 76 -32.83 -21.79 -29.95
N THR I 77 -33.27 -22.97 -30.36
CA THR I 77 -32.36 -24.11 -30.59
C THR I 77 -31.34 -23.73 -31.68
N ALA I 78 -31.79 -23.09 -32.76
CA ALA I 78 -30.89 -22.66 -33.85
C ALA I 78 -29.86 -21.66 -33.29
N THR I 79 -30.30 -20.74 -32.43
CA THR I 79 -29.35 -19.76 -31.83
C THR I 79 -28.33 -20.48 -30.95
N CYS I 80 -28.76 -21.50 -30.21
CA CYS I 80 -27.84 -22.30 -29.38
C CYS I 80 -26.76 -22.93 -30.30
N LEU I 81 -27.16 -23.57 -31.41
CA LEU I 81 -26.17 -24.17 -32.33
C LEU I 81 -25.29 -23.07 -32.94
N ARG I 82 -25.83 -21.86 -33.17
CA ARG I 82 -25.04 -20.71 -33.67
C ARG I 82 -23.91 -20.43 -32.68
N ASP I 83 -24.20 -20.43 -31.38
CA ASP I 83 -23.17 -20.20 -30.34
C ASP I 83 -22.13 -21.33 -30.37
N LEU I 84 -22.55 -22.58 -30.52
CA LEU I 84 -21.56 -23.68 -30.58
C LEU I 84 -20.66 -23.49 -31.80
N ASP I 85 -21.23 -23.05 -32.91
CA ASP I 85 -20.43 -22.78 -34.14
C ASP I 85 -19.45 -21.62 -33.85
N TYR I 86 -19.87 -20.58 -33.13
CA TYR I 86 -18.91 -19.52 -32.72
C TYR I 86 -17.73 -20.16 -31.98
N TYR I 87 -18.00 -21.01 -30.97
CA TYR I 87 -16.91 -21.58 -30.14
C TYR I 87 -16.04 -22.51 -30.98
N LEU I 88 -16.61 -23.27 -31.92
CA LEU I 88 -15.77 -24.12 -32.80
C LEU I 88 -14.83 -23.22 -33.61
N ARG I 89 -15.35 -22.14 -34.16
CA ARG I 89 -14.53 -21.17 -34.94
C ARG I 89 -13.39 -20.68 -34.04
N LEU I 90 -13.69 -20.28 -32.81
CA LEU I 90 -12.64 -19.76 -31.91
C LEU I 90 -11.61 -20.85 -31.61
N VAL I 91 -12.05 -22.10 -31.46
CA VAL I 91 -11.10 -23.21 -31.20
C VAL I 91 -10.16 -23.33 -32.41
N THR I 92 -10.65 -23.18 -33.64
CA THR I 92 -9.75 -23.26 -34.83
C THR I 92 -8.72 -22.11 -34.76
N TYR I 93 -9.12 -20.94 -34.27
CA TYR I 93 -8.17 -19.81 -34.15
C TYR I 93 -7.08 -20.16 -33.13
N GLY I 94 -7.45 -20.73 -31.99
CA GLY I 94 -6.48 -21.11 -30.97
C GLY I 94 -5.49 -22.14 -31.48
N ILE I 95 -6.00 -23.14 -32.21
CA ILE I 95 -5.14 -24.19 -32.79
C ILE I 95 -4.09 -23.54 -33.71
N VAL I 96 -4.48 -22.64 -34.61
CA VAL I 96 -3.50 -22.06 -35.57
C VAL I 96 -2.54 -21.14 -34.82
N ALA I 97 -3.00 -20.49 -33.74
CA ALA I 97 -2.18 -19.51 -32.99
C ALA I 97 -1.23 -20.22 -32.03
N GLY I 98 -1.49 -21.47 -31.66
CA GLY I 98 -0.75 -22.17 -30.60
C GLY I 98 -0.91 -21.51 -29.23
N ASP I 99 -2.03 -20.81 -29.02
CA ASP I 99 -2.25 -20.11 -27.72
C ASP I 99 -3.74 -19.84 -27.55
N VAL I 100 -4.19 -19.79 -26.28
CA VAL I 100 -5.64 -19.62 -25.99
C VAL I 100 -6.04 -18.15 -26.01
N THR I 101 -5.09 -17.21 -26.01
CA THR I 101 -5.46 -15.77 -25.82
C THR I 101 -6.47 -15.32 -26.87
N PRO I 102 -6.39 -15.69 -28.16
CA PRO I 102 -7.44 -15.27 -29.11
C PRO I 102 -8.83 -15.74 -28.70
N ILE I 103 -8.91 -16.95 -28.17
CA ILE I 103 -10.19 -17.51 -27.66
C ILE I 103 -10.66 -16.67 -26.45
N GLU I 104 -9.75 -16.44 -25.52
CA GLU I 104 -10.05 -15.68 -24.29
C GLU I 104 -10.63 -14.31 -24.65
N GLU I 105 -9.96 -13.59 -25.54
CA GLU I 105 -10.28 -12.18 -25.86
C GLU I 105 -11.60 -12.07 -26.61
N ILE I 106 -12.02 -13.09 -27.36
CA ILE I 106 -13.27 -13.02 -28.16
C ILE I 106 -14.44 -13.60 -27.35
N GLY I 107 -14.23 -14.76 -26.71
CA GLY I 107 -15.35 -15.58 -26.22
C GLY I 107 -15.36 -15.90 -24.73
N ILE I 108 -14.39 -15.46 -23.94
CA ILE I 108 -14.34 -15.85 -22.51
C ILE I 108 -14.48 -14.64 -21.60
N VAL I 109 -13.77 -13.54 -21.82
CA VAL I 109 -13.88 -12.38 -20.89
C VAL I 109 -15.36 -11.96 -20.86
N GLY I 110 -15.98 -11.90 -19.68
CA GLY I 110 -17.38 -11.45 -19.55
C GLY I 110 -18.41 -12.49 -19.96
N VAL I 111 -18.00 -13.71 -20.28
CA VAL I 111 -18.96 -14.73 -20.80
C VAL I 111 -20.02 -15.05 -19.75
N ARG I 112 -19.66 -15.15 -18.47
CA ARG I 112 -20.65 -15.48 -17.42
C ARG I 112 -21.70 -14.36 -17.32
N GLU I 113 -21.27 -13.11 -17.44
CA GLU I 113 -22.19 -11.95 -17.33
C GLU I 113 -23.15 -11.96 -18.54
N MET I 114 -22.65 -12.25 -19.73
CA MET I 114 -23.50 -12.28 -20.95
C MET I 114 -24.56 -13.38 -20.77
N TYR I 115 -24.14 -14.61 -20.49
CA TYR I 115 -25.10 -15.73 -20.44
C TYR I 115 -26.03 -15.57 -19.23
N LYS I 116 -25.56 -15.01 -18.12
CA LYS I 116 -26.45 -14.76 -16.95
C LYS I 116 -27.59 -13.83 -17.39
N SER I 117 -27.26 -12.74 -18.09
CA SER I 117 -28.26 -11.76 -18.56
C SER I 117 -29.28 -12.47 -19.47
N LEU I 118 -28.80 -13.32 -20.38
CA LEU I 118 -29.66 -14.03 -21.35
C LEU I 118 -30.47 -15.15 -20.68
N GLY I 119 -30.09 -15.59 -19.50
CA GLY I 119 -30.72 -16.73 -18.78
C GLY I 119 -30.25 -18.07 -19.31
N THR I 120 -29.11 -18.11 -20.01
CA THR I 120 -28.54 -19.35 -20.56
C THR I 120 -27.71 -20.04 -19.48
N PRO I 121 -27.95 -21.33 -19.17
CA PRO I 121 -27.12 -22.05 -18.19
C PRO I 121 -25.73 -22.31 -18.78
N ILE I 122 -24.73 -21.61 -18.26
CA ILE I 122 -23.37 -21.66 -18.88
C ILE I 122 -22.78 -23.08 -18.75
N ASP I 123 -23.17 -23.86 -17.73
CA ASP I 123 -22.68 -25.26 -17.57
C ASP I 123 -23.16 -26.09 -18.76
N ALA I 124 -24.32 -25.77 -19.33
CA ALA I 124 -24.84 -26.49 -20.52
C ALA I 124 -24.07 -26.03 -21.77
N VAL I 125 -23.69 -24.75 -21.84
CA VAL I 125 -22.82 -24.28 -22.95
C VAL I 125 -21.52 -25.08 -22.89
N ALA I 126 -20.93 -25.21 -21.72
CA ALA I 126 -19.68 -25.96 -21.52
C ALA I 126 -19.87 -27.41 -22.00
N GLY I 127 -21.02 -28.00 -21.67
CA GLY I 127 -21.34 -29.36 -22.10
C GLY I 127 -21.38 -29.48 -23.63
N GLY I 128 -21.96 -28.50 -24.29
CA GLY I 128 -22.00 -28.45 -25.76
C GLY I 128 -20.59 -28.41 -26.35
N VAL I 129 -19.71 -27.61 -25.76
CA VAL I 129 -18.31 -27.51 -26.25
C VAL I 129 -17.60 -28.84 -26.01
N ALA I 130 -17.79 -29.45 -24.85
CA ALA I 130 -17.20 -30.78 -24.53
C ALA I 130 -17.70 -31.81 -25.56
N ALA I 131 -18.96 -31.71 -25.98
CA ALA I 131 -19.52 -32.66 -26.96
C ALA I 131 -18.84 -32.44 -28.33
N MET I 132 -18.57 -31.19 -28.70
CA MET I 132 -17.90 -30.90 -29.99
C MET I 132 -16.51 -31.53 -29.97
N LYS I 133 -15.83 -31.48 -28.83
CA LYS I 133 -14.48 -32.05 -28.70
C LYS I 133 -14.52 -33.53 -29.10
N SER I 134 -15.52 -34.26 -28.58
CA SER I 134 -15.63 -35.71 -28.81
C SER I 134 -15.86 -36.02 -30.30
N VAL I 135 -16.69 -35.21 -30.98
CA VAL I 135 -17.00 -35.44 -32.42
C VAL I 135 -15.75 -35.10 -33.24
N ALA I 136 -15.11 -33.96 -32.95
CA ALA I 136 -13.93 -33.50 -33.71
C ALA I 136 -12.80 -34.53 -33.58
N ALA I 137 -12.64 -35.14 -32.39
CA ALA I 137 -11.53 -36.08 -32.14
C ALA I 137 -11.58 -37.25 -33.14
N GLY I 138 -12.80 -37.65 -33.50
CA GLY I 138 -13.04 -38.77 -34.44
C GLY I 138 -12.57 -38.48 -35.86
N LEU I 139 -12.25 -37.23 -36.20
CA LEU I 139 -11.81 -36.81 -37.56
C LEU I 139 -10.28 -36.69 -37.65
N LEU I 140 -9.59 -36.88 -36.53
CA LEU I 140 -8.17 -36.45 -36.39
C LEU I 140 -7.31 -37.63 -35.94
N SER I 141 -6.01 -37.59 -36.28
CA SER I 141 -4.99 -38.49 -35.70
C SER I 141 -4.99 -38.34 -34.19
N ALA I 142 -4.46 -39.32 -33.45
CA ALA I 142 -4.37 -39.25 -31.97
C ALA I 142 -3.61 -37.99 -31.58
N GLU I 143 -2.49 -37.69 -32.27
CA GLU I 143 -1.65 -36.49 -31.93
C GLU I 143 -2.45 -35.23 -32.23
N ASP I 144 -3.10 -35.13 -33.39
CA ASP I 144 -3.87 -33.92 -33.80
C ASP I 144 -5.09 -33.74 -32.86
N ALA I 145 -5.73 -34.83 -32.45
CA ALA I 145 -6.89 -34.79 -31.52
C ALA I 145 -6.41 -34.29 -30.15
N GLY I 146 -5.19 -34.68 -29.74
CA GLY I 146 -4.62 -34.22 -28.47
C GLY I 146 -4.43 -32.72 -28.50
N GLU I 147 -3.93 -32.19 -29.62
CA GLU I 147 -3.67 -30.74 -29.80
C GLU I 147 -5.01 -30.01 -29.80
N ALA I 148 -5.96 -30.41 -30.65
CA ALA I 148 -7.27 -29.74 -30.76
C ALA I 148 -7.96 -29.81 -29.41
N GLY I 149 -7.87 -30.94 -28.72
CA GLY I 149 -8.55 -31.19 -27.45
C GLY I 149 -8.20 -30.17 -26.37
N ALA I 150 -6.94 -29.73 -26.32
CA ALA I 150 -6.46 -28.75 -25.32
C ALA I 150 -7.26 -27.44 -25.48
N TYR I 151 -7.63 -27.07 -26.70
CA TYR I 151 -8.35 -25.79 -26.98
C TYR I 151 -9.81 -25.93 -26.60
N PHE I 152 -10.44 -27.06 -26.92
CA PHE I 152 -11.81 -27.35 -26.41
C PHE I 152 -11.78 -27.35 -24.87
N ASP I 153 -10.79 -28.00 -24.27
CA ASP I 153 -10.69 -28.11 -22.78
C ASP I 153 -10.54 -26.71 -22.18
N TYR I 154 -9.80 -25.82 -22.84
CA TYR I 154 -9.61 -24.44 -22.33
C TYR I 154 -11.00 -23.79 -22.20
N VAL I 155 -11.81 -23.90 -23.26
CA VAL I 155 -13.14 -23.23 -23.29
C VAL I 155 -14.00 -23.84 -22.17
N VAL I 156 -14.07 -25.16 -22.10
CA VAL I 156 -14.89 -25.86 -21.08
C VAL I 156 -14.48 -25.40 -19.68
N GLY I 157 -13.17 -25.38 -19.38
CA GLY I 157 -12.65 -25.00 -18.05
C GLY I 157 -12.94 -23.54 -17.73
N ALA I 158 -12.95 -22.66 -18.74
CA ALA I 158 -13.13 -21.21 -18.54
C ALA I 158 -14.61 -20.91 -18.25
N MET I 159 -15.51 -21.86 -18.50
CA MET I 159 -16.97 -21.72 -18.25
C MET I 159 -17.40 -22.43 -16.96
N GLN I 160 -16.48 -22.98 -16.18
CA GLN I 160 -16.74 -23.64 -14.86
C GLN I 160 -16.55 -22.65 -13.70
N MET J 1 -1.31 -6.12 -28.07
CA MET J 1 -0.52 -6.16 -29.33
C MET J 1 -1.09 -7.25 -30.24
N GLN J 2 -0.81 -7.13 -31.54
CA GLN J 2 -1.05 -8.23 -32.51
C GLN J 2 0.29 -8.64 -33.12
N ASP J 3 0.38 -9.91 -33.51
CA ASP J 3 1.45 -10.44 -34.36
C ASP J 3 0.86 -10.81 -35.71
N ALA J 4 1.67 -11.28 -36.64
CA ALA J 4 1.20 -11.62 -38.00
C ALA J 4 0.11 -12.70 -37.95
N ILE J 5 0.14 -13.59 -36.97
CA ILE J 5 -0.88 -14.66 -36.82
C ILE J 5 -2.18 -14.04 -36.31
N THR J 6 -2.10 -13.25 -35.23
CA THR J 6 -3.32 -12.69 -34.61
C THR J 6 -3.90 -11.61 -35.53
N SER J 7 -3.14 -10.94 -36.38
CA SER J 7 -3.67 -10.00 -37.41
C SER J 7 -4.61 -10.75 -38.32
N VAL J 8 -4.25 -11.96 -38.72
CA VAL J 8 -5.10 -12.77 -39.62
C VAL J 8 -6.34 -13.21 -38.83
N ILE J 9 -6.15 -13.72 -37.63
CA ILE J 9 -7.30 -14.18 -36.78
C ILE J 9 -8.26 -12.99 -36.59
N ASN J 10 -7.74 -11.80 -36.30
CA ASN J 10 -8.60 -10.65 -35.98
C ASN J 10 -9.39 -10.28 -37.24
N SER J 11 -8.76 -10.29 -38.42
CA SER J 11 -9.46 -9.89 -39.67
CA SER J 11 -9.43 -9.91 -39.70
C SER J 11 -10.54 -10.93 -40.00
N SER J 12 -10.31 -12.21 -39.70
CA SER J 12 -11.32 -13.27 -39.92
C SER J 12 -12.44 -13.11 -38.89
N ASP J 13 -12.10 -12.84 -37.64
CA ASP J 13 -13.09 -12.73 -36.55
C ASP J 13 -14.06 -11.58 -36.80
N VAL J 14 -13.59 -10.42 -37.28
CA VAL J 14 -14.48 -9.25 -37.51
CA VAL J 14 -14.44 -9.23 -37.58
C VAL J 14 -15.49 -9.59 -38.62
N GLN J 15 -15.18 -10.55 -39.49
CA GLN J 15 -16.10 -11.02 -40.55
CA GLN J 15 -16.08 -11.03 -40.57
C GLN J 15 -16.95 -12.20 -40.06
N GLY J 16 -16.64 -12.76 -38.88
CA GLY J 16 -17.33 -13.96 -38.36
C GLY J 16 -16.98 -15.20 -39.18
N LYS J 17 -15.77 -15.25 -39.75
CA LYS J 17 -15.39 -16.31 -40.72
C LYS J 17 -14.36 -17.25 -40.12
N TYR J 18 -14.52 -18.53 -40.44
CA TYR J 18 -13.43 -19.50 -40.31
C TYR J 18 -12.32 -19.08 -41.29
N LEU J 19 -11.11 -19.49 -40.99
CA LEU J 19 -9.93 -19.16 -41.82
C LEU J 19 -10.14 -19.70 -43.23
N ASP J 20 -10.12 -18.82 -44.23
CA ASP J 20 -10.30 -19.17 -45.66
C ASP J 20 -8.93 -19.35 -46.30
N ASN J 21 -8.92 -19.62 -47.61
CA ASN J 21 -7.65 -19.91 -48.32
CA ASN J 21 -7.66 -19.88 -48.36
C ASN J 21 -6.69 -18.72 -48.17
N ALA J 22 -7.16 -17.48 -48.33
CA ALA J 22 -6.29 -16.29 -48.23
C ALA J 22 -5.68 -16.20 -46.84
N ALA J 23 -6.48 -16.45 -45.79
CA ALA J 23 -5.98 -16.40 -44.39
C ALA J 23 -4.91 -17.47 -44.19
N LEU J 24 -5.18 -18.69 -44.67
CA LEU J 24 -4.22 -19.81 -44.47
C LEU J 24 -2.91 -19.50 -45.22
N GLU J 25 -3.00 -18.91 -46.42
CA GLU J 25 -1.80 -18.58 -47.23
C GLU J 25 -0.99 -17.51 -46.49
N LYS J 26 -1.66 -16.53 -45.85
CA LYS J 26 -0.96 -15.47 -45.08
CA LYS J 26 -0.94 -15.48 -45.10
C LYS J 26 -0.25 -16.12 -43.88
N LEU J 27 -0.90 -17.06 -43.20
CA LEU J 27 -0.27 -17.75 -42.05
C LEU J 27 0.94 -18.55 -42.55
N LYS J 28 0.81 -19.28 -43.65
CA LYS J 28 1.95 -20.03 -44.22
C LYS J 28 3.12 -19.09 -44.53
N GLY J 29 2.82 -17.89 -45.05
CA GLY J 29 3.84 -16.88 -45.35
C GLY J 29 4.61 -16.49 -44.10
N TYR J 30 3.93 -16.34 -42.96
CA TYR J 30 4.61 -16.02 -41.68
C TYR J 30 5.42 -17.22 -41.22
N PHE J 31 4.84 -18.42 -41.24
CA PHE J 31 5.55 -19.63 -40.74
C PHE J 31 6.84 -19.84 -41.55
N ALA J 32 6.82 -19.55 -42.85
CA ALA J 32 7.98 -19.72 -43.75
C ALA J 32 9.12 -18.75 -43.38
N THR J 33 8.87 -17.70 -42.60
CA THR J 33 9.89 -16.70 -42.19
C THR J 33 10.30 -16.87 -40.71
N GLY J 34 9.58 -17.69 -39.96
CA GLY J 34 9.73 -17.73 -38.49
C GLY J 34 11.15 -18.03 -38.09
N GLU J 35 11.79 -19.01 -38.72
CA GLU J 35 13.16 -19.41 -38.32
C GLU J 35 14.11 -18.24 -38.61
N LEU J 36 13.93 -17.52 -39.73
CA LEU J 36 14.82 -16.38 -40.09
C LEU J 36 14.66 -15.28 -39.03
N ARG J 37 13.43 -15.09 -38.53
CA ARG J 37 13.19 -14.03 -37.52
C ARG J 37 13.87 -14.44 -36.22
N VAL J 38 13.76 -15.70 -35.85
CA VAL J 38 14.39 -16.22 -34.60
C VAL J 38 15.90 -16.07 -34.75
N ARG J 39 16.47 -16.41 -35.91
CA ARG J 39 17.94 -16.34 -36.11
C ARG J 39 18.38 -14.88 -35.90
N ALA J 40 17.68 -13.92 -36.49
CA ALA J 40 18.03 -12.49 -36.34
C ALA J 40 17.91 -12.08 -34.86
N ALA J 41 16.83 -12.48 -34.19
CA ALA J 41 16.59 -12.09 -32.78
C ALA J 41 17.70 -12.65 -31.89
N THR J 42 18.15 -13.88 -32.18
CA THR J 42 19.23 -14.55 -31.41
C THR J 42 20.50 -13.71 -31.54
N THR J 43 20.85 -13.31 -32.75
CA THR J 43 22.07 -12.50 -33.01
C THR J 43 21.95 -11.15 -32.29
N ILE J 44 20.80 -10.50 -32.39
CA ILE J 44 20.65 -9.16 -31.77
C ILE J 44 20.81 -9.29 -30.26
N SER J 45 20.12 -10.25 -29.65
CA SER J 45 20.17 -10.47 -28.19
C SER J 45 21.63 -10.64 -27.72
N ALA J 46 22.42 -11.41 -28.46
CA ALA J 46 23.81 -11.74 -28.08
C ALA J 46 24.71 -10.50 -28.18
N ASN J 47 24.28 -9.51 -28.95
CA ASN J 47 25.10 -8.31 -29.30
C ASN J 47 24.38 -7.03 -28.84
N ALA J 48 23.39 -7.09 -27.96
CA ALA J 48 22.50 -5.93 -27.71
C ALA J 48 23.31 -4.75 -27.15
N ALA J 49 24.16 -4.99 -26.16
CA ALA J 49 24.96 -3.90 -25.54
C ALA J 49 25.95 -3.35 -26.58
N ALA J 50 26.56 -4.23 -27.37
CA ALA J 50 27.57 -3.82 -28.38
C ALA J 50 26.93 -2.98 -29.48
N ILE J 51 25.70 -3.32 -29.88
CA ILE J 51 24.99 -2.54 -30.94
C ILE J 51 24.79 -1.11 -30.43
N VAL J 52 24.28 -0.96 -29.22
CA VAL J 52 23.99 0.38 -28.66
C VAL J 52 25.32 1.12 -28.48
N LYS J 53 26.35 0.47 -27.96
CA LYS J 53 27.68 1.11 -27.78
C LYS J 53 28.17 1.69 -29.11
N GLU J 54 28.14 0.91 -30.19
CA GLU J 54 28.69 1.36 -31.49
C GLU J 54 27.82 2.48 -32.03
N ALA J 55 26.49 2.38 -31.90
CA ALA J 55 25.58 3.43 -32.41
C ALA J 55 25.86 4.74 -31.69
N VAL J 56 26.02 4.68 -30.36
CA VAL J 56 26.29 5.90 -29.55
C VAL J 56 27.64 6.50 -29.99
N ALA J 57 28.65 5.67 -30.17
CA ALA J 57 29.99 6.13 -30.57
C ALA J 57 29.90 6.85 -31.93
N LYS J 58 29.07 6.37 -32.83
CA LYS J 58 28.97 6.88 -34.23
C LYS J 58 28.16 8.19 -34.26
N SER J 59 27.19 8.36 -33.36
CA SER J 59 26.12 9.38 -33.55
C SER J 59 26.10 10.44 -32.44
N LEU J 60 26.60 10.16 -31.25
CA LEU J 60 26.37 11.05 -30.07
C LEU J 60 27.68 11.47 -29.40
N LEU J 61 28.66 10.59 -29.25
CA LEU J 61 29.83 10.88 -28.39
C LEU J 61 30.69 12.03 -28.94
N TYR J 62 31.41 12.69 -28.03
CA TYR J 62 32.41 13.74 -28.35
C TYR J 62 31.73 14.88 -29.12
N SER J 63 30.56 15.26 -28.64
CA SER J 63 29.74 16.33 -29.23
C SER J 63 29.24 17.24 -28.11
N ASP J 64 28.58 18.30 -28.50
CA ASP J 64 27.95 19.24 -27.54
C ASP J 64 26.93 18.48 -26.68
N ILE J 65 26.37 17.38 -27.19
CA ILE J 65 25.28 16.67 -26.47
C ILE J 65 25.82 16.03 -25.20
N THR J 66 27.06 15.55 -25.16
CA THR J 66 27.63 14.88 -23.97
C THR J 66 28.38 15.84 -23.07
N ARG J 67 28.67 17.05 -23.55
CA ARG J 67 29.41 18.06 -22.76
C ARG J 67 28.42 18.84 -21.88
N PRO J 68 28.91 19.53 -20.84
CA PRO J 68 28.05 20.43 -20.05
C PRO J 68 27.19 21.32 -20.97
N GLY J 69 25.89 21.40 -20.70
CA GLY J 69 24.91 22.13 -21.52
C GLY J 69 24.15 21.22 -22.47
N GLY J 70 24.65 20.00 -22.67
CA GLY J 70 24.01 19.03 -23.56
C GLY J 70 23.09 18.10 -22.81
N MEN J 71 22.16 17.50 -23.58
CA MEN J 71 21.14 16.68 -22.91
C MEN J 71 21.61 15.33 -22.40
O MEN J 71 20.90 14.68 -21.65
CB MEN J 71 19.92 16.52 -23.82
CG MEN J 71 18.70 16.04 -23.05
OD1 MEN J 71 18.17 14.94 -23.25
ND2 MEN J 71 18.21 16.90 -22.14
CE2 MEN J 71 17.02 16.61 -21.35
N MET J 72 22.82 14.87 -22.80
CA MET J 72 23.40 13.65 -22.28
C MET J 72 24.44 13.95 -21.21
N TYR J 73 24.64 15.22 -20.83
CA TYR J 73 25.52 15.55 -19.71
C TYR J 73 24.85 15.14 -18.37
N THR J 74 25.70 14.73 -17.44
CA THR J 74 25.39 14.04 -16.15
C THR J 74 25.26 12.55 -16.43
N THR J 75 25.75 11.74 -15.51
CA THR J 75 25.67 10.27 -15.62
C THR J 75 24.20 9.86 -15.69
N ARG J 76 23.31 10.54 -14.97
CA ARG J 76 21.87 10.13 -14.97
C ARG J 76 21.31 10.27 -16.39
N ARG J 77 21.62 11.36 -17.08
CA ARG J 77 21.07 11.60 -18.44
CA ARG J 77 21.07 11.59 -18.43
C ARG J 77 21.78 10.67 -19.45
N TYR J 78 23.08 10.46 -19.30
CA TYR J 78 23.79 9.53 -20.21
C TYR J 78 23.10 8.16 -20.09
N ALA J 79 22.91 7.70 -18.86
CA ALA J 79 22.32 6.37 -18.59
C ALA J 79 20.89 6.33 -19.11
N ALA J 80 20.09 7.38 -18.94
CA ALA J 80 18.69 7.42 -19.43
C ALA J 80 18.69 7.26 -20.95
N CYS J 81 19.62 7.94 -21.61
CA CYS J 81 19.66 7.91 -23.09
C CYS J 81 20.00 6.49 -23.56
N ILE J 82 21.02 5.86 -22.99
CA ILE J 82 21.39 4.51 -23.47
C ILE J 82 20.30 3.52 -23.06
N ARG J 83 19.59 3.75 -21.94
CA ARG J 83 18.42 2.92 -21.57
C ARG J 83 17.35 3.04 -22.68
N ASP J 84 17.10 4.24 -23.18
CA ASP J 84 16.10 4.45 -24.25
C ASP J 84 16.54 3.67 -25.50
N LEU J 85 17.82 3.78 -25.87
CA LEU J 85 18.31 3.02 -27.06
C LEU J 85 18.18 1.52 -26.83
N ASP J 86 18.45 1.05 -25.61
CA ASP J 86 18.25 -0.38 -25.25
C ASP J 86 16.78 -0.75 -25.47
N TYR J 87 15.86 0.11 -25.02
CA TYR J 87 14.41 -0.11 -25.22
C TYR J 87 14.10 -0.21 -26.71
N TYR J 88 14.59 0.74 -27.52
CA TYR J 88 14.24 0.77 -28.96
C TYR J 88 14.72 -0.53 -29.61
N LEU J 89 15.92 -1.00 -29.28
CA LEU J 89 16.45 -2.23 -29.88
C LEU J 89 15.62 -3.43 -29.40
N ARG J 90 15.29 -3.50 -28.11
CA ARG J 90 14.56 -4.66 -27.57
C ARG J 90 13.16 -4.68 -28.18
N TYR J 91 12.47 -3.55 -28.26
CA TYR J 91 11.07 -3.53 -28.78
C TYR J 91 11.08 -3.73 -30.30
N ALA J 92 12.05 -3.18 -31.02
CA ALA J 92 12.13 -3.39 -32.48
C ALA J 92 12.32 -4.90 -32.73
N THR J 93 13.10 -5.57 -31.90
CA THR J 93 13.35 -7.03 -32.02
C THR J 93 12.04 -7.79 -31.78
N TYR J 94 11.27 -7.40 -30.76
CA TYR J 94 9.94 -8.01 -30.54
C TYR J 94 9.08 -7.82 -31.79
N ALA J 95 9.02 -6.61 -32.33
CA ALA J 95 8.15 -6.28 -33.49
C ALA J 95 8.58 -7.14 -34.68
N MET J 96 9.87 -7.34 -34.86
CA MET J 96 10.40 -8.15 -35.97
C MET J 96 9.99 -9.62 -35.76
N LEU J 97 10.07 -10.15 -34.54
CA LEU J 97 9.62 -11.53 -34.26
C LEU J 97 8.13 -11.63 -34.57
N ALA J 98 7.36 -10.62 -34.20
CA ALA J 98 5.88 -10.60 -34.37
C ALA J 98 5.52 -10.40 -35.85
N GLY J 99 6.41 -9.81 -36.66
CA GLY J 99 6.09 -9.31 -38.01
C GLY J 99 4.98 -8.28 -37.99
N ASP J 100 4.95 -7.42 -36.97
CA ASP J 100 3.85 -6.45 -36.78
C ASP J 100 4.32 -5.32 -35.88
N PRO J 101 4.09 -4.04 -36.23
CA PRO J 101 4.57 -2.92 -35.42
C PRO J 101 3.64 -2.51 -34.27
N SER J 102 2.50 -3.19 -34.08
CA SER J 102 1.47 -2.73 -33.11
C SER J 102 2.07 -2.60 -31.69
N ILE J 103 2.97 -3.48 -31.30
CA ILE J 103 3.62 -3.42 -29.96
C ILE J 103 4.31 -2.06 -29.80
N LEU J 104 4.83 -1.47 -30.88
CA LEU J 104 5.55 -0.19 -30.80
C LEU J 104 4.55 0.92 -30.45
N ASP J 105 3.37 0.94 -31.05
CA ASP J 105 2.34 1.96 -30.72
C ASP J 105 1.89 1.78 -29.28
N GLU J 106 1.72 0.52 -28.84
CA GLU J 106 1.08 0.22 -27.54
CA GLU J 106 1.08 0.19 -27.54
C GLU J 106 2.07 0.44 -26.39
N ARG J 107 3.34 0.06 -26.58
CA ARG J 107 4.30 -0.02 -25.44
C ARG J 107 5.44 0.97 -25.57
N VAL J 108 5.66 1.57 -26.73
CA VAL J 108 6.82 2.49 -26.91
C VAL J 108 6.36 3.92 -27.17
N LEU J 109 5.49 4.14 -28.15
CA LEU J 109 5.29 5.48 -28.75
C LEU J 109 4.19 6.28 -28.05
N ASN J 110 3.32 5.65 -27.27
CA ASN J 110 2.12 6.34 -26.71
C ASN J 110 2.60 7.43 -25.75
N GLY J 111 2.54 8.69 -26.18
CA GLY J 111 2.93 9.87 -25.37
C GLY J 111 4.42 10.13 -25.39
N LEU J 112 5.20 9.40 -26.19
CA LEU J 112 6.68 9.51 -26.11
C LEU J 112 7.16 10.85 -26.66
N LYS J 113 6.69 11.26 -27.83
CA LYS J 113 7.08 12.58 -28.43
C LYS J 113 6.79 13.67 -27.39
N GLU J 114 5.63 13.61 -26.73
CA GLU J 114 5.18 14.65 -25.78
C GLU J 114 6.11 14.63 -24.57
N THR J 115 6.51 13.44 -24.10
CA THR J 115 7.44 13.28 -22.96
C THR J 115 8.79 13.91 -23.32
N TYR J 116 9.35 13.54 -24.46
CA TYR J 116 10.64 14.09 -24.91
C TYR J 116 10.55 15.62 -25.01
N ASN J 117 9.48 16.14 -25.62
CA ASN J 117 9.34 17.61 -25.84
C ASN J 117 9.25 18.30 -24.46
N SER J 118 8.53 17.73 -23.50
CA SER J 118 8.34 18.35 -22.16
CA SER J 118 8.34 18.35 -22.16
C SER J 118 9.66 18.36 -21.39
N LEU J 119 10.50 17.34 -21.58
CA LEU J 119 11.79 17.20 -20.84
C LEU J 119 12.93 17.92 -21.55
N GLY J 120 12.75 18.26 -22.84
CA GLY J 120 13.84 18.86 -23.64
C GLY J 120 14.81 17.82 -24.16
N VAL J 121 14.36 16.59 -24.37
CA VAL J 121 15.19 15.54 -25.02
C VAL J 121 15.18 15.86 -26.50
N PRO J 122 16.35 16.01 -27.16
CA PRO J 122 16.36 16.35 -28.58
C PRO J 122 15.96 15.14 -29.45
N VAL J 123 14.87 15.30 -30.17
CA VAL J 123 14.31 14.23 -31.03
C VAL J 123 15.23 14.04 -32.25
N GLY J 124 15.76 15.12 -32.83
CA GLY J 124 16.67 14.99 -33.99
C GLY J 124 17.83 14.04 -33.69
N ALA J 125 18.50 14.27 -32.57
CA ALA J 125 19.65 13.44 -32.13
C ALA J 125 19.17 12.01 -31.87
N THR J 126 18.00 11.84 -31.27
CA THR J 126 17.46 10.48 -30.98
C THR J 126 17.27 9.74 -32.30
N VAL J 127 16.68 10.40 -33.28
CA VAL J 127 16.43 9.77 -34.61
C VAL J 127 17.77 9.42 -35.27
N GLN J 128 18.78 10.27 -35.13
CA GLN J 128 20.14 9.98 -35.69
C GLN J 128 20.70 8.74 -34.99
N ALA J 129 20.52 8.60 -33.68
CA ALA J 129 21.02 7.45 -32.91
C ALA J 129 20.27 6.19 -33.38
N ILE J 130 18.96 6.28 -33.58
CA ILE J 130 18.20 5.09 -34.05
C ILE J 130 18.67 4.68 -35.45
N GLN J 131 18.95 5.65 -36.31
CA GLN J 131 19.50 5.36 -37.68
C GLN J 131 20.83 4.61 -37.50
N ALA J 132 21.67 5.01 -36.57
CA ALA J 132 22.96 4.34 -36.32
C ALA J 132 22.70 2.91 -35.80
N ILE J 133 21.72 2.73 -34.91
CA ILE J 133 21.38 1.37 -34.42
C ILE J 133 20.95 0.52 -35.63
N LYS J 134 20.13 1.08 -36.52
CA LYS J 134 19.66 0.34 -37.72
C LYS J 134 20.87 -0.14 -38.53
N GLU J 135 21.85 0.71 -38.76
CA GLU J 135 23.02 0.39 -39.59
C GLU J 135 23.86 -0.69 -38.89
N VAL J 136 24.11 -0.54 -37.60
CA VAL J 136 24.97 -1.50 -36.85
C VAL J 136 24.23 -2.85 -36.82
N THR J 137 22.92 -2.84 -36.55
CA THR J 137 22.12 -4.09 -36.51
C THR J 137 22.22 -4.79 -37.87
N ALA J 138 22.04 -4.06 -38.97
CA ALA J 138 22.05 -4.62 -40.34
C ALA J 138 23.41 -5.29 -40.61
N SER J 139 24.51 -4.71 -40.11
CA SER J 139 25.86 -5.27 -40.29
C SER J 139 25.96 -6.67 -39.66
N LEU J 140 25.20 -6.91 -38.58
CA LEU J 140 25.28 -8.20 -37.82
C LEU J 140 24.29 -9.22 -38.36
N VAL J 141 23.08 -8.81 -38.74
CA VAL J 141 22.00 -9.77 -39.07
C VAL J 141 21.89 -10.01 -40.58
N GLY J 142 22.59 -9.24 -41.40
CA GLY J 142 22.60 -9.39 -42.86
C GLY J 142 21.49 -8.57 -43.52
N PRO J 143 21.50 -8.44 -44.86
CA PRO J 143 20.67 -7.45 -45.55
C PRO J 143 19.16 -7.64 -45.37
N ASP J 144 18.67 -8.88 -45.51
CA ASP J 144 17.19 -9.09 -45.45
C ASP J 144 16.67 -8.81 -44.03
N ALA J 145 17.33 -9.37 -43.02
CA ALA J 145 16.92 -9.14 -41.62
C ALA J 145 17.17 -7.68 -41.26
N GLY J 146 18.20 -7.07 -41.81
CA GLY J 146 18.51 -5.65 -41.56
CA GLY J 146 18.50 -5.65 -41.55
C GLY J 146 17.40 -4.76 -42.09
N LYS J 147 16.87 -5.10 -43.26
CA LYS J 147 15.76 -4.33 -43.88
C LYS J 147 14.51 -4.48 -43.00
N GLU J 148 14.23 -5.70 -42.54
CA GLU J 148 13.03 -5.96 -41.72
C GLU J 148 13.18 -5.22 -40.38
N MET J 149 14.33 -5.31 -39.73
CA MET J 149 14.57 -4.53 -38.49
C MET J 149 14.41 -3.04 -38.79
N GLY J 150 14.86 -2.59 -39.96
CA GLY J 150 14.76 -1.19 -40.37
C GLY J 150 13.33 -0.71 -40.43
N VAL J 151 12.40 -1.56 -40.82
CA VAL J 151 10.95 -1.19 -40.84
C VAL J 151 10.57 -0.73 -39.43
N TYR J 152 10.99 -1.45 -38.40
CA TYR J 152 10.56 -1.18 -37.00
C TYR J 152 11.35 0.00 -36.43
N PHE J 153 12.64 0.12 -36.74
CA PHE J 153 13.42 1.31 -36.31
C PHE J 153 12.80 2.55 -36.93
N ASP J 154 12.45 2.51 -38.22
CA ASP J 154 11.84 3.65 -38.93
C ASP J 154 10.46 3.95 -38.33
N TYR J 155 9.72 2.92 -37.92
CA TYR J 155 8.38 3.07 -37.31
C TYR J 155 8.51 3.87 -36.01
N ILE J 156 9.51 3.54 -35.20
CA ILE J 156 9.78 4.26 -33.92
C ILE J 156 10.16 5.71 -34.27
N CYS J 157 11.09 5.91 -35.20
CA CYS J 157 11.51 7.27 -35.57
C CYS J 157 10.36 8.12 -36.07
N SER J 158 9.53 7.59 -36.96
CA SER J 158 8.33 8.29 -37.50
C SER J 158 7.42 8.68 -36.34
N GLY J 159 7.30 7.80 -35.34
CA GLY J 159 6.42 8.03 -34.18
C GLY J 159 6.93 9.15 -33.30
N LEU J 160 8.22 9.49 -33.39
CA LEU J 160 8.83 10.59 -32.61
C LEU J 160 8.70 11.93 -33.33
N SER J 161 8.42 11.92 -34.63
CA SER J 161 8.52 13.08 -35.54
C SER J 161 7.14 13.71 -35.73
N SER K 1 22.11 20.44 -0.36
CA SER K 1 22.85 20.79 0.87
C SER K 1 22.04 20.36 2.11
N ILE K 2 22.63 20.47 3.30
CA ILE K 2 21.90 20.14 4.56
C ILE K 2 20.68 21.05 4.69
N VAL K 3 20.73 22.25 4.13
CA VAL K 3 19.56 23.18 4.16
C VAL K 3 18.40 22.56 3.36
N THR K 4 18.64 22.16 2.12
CA THR K 4 17.60 21.54 1.28
C THR K 4 17.13 20.22 1.93
N LYS K 5 18.05 19.39 2.42
CA LYS K 5 17.67 18.07 3.01
C LYS K 5 16.71 18.32 4.18
N SER K 6 17.02 19.30 5.03
CA SER K 6 16.20 19.64 6.22
C SER K 6 14.81 20.11 5.77
N ILE K 7 14.76 20.98 4.76
CA ILE K 7 13.48 21.52 4.24
C ILE K 7 12.64 20.37 3.64
N VAL K 8 13.26 19.51 2.85
CA VAL K 8 12.54 18.39 2.18
C VAL K 8 11.95 17.46 3.26
N ASN K 9 12.72 17.15 4.30
CA ASN K 9 12.30 16.25 5.39
C ASN K 9 11.13 16.91 6.14
N ALA K 10 11.22 18.20 6.45
CA ALA K 10 10.17 18.93 7.17
C ALA K 10 8.90 19.00 6.33
N ASP K 11 9.04 19.28 5.04
CA ASP K 11 7.88 19.41 4.13
C ASP K 11 7.17 18.06 4.04
N ALA K 12 7.90 16.96 4.03
CA ALA K 12 7.31 15.60 3.93
C ALA K 12 6.41 15.33 5.13
N GLU K 13 6.65 15.99 6.26
CA GLU K 13 5.88 15.84 7.52
C GLU K 13 5.03 17.09 7.78
N ALA K 14 4.86 17.95 6.78
CA ALA K 14 3.96 19.14 6.80
C ALA K 14 4.27 19.98 8.04
N ARG K 15 5.55 20.20 8.34
CA ARG K 15 5.95 20.85 9.61
C ARG K 15 7.05 21.88 9.39
N TYR K 16 7.25 22.75 10.36
CA TYR K 16 8.46 23.61 10.43
C TYR K 16 9.66 22.70 10.70
N LEU K 17 10.86 23.17 10.36
CA LEU K 17 12.10 22.45 10.72
C LEU K 17 12.11 22.23 12.23
N SER K 18 12.66 21.11 12.67
CA SER K 18 12.85 20.79 14.09
C SER K 18 13.99 21.63 14.65
N PRO K 19 14.07 21.83 15.97
CA PRO K 19 15.24 22.50 16.55
C PRO K 19 16.56 21.81 16.14
N GLY K 20 16.57 20.48 16.04
CA GLY K 20 17.75 19.72 15.62
C GLY K 20 18.16 20.04 14.19
N GLU K 21 17.20 20.16 13.29
CA GLU K 21 17.46 20.52 11.87
C GLU K 21 18.03 21.94 11.81
N LEU K 22 17.45 22.85 12.57
CA LEU K 22 17.93 24.25 12.58
C LEU K 22 19.35 24.32 13.16
N ASP K 23 19.64 23.54 14.19
CA ASP K 23 20.99 23.49 14.81
CA ASP K 23 20.99 23.44 14.82
C ASP K 23 22.00 22.97 13.77
N ARG K 24 21.61 21.96 13.00
CA ARG K 24 22.47 21.37 11.93
C ARG K 24 22.78 22.45 10.89
N ILE K 25 21.79 23.28 10.53
CA ILE K 25 22.02 24.39 9.55
C ILE K 25 22.99 25.41 10.18
N LYS K 26 22.82 25.74 11.45
CA LYS K 26 23.71 26.73 12.14
C LYS K 26 25.15 26.20 12.10
N SER K 27 25.36 24.92 12.43
CA SER K 27 26.70 24.30 12.46
C SER K 27 27.30 24.32 11.05
N PHE K 28 26.47 23.99 10.05
CA PHE K 28 26.88 23.98 8.64
C PHE K 28 27.36 25.38 8.21
N VAL K 29 26.57 26.40 8.47
CA VAL K 29 26.94 27.77 7.96
C VAL K 29 28.14 28.31 8.74
N SER K 30 28.31 27.96 10.02
CA SER K 30 29.47 28.42 10.82
C SER K 30 30.77 27.85 10.23
N GLY K 31 30.73 26.68 9.60
CA GLY K 31 31.89 26.07 8.90
C GLY K 31 32.11 26.56 7.47
N GLY K 32 31.27 27.46 6.95
CA GLY K 32 31.26 27.84 5.52
C GLY K 32 32.61 28.33 5.04
N ALA K 33 33.23 29.25 5.77
CA ALA K 33 34.53 29.85 5.37
C ALA K 33 35.57 28.75 5.20
N GLN K 34 35.59 27.78 6.11
CA GLN K 34 36.58 26.66 6.10
C GLN K 34 36.29 25.77 4.88
N ARG K 35 35.03 25.48 4.57
CA ARG K 35 34.64 24.68 3.38
C ARG K 35 35.11 25.40 2.13
N LEU K 36 34.90 26.71 2.04
CA LEU K 36 35.31 27.49 0.83
C LEU K 36 36.83 27.41 0.69
N ARG K 37 37.58 27.45 1.79
CA ARG K 37 39.05 27.36 1.74
CA ARG K 37 39.06 27.35 1.77
C ARG K 37 39.49 25.98 1.19
N ILE K 38 38.84 24.92 1.67
CA ILE K 38 39.18 23.54 1.20
C ILE K 38 38.88 23.47 -0.29
N ALA K 39 37.71 23.92 -0.72
CA ALA K 39 37.31 23.86 -2.16
C ALA K 39 38.33 24.65 -2.97
N GLN K 40 38.80 25.79 -2.46
CA GLN K 40 39.73 26.65 -3.23
C GLN K 40 41.09 25.98 -3.41
N VAL K 41 41.56 25.24 -2.40
CA VAL K 41 42.86 24.50 -2.50
C VAL K 41 42.71 23.46 -3.62
N LEU K 42 41.62 22.72 -3.65
CA LEU K 42 41.44 21.67 -4.68
C LEU K 42 41.35 22.34 -6.06
N THR K 43 40.58 23.43 -6.16
CA THR K 43 40.40 24.17 -7.43
C THR K 43 41.75 24.67 -7.92
N ASP K 44 42.52 25.30 -7.05
CA ASP K 44 43.79 25.96 -7.44
C ASP K 44 44.82 24.91 -7.87
N ASN K 45 44.73 23.69 -7.34
CA ASN K 45 45.73 22.62 -7.59
C ASN K 45 45.17 21.56 -8.54
N ARG K 46 44.09 21.85 -9.25
CA ARG K 46 43.35 20.82 -10.02
C ARG K 46 44.24 20.15 -11.07
N GLU K 47 45.11 20.90 -11.75
CA GLU K 47 45.93 20.30 -12.84
CA GLU K 47 45.96 20.32 -12.83
C GLU K 47 46.87 19.25 -12.23
N ARG K 48 47.56 19.58 -11.15
CA ARG K 48 48.53 18.65 -10.52
CA ARG K 48 48.53 18.63 -10.56
CA ARG K 48 48.53 18.67 -10.48
C ARG K 48 47.79 17.48 -9.87
N ILE K 49 46.63 17.73 -9.22
CA ILE K 49 45.88 16.62 -8.57
C ILE K 49 45.50 15.59 -9.64
N VAL K 50 44.95 16.05 -10.76
CA VAL K 50 44.48 15.13 -11.83
C VAL K 50 45.70 14.44 -12.49
N LYS K 51 46.74 15.20 -12.81
CA LYS K 51 47.93 14.65 -13.51
C LYS K 51 48.58 13.57 -12.64
N GLN K 52 48.82 13.86 -11.36
CA GLN K 52 49.53 12.93 -10.47
C GLN K 52 48.63 11.73 -10.18
N ALA K 53 47.32 11.94 -10.04
CA ALA K 53 46.38 10.83 -9.80
C ALA K 53 46.41 9.90 -11.01
N GLY K 54 46.41 10.44 -12.22
CA GLY K 54 46.46 9.64 -13.45
C GLY K 54 47.72 8.76 -13.47
N ASP K 55 48.86 9.38 -13.16
CA ASP K 55 50.15 8.66 -13.13
C ASP K 55 50.07 7.49 -12.12
N GLN K 56 49.56 7.75 -10.92
CA GLN K 56 49.45 6.72 -9.86
C GLN K 56 48.52 5.61 -10.34
N LEU K 57 47.38 5.98 -10.92
CA LEU K 57 46.38 4.99 -11.38
C LEU K 57 47.07 4.08 -12.41
N PHE K 58 47.78 4.61 -13.39
N PHE K 58 47.84 4.75 -13.34
CA PHE K 58 48.16 3.68 -14.48
CA PHE K 58 48.56 4.30 -14.59
C PHE K 58 49.08 2.57 -13.94
C PHE K 58 49.97 3.71 -14.31
N GLN K 59 49.74 2.82 -12.80
N GLN K 59 50.68 4.22 -13.30
CA GLN K 59 50.66 1.83 -12.19
CA GLN K 59 51.88 3.52 -12.76
C GLN K 59 49.84 0.69 -11.55
C GLN K 59 51.34 2.22 -12.12
N LYS K 60 48.72 1.00 -10.91
N LYS K 60 50.20 2.33 -11.44
CA LYS K 60 47.85 0.01 -10.23
CA LYS K 60 49.57 1.20 -10.71
C LYS K 60 47.01 -0.77 -11.24
C LYS K 60 48.79 0.31 -11.69
N ARG K 61 46.64 -0.15 -12.36
N ARG K 61 48.23 0.88 -12.76
CA ARG K 61 45.70 -0.74 -13.35
CA ARG K 61 47.37 0.15 -13.74
C ARG K 61 46.35 -0.70 -14.73
C ARG K 61 47.86 0.41 -15.15
N PRO K 62 47.47 -1.42 -14.94
N PRO K 62 49.09 0.01 -15.52
CA PRO K 62 48.16 -1.40 -16.22
CA PRO K 62 49.62 0.32 -16.84
C PRO K 62 47.27 -1.85 -17.37
C PRO K 62 48.77 -0.35 -17.93
N ASP K 63 46.25 -2.65 -17.07
N ASP K 63 47.98 -1.37 -17.58
CA ASP K 63 45.34 -3.22 -18.09
CA ASP K 63 47.14 -2.10 -18.59
C ASP K 63 44.69 -2.08 -18.87
C ASP K 63 46.19 -1.11 -19.26
N VAL K 64 44.30 -0.97 -18.20
N VAL K 64 45.71 -0.08 -18.55
CA VAL K 64 43.43 0.04 -18.86
CA VAL K 64 44.66 0.83 -19.10
C VAL K 64 44.27 0.83 -19.86
C VAL K 64 45.26 1.73 -20.19
N VAL K 65 45.60 0.86 -19.71
N VAL K 65 46.57 1.93 -20.20
CA VAL K 65 46.49 1.65 -20.61
CA VAL K 65 47.24 2.81 -21.20
C VAL K 65 47.40 0.70 -21.40
C VAL K 65 48.10 1.97 -22.16
N SER K 66 47.04 -0.58 -21.43
N SER K 66 47.88 0.64 -22.17
CA SER K 66 47.73 -1.59 -22.25
CA SER K 66 48.49 -0.37 -23.08
C SER K 66 46.91 -1.79 -23.50
C SER K 66 47.42 -0.91 -24.04
N PRO K 67 47.52 -2.24 -24.62
N PRO K 67 47.77 -1.68 -25.11
CA PRO K 67 46.74 -2.48 -25.84
CA PRO K 67 46.75 -2.26 -26.01
C PRO K 67 45.49 -3.31 -25.51
C PRO K 67 45.55 -3.07 -25.43
N GLY K 68 44.34 -2.91 -26.07
CA GLY K 68 43.03 -3.46 -25.69
C GLY K 68 42.41 -2.73 -24.51
N GLY K 69 43.18 -1.89 -23.84
CA GLY K 69 42.74 -1.12 -22.66
C GLY K 69 41.88 0.05 -23.04
N ASN K 70 40.95 0.41 -22.17
CA ASN K 70 39.94 1.48 -22.47
C ASN K 70 40.65 2.83 -22.71
N ALA K 71 41.77 3.09 -22.02
CA ALA K 71 42.48 4.38 -22.07
C ALA K 71 43.74 4.30 -22.95
N TYR K 72 43.86 3.25 -23.78
CA TYR K 72 45.06 3.08 -24.64
C TYR K 72 45.19 4.26 -25.61
N GLY K 73 46.37 4.87 -25.65
CA GLY K 73 46.70 5.91 -26.63
C GLY K 73 46.51 7.30 -26.07
N GLN K 74 47.12 8.29 -26.74
CA GLN K 74 47.18 9.68 -26.25
C GLN K 74 45.76 10.22 -26.06
N GLU K 75 44.89 10.05 -27.06
CA GLU K 75 43.53 10.69 -27.03
C GLU K 75 42.70 10.06 -25.91
N MET K 76 42.69 8.74 -25.78
CA MET K 76 41.86 8.05 -24.76
C MET K 76 42.41 8.36 -23.37
N THR K 77 43.73 8.43 -23.22
CA THR K 77 44.33 8.79 -21.91
C THR K 77 43.90 10.22 -21.55
N ALA K 78 43.90 11.14 -22.50
CA ALA K 78 43.46 12.54 -22.24
C ALA K 78 41.99 12.53 -21.79
N THR K 79 41.14 11.71 -22.43
CA THR K 79 39.71 11.64 -22.05
C THR K 79 39.58 11.08 -20.62
N CYS K 80 40.42 10.11 -20.26
CA CYS K 80 40.44 9.54 -18.90
C CYS K 80 40.73 10.66 -17.89
N LEU K 81 41.74 11.48 -18.13
CA LEU K 81 42.08 12.58 -17.20
C LEU K 81 40.95 13.62 -17.22
N ARG K 82 40.27 13.82 -18.35
CA ARG K 82 39.09 14.71 -18.44
C ARG K 82 38.05 14.24 -17.43
N ASP K 83 37.79 12.93 -17.38
CA ASP K 83 36.80 12.38 -16.42
C ASP K 83 37.28 12.60 -14.98
N LEU K 84 38.55 12.40 -14.68
CA LEU K 84 39.05 12.61 -13.31
C LEU K 84 38.85 14.09 -12.94
N ASP K 85 39.08 14.99 -13.89
CA ASP K 85 38.87 16.44 -13.65
C ASP K 85 37.38 16.71 -13.37
N TYR K 86 36.48 16.04 -14.09
CA TYR K 86 35.03 16.16 -13.78
C TYR K 86 34.81 15.79 -12.31
N TYR K 87 35.32 14.65 -11.85
CA TYR K 87 35.06 14.15 -10.48
C TYR K 87 35.68 15.08 -9.45
N LEU K 88 36.86 15.63 -9.72
CA LEU K 88 37.44 16.60 -8.76
C LEU K 88 36.52 17.81 -8.63
N ARG K 89 36.02 18.30 -9.76
CA ARG K 89 35.09 19.46 -9.75
C ARG K 89 33.87 19.10 -8.89
N LEU K 90 33.30 17.91 -9.08
CA LEU K 90 32.11 17.53 -8.30
C LEU K 90 32.46 17.44 -6.81
N VAL K 91 33.65 16.94 -6.47
CA VAL K 91 34.06 16.86 -5.05
C VAL K 91 34.08 18.28 -4.46
N THR K 92 34.54 19.28 -5.19
CA THR K 92 34.53 20.67 -4.67
C THR K 92 33.09 21.11 -4.40
N TYR K 93 32.15 20.74 -5.25
CA TYR K 93 30.72 21.09 -5.04
C TYR K 93 30.21 20.44 -3.76
N GLY K 94 30.52 19.16 -3.54
CA GLY K 94 30.08 18.44 -2.32
C GLY K 94 30.63 19.10 -1.08
N ILE K 95 31.89 19.48 -1.10
CA ILE K 95 32.54 20.15 0.05
C ILE K 95 31.77 21.43 0.39
N VAL K 96 31.45 22.28 -0.59
CA VAL K 96 30.77 23.57 -0.28
C VAL K 96 29.34 23.30 0.16
N ALA K 97 28.69 22.24 -0.33
CA ALA K 97 27.29 21.92 -0.01
C ALA K 97 27.18 21.21 1.36
N GLY K 98 28.27 20.65 1.87
CA GLY K 98 28.26 19.86 3.10
C GLY K 98 27.50 18.55 2.96
N ASP K 99 27.31 18.06 1.74
CA ASP K 99 26.78 16.69 1.54
C ASP K 99 27.01 16.25 0.12
N VAL K 100 26.77 14.96 -0.11
CA VAL K 100 27.18 14.30 -1.38
C VAL K 100 26.15 14.56 -2.49
N THR K 101 25.01 15.20 -2.20
CA THR K 101 23.90 15.27 -3.17
C THR K 101 24.37 15.83 -4.52
N PRO K 102 25.16 16.93 -4.62
CA PRO K 102 25.53 17.41 -5.95
C PRO K 102 26.35 16.38 -6.74
N ILE K 103 27.19 15.64 -6.02
CA ILE K 103 28.01 14.57 -6.63
C ILE K 103 27.08 13.48 -7.13
N GLU K 104 26.15 13.06 -6.29
CA GLU K 104 25.18 11.99 -6.63
C GLU K 104 24.44 12.37 -7.90
N GLU K 105 23.85 13.57 -7.93
CA GLU K 105 22.92 14.02 -8.99
C GLU K 105 23.66 14.21 -10.31
N ILE K 106 24.94 14.60 -10.27
CA ILE K 106 25.68 14.94 -11.51
C ILE K 106 26.48 13.73 -12.00
N GLY K 107 27.13 13.01 -11.10
CA GLY K 107 28.19 12.05 -11.45
C GLY K 107 27.99 10.63 -10.97
N ILE K 108 26.98 10.32 -10.15
CA ILE K 108 26.85 8.94 -9.60
C ILE K 108 25.61 8.22 -10.11
N VAL K 109 24.43 8.85 -10.12
CA VAL K 109 23.22 8.13 -10.64
C VAL K 109 23.55 7.71 -12.08
N GLY K 110 23.42 6.43 -12.39
CA GLY K 110 23.65 5.91 -13.75
C GLY K 110 25.12 5.72 -14.09
N VAL K 111 26.05 5.96 -13.17
CA VAL K 111 27.50 5.93 -13.52
C VAL K 111 27.90 4.53 -13.97
N ARG K 112 27.40 3.49 -13.32
CA ARG K 112 27.77 2.07 -13.66
C ARG K 112 27.28 1.78 -15.08
N GLU K 113 26.07 2.23 -15.42
CA GLU K 113 25.47 2.00 -16.75
C GLU K 113 26.32 2.71 -17.81
N MET K 114 26.71 3.94 -17.57
CA MET K 114 27.50 4.73 -18.54
CA MET K 114 27.52 4.73 -18.54
C MET K 114 28.84 4.01 -18.77
N TYR K 115 29.59 3.74 -17.71
CA TYR K 115 30.95 3.17 -17.89
C TYR K 115 30.86 1.74 -18.45
N LYS K 116 29.82 0.99 -18.08
CA LYS K 116 29.67 -0.38 -18.63
C LYS K 116 29.52 -0.28 -20.16
N SER K 117 28.68 0.63 -20.63
CA SER K 117 28.44 0.83 -22.09
C SER K 117 29.75 1.20 -22.77
N LEU K 118 30.52 2.11 -22.17
CA LEU K 118 31.79 2.60 -22.76
C LEU K 118 32.91 1.53 -22.69
N GLY K 119 32.75 0.51 -21.84
CA GLY K 119 33.78 -0.53 -21.64
C GLY K 119 34.87 -0.07 -20.72
N THR K 120 34.62 0.97 -19.92
CA THR K 120 35.58 1.52 -18.95
C THR K 120 35.51 0.69 -17.68
N PRO K 121 36.63 0.14 -17.18
CA PRO K 121 36.60 -0.62 -15.93
C PRO K 121 36.39 0.34 -14.76
N ILE K 122 35.22 0.26 -14.15
CA ILE K 122 34.82 1.28 -13.15
C ILE K 122 35.69 1.13 -11.89
N ASP K 123 36.25 -0.06 -11.61
CA ASP K 123 37.22 -0.26 -10.50
C ASP K 123 38.42 0.67 -10.70
N ALA K 124 38.84 0.89 -11.95
CA ALA K 124 40.01 1.73 -12.28
C ALA K 124 39.60 3.19 -12.17
N VAL K 125 38.36 3.54 -12.50
CA VAL K 125 37.89 4.94 -12.30
C VAL K 125 37.96 5.20 -10.80
N ALA K 126 37.46 4.29 -9.97
CA ALA K 126 37.48 4.41 -8.50
C ALA K 126 38.93 4.58 -8.04
N GLY K 127 39.87 3.82 -8.61
CA GLY K 127 41.29 3.93 -8.28
C GLY K 127 41.83 5.32 -8.59
N GLY K 128 41.42 5.91 -9.71
CA GLY K 128 41.83 7.28 -10.08
C GLY K 128 41.31 8.28 -9.08
N VAL K 129 40.07 8.11 -8.64
CA VAL K 129 39.48 9.04 -7.64
C VAL K 129 40.20 8.84 -6.31
N ALA K 130 40.50 7.61 -5.90
CA ALA K 130 41.26 7.32 -4.67
C ALA K 130 42.64 7.96 -4.77
N ALA K 131 43.26 7.98 -5.95
CA ALA K 131 44.59 8.60 -6.14
C ALA K 131 44.45 10.11 -5.99
N MET K 132 43.38 10.72 -6.50
CA MET K 132 43.15 12.18 -6.33
CA MET K 132 43.15 12.18 -6.33
C MET K 132 43.02 12.49 -4.84
N LYS K 133 42.34 11.63 -4.08
CA LYS K 133 42.16 11.82 -2.62
C LYS K 133 43.54 11.94 -1.99
N SER K 134 44.44 11.02 -2.34
CA SER K 134 45.79 10.92 -1.73
C SER K 134 46.61 12.17 -2.10
N VAL K 135 46.51 12.65 -3.34
CA VAL K 135 47.27 13.86 -3.78
C VAL K 135 46.70 15.09 -3.07
N ALA K 136 45.37 15.23 -3.04
CA ALA K 136 44.69 16.38 -2.43
C ALA K 136 45.03 16.41 -0.93
N ALA K 137 45.08 15.26 -0.27
CA ALA K 137 45.29 15.14 1.19
C ALA K 137 46.63 15.79 1.54
N GLY K 138 47.63 15.70 0.66
CA GLY K 138 48.96 16.30 0.86
C GLY K 138 48.92 17.83 0.91
N LEU K 139 47.84 18.45 0.45
CA LEU K 139 47.68 19.93 0.37
C LEU K 139 46.82 20.43 1.54
N LEU K 140 46.33 19.55 2.40
CA LEU K 140 45.29 19.86 3.42
C LEU K 140 45.77 19.46 4.82
N SER K 141 45.30 20.17 5.84
CA SER K 141 45.44 19.78 7.26
C SER K 141 44.76 18.42 7.46
N ALA K 142 45.09 17.70 8.52
CA ALA K 142 44.45 16.41 8.87
C ALA K 142 42.94 16.60 8.96
N GLU K 143 42.47 17.67 9.61
CA GLU K 143 41.03 17.97 9.79
C GLU K 143 40.39 18.21 8.42
N ASP K 144 41.01 19.06 7.59
CA ASP K 144 40.45 19.41 6.25
C ASP K 144 40.47 18.19 5.33
N ALA K 145 41.50 17.34 5.42
CA ALA K 145 41.61 16.10 4.62
C ALA K 145 40.51 15.14 5.05
N GLY K 146 40.16 15.10 6.33
CA GLY K 146 39.06 14.27 6.83
C GLY K 146 37.75 14.69 6.19
N GLU K 147 37.50 15.99 6.10
CA GLU K 147 36.25 16.53 5.51
C GLU K 147 36.25 16.24 4.00
N ALA K 148 37.29 16.63 3.29
CA ALA K 148 37.37 16.41 1.83
C ALA K 148 37.28 14.90 1.52
N GLY K 149 37.92 14.09 2.36
CA GLY K 149 38.03 12.64 2.21
C GLY K 149 36.69 11.96 2.16
N ALA K 150 35.70 12.43 2.92
CA ALA K 150 34.33 11.86 2.94
C ALA K 150 33.76 11.90 1.52
N TYR K 151 34.02 12.96 0.77
CA TYR K 151 33.44 13.18 -0.58
C TYR K 151 34.16 12.30 -1.59
N PHE K 152 35.49 12.22 -1.51
CA PHE K 152 36.25 11.26 -2.34
C PHE K 152 35.79 9.83 -2.02
N ASP K 153 35.63 9.50 -0.73
CA ASP K 153 35.26 8.13 -0.30
C ASP K 153 33.88 7.80 -0.84
N TYR K 154 32.97 8.77 -0.85
CA TYR K 154 31.60 8.53 -1.37
C TYR K 154 31.70 8.07 -2.82
N VAL K 155 32.50 8.78 -3.62
CA VAL K 155 32.64 8.49 -5.06
C VAL K 155 33.27 7.11 -5.23
N VAL K 156 34.35 6.84 -4.53
CA VAL K 156 35.08 5.53 -4.61
C VAL K 156 34.11 4.41 -4.26
N GLY K 157 33.35 4.54 -3.17
CA GLY K 157 32.42 3.48 -2.73
C GLY K 157 31.29 3.28 -3.71
N ALA K 158 30.85 4.34 -4.39
CA ALA K 158 29.72 4.27 -5.35
C ALA K 158 30.16 3.55 -6.63
N MET K 159 31.47 3.46 -6.87
CA MET K 159 32.04 2.85 -8.09
C MET K 159 32.59 1.45 -7.80
N GLN K 160 32.55 0.97 -6.54
CA GLN K 160 33.27 -0.28 -6.11
C GLN K 160 32.26 -1.39 -5.88
N MET L 1 13.68 21.41 -5.50
CA MET L 1 14.01 22.79 -5.08
C MET L 1 15.52 22.99 -5.12
N GLN L 2 15.93 24.25 -5.19
CA GLN L 2 17.35 24.64 -4.97
C GLN L 2 17.36 25.60 -3.76
N ASP L 3 18.46 25.58 -3.02
CA ASP L 3 18.82 26.66 -2.07
C ASP L 3 19.90 27.55 -2.70
N ALA L 4 20.30 28.59 -2.00
CA ALA L 4 21.27 29.58 -2.53
C ALA L 4 22.56 28.87 -2.90
N ILE L 5 22.95 27.84 -2.14
CA ILE L 5 24.23 27.11 -2.39
C ILE L 5 24.06 26.27 -3.67
N THR L 6 23.00 25.48 -3.74
CA THR L 6 22.80 24.53 -4.87
CA THR L 6 22.85 24.53 -4.88
C THR L 6 22.55 25.31 -6.16
N SER L 7 21.94 26.48 -6.09
CA SER L 7 21.70 27.33 -7.29
CA SER L 7 21.70 27.33 -7.29
C SER L 7 23.05 27.71 -7.88
N VAL L 8 24.01 28.06 -7.03
CA VAL L 8 25.36 28.44 -7.49
C VAL L 8 26.04 27.21 -8.09
N ILE L 9 26.01 26.09 -7.39
CA ILE L 9 26.65 24.84 -7.87
C ILE L 9 26.07 24.52 -9.26
N ASN L 10 24.76 24.58 -9.40
CA ASN L 10 24.09 24.14 -10.65
C ASN L 10 24.49 25.09 -11.79
N SER L 11 24.59 26.39 -11.53
CA SER L 11 24.92 27.37 -12.60
C SER L 11 26.38 27.15 -13.03
N SER L 12 27.26 26.75 -12.10
CA SER L 12 28.68 26.44 -12.42
C SER L 12 28.73 25.13 -13.21
N ASP L 13 27.97 24.13 -12.76
CA ASP L 13 28.00 22.78 -13.37
C ASP L 13 27.56 22.85 -14.83
N VAL L 14 26.54 23.60 -15.18
CA VAL L 14 26.01 23.62 -16.56
C VAL L 14 27.08 24.22 -17.49
N GLN L 15 28.01 25.02 -16.94
CA GLN L 15 29.13 25.61 -17.70
CA GLN L 15 29.14 25.63 -17.67
C GLN L 15 30.35 24.69 -17.68
N GLY L 16 30.33 23.63 -16.89
CA GLY L 16 31.49 22.74 -16.68
C GLY L 16 32.62 23.43 -15.93
N LYS L 17 32.28 24.37 -15.04
CA LYS L 17 33.30 25.24 -14.39
C LYS L 17 33.44 24.91 -12.91
N TYR L 18 34.66 24.98 -12.43
CA TYR L 18 34.92 25.10 -10.98
C TYR L 18 34.33 26.43 -10.52
N LEU L 19 34.05 26.51 -9.23
CA LEU L 19 33.47 27.74 -8.65
C LEU L 19 34.43 28.91 -8.87
N ASP L 20 33.97 29.95 -9.58
CA ASP L 20 34.78 31.16 -9.86
C ASP L 20 34.56 32.22 -8.78
N ASN L 21 35.22 33.36 -8.91
CA ASN L 21 35.17 34.39 -7.85
C ASN L 21 33.72 34.83 -7.62
N ALA L 22 32.94 35.06 -8.68
CA ALA L 22 31.53 35.51 -8.55
C ALA L 22 30.72 34.46 -7.78
N ALA L 23 30.93 33.18 -8.08
CA ALA L 23 30.19 32.08 -7.41
C ALA L 23 30.58 32.05 -5.93
N LEU L 24 31.87 32.15 -5.63
CA LEU L 24 32.38 32.09 -4.24
C LEU L 24 31.80 33.27 -3.45
N GLU L 25 31.67 34.46 -4.06
CA GLU L 25 31.10 35.64 -3.39
C GLU L 25 29.63 35.35 -3.00
N LYS L 26 28.87 34.72 -3.89
CA LYS L 26 27.45 34.39 -3.58
C LYS L 26 27.41 33.38 -2.43
N LEU L 27 28.30 32.38 -2.43
CA LEU L 27 28.32 31.38 -1.33
C LEU L 27 28.65 32.07 -0.01
N LYS L 28 29.68 32.94 -0.01
CA LYS L 28 30.07 33.67 1.21
C LYS L 28 28.88 34.48 1.73
N GLY L 29 28.13 35.10 0.81
CA GLY L 29 26.97 35.94 1.16
C GLY L 29 25.93 35.12 1.90
N TYR L 30 25.71 33.88 1.47
CA TYR L 30 24.73 33.00 2.11
C TYR L 30 25.25 32.60 3.50
N PHE L 31 26.49 32.15 3.58
CA PHE L 31 27.06 31.66 4.86
C PHE L 31 27.03 32.77 5.92
N ALA L 32 27.27 34.02 5.49
CA ALA L 32 27.31 35.17 6.41
C ALA L 32 25.93 35.46 6.99
N THR L 33 24.85 34.95 6.39
CA THR L 33 23.45 35.25 6.81
C THR L 33 22.76 34.04 7.46
N GLY L 34 23.39 32.86 7.40
CA GLY L 34 22.67 31.62 7.72
C GLY L 34 22.11 31.65 9.12
N GLU L 35 22.92 32.12 10.09
CA GLU L 35 22.47 32.12 11.50
C GLU L 35 21.26 33.06 11.65
N LEU L 36 21.26 34.21 10.95
CA LEU L 36 20.13 35.17 11.04
C LEU L 36 18.86 34.52 10.48
N ARG L 37 18.99 33.70 9.44
CA ARG L 37 17.83 33.03 8.83
C ARG L 37 17.29 32.01 9.84
N VAL L 38 18.17 31.26 10.49
CA VAL L 38 17.75 30.25 11.50
C VAL L 38 17.04 30.98 12.65
N ARG L 39 17.58 32.11 13.10
CA ARG L 39 16.97 32.87 14.23
CA ARG L 39 17.00 32.95 14.20
C ARG L 39 15.55 33.28 13.84
N ALA L 40 15.37 33.82 12.63
CA ALA L 40 14.03 34.23 12.15
C ALA L 40 13.10 33.02 12.08
N ALA L 41 13.56 31.91 11.54
CA ALA L 41 12.73 30.70 11.37
C ALA L 41 12.29 30.18 12.74
N THR L 42 13.16 30.24 13.74
CA THR L 42 12.85 29.78 15.12
C THR L 42 11.69 30.63 15.66
N THR L 43 11.78 31.95 15.50
CA THR L 43 10.75 32.88 15.99
C THR L 43 9.43 32.63 15.26
N ILE L 44 9.47 32.47 13.94
CA ILE L 44 8.23 32.30 13.15
C ILE L 44 7.56 31.00 13.59
N SER L 45 8.31 29.92 13.70
CA SER L 45 7.77 28.59 14.09
C SER L 45 7.01 28.72 15.42
N ALA L 46 7.60 29.42 16.38
CA ALA L 46 7.05 29.52 17.75
C ALA L 46 5.76 30.35 17.75
N ASN L 47 5.54 31.17 16.73
CA ASN L 47 4.45 32.17 16.66
C ASN L 47 3.56 31.96 15.43
N ALA L 48 3.64 30.79 14.77
CA ALA L 48 3.01 30.64 13.44
C ALA L 48 1.49 30.84 13.53
N ALA L 49 0.83 30.21 14.49
CA ALA L 49 -0.63 30.32 14.65
C ALA L 49 -1.02 31.77 14.96
N ALA L 50 -0.25 32.44 15.82
CA ALA L 50 -0.55 33.82 16.24
C ALA L 50 -0.40 34.78 15.06
N ILE L 51 0.59 34.55 14.20
CA ILE L 51 0.81 35.43 13.02
C ILE L 51 -0.44 35.36 12.12
N VAL L 52 -0.90 34.15 11.82
CA VAL L 52 -2.07 33.98 10.93
C VAL L 52 -3.31 34.59 11.61
N LYS L 53 -3.50 34.32 12.91
CA LYS L 53 -4.66 34.87 13.64
C LYS L 53 -4.70 36.41 13.48
N GLU L 54 -3.59 37.09 13.73
CA GLU L 54 -3.57 38.57 13.69
CA GLU L 54 -3.58 38.58 13.69
C GLU L 54 -3.81 39.05 12.25
N ALA L 55 -3.20 38.38 11.26
CA ALA L 55 -3.37 38.78 9.86
C ALA L 55 -4.86 38.66 9.46
N VAL L 56 -5.49 37.55 9.86
CA VAL L 56 -6.92 37.30 9.52
C VAL L 56 -7.79 38.40 10.17
N ALA L 57 -7.50 38.72 11.43
CA ALA L 57 -8.29 39.73 12.15
C ALA L 57 -8.17 41.08 11.43
N LYS L 58 -7.00 41.39 10.89
CA LYS L 58 -6.71 42.70 10.25
C LYS L 58 -7.35 42.79 8.86
N SER L 59 -7.46 41.67 8.13
CA SER L 59 -7.69 41.71 6.66
C SER L 59 -9.00 41.04 6.21
N LEU L 60 -9.57 40.12 6.99
CA LEU L 60 -10.69 39.28 6.50
C LEU L 60 -11.94 39.36 7.38
N LEU L 61 -11.78 39.39 8.71
CA LEU L 61 -12.95 39.20 9.60
C LEU L 61 -13.91 40.40 9.52
N TYR L 62 -15.16 40.13 9.90
CA TYR L 62 -16.22 41.17 10.07
C TYR L 62 -16.45 41.86 8.73
N SER L 63 -16.51 41.06 7.69
CA SER L 63 -16.72 41.55 6.31
C SER L 63 -17.68 40.61 5.60
N ASP L 64 -18.06 40.99 4.39
CA ASP L 64 -18.91 40.14 3.52
C ASP L 64 -18.25 38.78 3.32
N ILE L 65 -16.92 38.68 3.40
N ILE L 65 -16.91 38.70 3.36
CA ILE L 65 -16.25 37.39 3.05
CA ILE L 65 -16.13 37.45 3.11
C ILE L 65 -16.59 36.31 4.10
C ILE L 65 -16.55 36.34 4.10
N THR L 66 -16.80 36.67 5.36
CA THR L 66 -17.09 35.68 6.43
C THR L 66 -18.60 35.52 6.65
N ARG L 67 -19.40 36.41 6.09
CA ARG L 67 -20.89 36.36 6.22
C ARG L 67 -21.43 35.36 5.20
N PRO L 68 -22.65 34.83 5.41
CA PRO L 68 -23.31 33.97 4.44
C PRO L 68 -23.18 34.49 3.00
N GLY L 69 -22.73 33.62 2.08
CA GLY L 69 -22.51 33.99 0.67
C GLY L 69 -21.07 34.34 0.38
N GLY L 70 -20.28 34.63 1.42
CA GLY L 70 -18.85 34.94 1.27
C GLY L 70 -18.01 33.65 1.21
N MEN L 71 -16.83 33.77 0.61
CA MEN L 71 -16.02 32.57 0.39
C MEN L 71 -15.38 31.98 1.65
O MEN L 71 -14.91 30.85 1.60
CB MEN L 71 -14.96 32.81 -0.67
CG MEN L 71 -14.37 31.48 -1.21
OD1 MEN L 71 -13.20 31.09 -1.06
ND2 MEN L 71 -15.21 30.72 -1.90
CE2 MEN L 71 -14.77 29.46 -2.52
N MET L 72 -15.38 32.72 2.78
CA MET L 72 -14.91 32.16 4.05
C MET L 72 -16.08 31.73 4.95
N TYR L 73 -17.31 31.83 4.46
CA TYR L 73 -18.49 31.35 5.21
C TYR L 73 -18.51 29.81 5.14
N THR L 74 -19.00 29.21 6.20
CA THR L 74 -18.98 27.79 6.59
C THR L 74 -17.65 27.52 7.31
N THR L 75 -17.70 26.68 8.33
CA THR L 75 -16.48 26.31 9.09
C THR L 75 -15.48 25.64 8.14
N ARG L 76 -15.95 24.86 7.16
CA ARG L 76 -15.02 24.15 6.25
C ARG L 76 -14.20 25.18 5.47
N ARG L 77 -14.84 26.22 4.95
CA ARG L 77 -14.13 27.23 4.13
CA ARG L 77 -14.14 27.24 4.12
C ARG L 77 -13.27 28.12 5.03
N TYR L 78 -13.74 28.45 6.23
CA TYR L 78 -12.90 29.24 7.16
C TYR L 78 -11.60 28.47 7.41
N ALA L 79 -11.75 27.18 7.74
CA ALA L 79 -10.60 26.31 8.06
C ALA L 79 -9.69 26.17 6.82
N ALA L 80 -10.25 26.03 5.64
CA ALA L 80 -9.45 25.89 4.39
C ALA L 80 -8.63 27.16 4.19
N CYS L 81 -9.23 28.32 4.42
CA CYS L 81 -8.54 29.60 4.20
C CYS L 81 -7.39 29.74 5.19
N ILE L 82 -7.61 29.48 6.48
CA ILE L 82 -6.49 29.64 7.45
CA ILE L 82 -6.54 29.56 7.53
C ILE L 82 -5.45 28.55 7.17
N ARG L 83 -5.84 27.37 6.70
CA ARG L 83 -4.86 26.33 6.28
C ARG L 83 -3.98 26.89 5.15
N ASP L 84 -4.57 27.57 4.17
CA ASP L 84 -3.81 28.17 3.06
C ASP L 84 -2.81 29.20 3.62
N LEU L 85 -3.27 30.06 4.52
CA LEU L 85 -2.36 31.07 5.11
C LEU L 85 -1.25 30.37 5.91
N ASP L 86 -1.56 29.28 6.61
CA ASP L 86 -0.54 28.48 7.34
C ASP L 86 0.49 27.96 6.31
N TYR L 87 0.03 27.47 5.17
CA TYR L 87 0.93 27.00 4.08
C TYR L 87 1.82 28.16 3.63
N TYR L 88 1.25 29.32 3.33
CA TYR L 88 2.03 30.45 2.80
C TYR L 88 3.14 30.82 3.80
N LEU L 89 2.81 30.86 5.09
CA LEU L 89 3.82 31.21 6.11
C LEU L 89 4.89 30.11 6.20
N ARG L 90 4.49 28.84 6.21
CA ARG L 90 5.44 27.72 6.37
C ARG L 90 6.37 27.70 5.14
N TYR L 91 5.83 27.87 3.93
CA TYR L 91 6.66 27.77 2.72
C TYR L 91 7.51 29.03 2.56
N ALA L 92 7.00 30.20 2.90
CA ALA L 92 7.82 31.43 2.84
C ALA L 92 9.02 31.26 3.80
N THR L 93 8.81 30.62 4.94
CA THR L 93 9.88 30.38 5.94
C THR L 93 10.92 29.43 5.33
N TYR L 94 10.49 28.37 4.68
CA TYR L 94 11.44 27.47 3.96
C TYR L 94 12.24 28.29 2.95
N ALA L 95 11.59 29.10 2.13
CA ALA L 95 12.25 29.86 1.04
C ALA L 95 13.27 30.82 1.67
N MET L 96 12.92 31.43 2.81
CA MET L 96 13.85 32.34 3.50
C MET L 96 15.05 31.56 4.04
N LEU L 97 14.87 30.36 4.60
CA LEU L 97 16.00 29.53 5.08
C LEU L 97 16.88 29.17 3.88
N ALA L 98 16.27 28.86 2.74
CA ALA L 98 16.99 28.44 1.52
C ALA L 98 17.65 29.64 0.85
N GLY L 99 17.19 30.87 1.11
CA GLY L 99 17.58 32.06 0.33
C GLY L 99 17.26 31.92 -1.15
N ASP L 100 16.15 31.28 -1.50
CA ASP L 100 15.82 30.95 -2.91
C ASP L 100 14.33 30.68 -3.01
N PRO L 101 13.61 31.25 -3.99
CA PRO L 101 12.16 31.06 -4.09
C PRO L 101 11.73 29.80 -4.84
N SER L 102 12.67 28.98 -5.34
CA SER L 102 12.33 27.84 -6.23
C SER L 102 11.32 26.90 -5.54
N ILE L 103 11.42 26.67 -4.23
CA ILE L 103 10.45 25.81 -3.51
C ILE L 103 9.03 26.35 -3.71
N LEU L 104 8.86 27.65 -3.83
CA LEU L 104 7.50 28.27 -3.97
C LEU L 104 6.93 27.89 -5.35
N ASP L 105 7.75 27.92 -6.41
CA ASP L 105 7.26 27.53 -7.76
C ASP L 105 6.93 26.04 -7.77
N GLU L 106 7.75 25.23 -7.12
CA GLU L 106 7.66 23.75 -7.22
C GLU L 106 6.48 23.25 -6.36
N ARG L 107 6.32 23.78 -5.15
CA ARG L 107 5.45 23.15 -4.13
C ARG L 107 4.26 24.03 -3.78
N VAL L 108 4.24 25.31 -4.16
CA VAL L 108 3.09 26.19 -3.77
C VAL L 108 2.31 26.64 -5.00
N LEU L 109 2.98 27.20 -6.01
CA LEU L 109 2.30 27.99 -7.06
C LEU L 109 1.86 27.13 -8.26
N ASN L 110 2.42 25.93 -8.44
CA ASN L 110 2.16 25.10 -9.64
C ASN L 110 0.68 24.71 -9.67
N GLY L 111 -0.11 25.37 -10.51
CA GLY L 111 -1.54 25.10 -10.68
C GLY L 111 -2.41 25.82 -9.65
N LEU L 112 -1.83 26.68 -8.83
CA LEU L 112 -2.60 27.28 -7.72
C LEU L 112 -3.62 28.30 -8.24
N LYS L 113 -3.22 29.20 -9.11
CA LYS L 113 -4.14 30.20 -9.71
C LYS L 113 -5.34 29.46 -10.32
N GLU L 114 -5.07 28.37 -11.02
CA GLU L 114 -6.12 27.60 -11.74
C GLU L 114 -7.06 26.96 -10.71
N THR L 115 -6.51 26.44 -9.62
CA THR L 115 -7.30 25.84 -8.51
C THR L 115 -8.21 26.90 -7.90
N TYR L 116 -7.65 28.05 -7.53
CA TYR L 116 -8.43 29.16 -6.93
C TYR L 116 -9.54 29.59 -7.89
N ASN L 117 -9.22 29.74 -9.18
CA ASN L 117 -10.22 30.21 -10.17
CA ASN L 117 -10.21 30.21 -10.18
C ASN L 117 -11.34 29.17 -10.30
N SER L 118 -11.01 27.88 -10.30
CA SER L 118 -12.02 26.79 -10.48
C SER L 118 -12.95 26.74 -9.26
N LEU L 119 -12.43 27.05 -8.07
CA LEU L 119 -13.20 26.95 -6.80
C LEU L 119 -13.91 28.27 -6.47
N GLY L 120 -13.52 29.37 -7.10
CA GLY L 120 -14.05 30.71 -6.78
C GLY L 120 -13.40 31.30 -5.54
N VAL L 121 -12.16 30.94 -5.23
CA VAL L 121 -11.43 31.54 -4.10
C VAL L 121 -10.96 32.92 -4.56
N PRO L 122 -11.31 34.01 -3.82
CA PRO L 122 -10.94 35.34 -4.27
C PRO L 122 -9.44 35.64 -4.07
N VAL L 123 -8.76 35.92 -5.18
CA VAL L 123 -7.30 36.19 -5.17
C VAL L 123 -7.02 37.53 -4.48
N GLY L 124 -7.82 38.56 -4.75
CA GLY L 124 -7.57 39.89 -4.15
C GLY L 124 -7.56 39.80 -2.63
N ALA L 125 -8.55 39.14 -2.04
CA ALA L 125 -8.64 38.99 -0.56
C ALA L 125 -7.45 38.16 -0.06
N THR L 126 -7.05 37.12 -0.81
CA THR L 126 -5.90 36.30 -0.39
C THR L 126 -4.64 37.19 -0.36
N VAL L 127 -4.45 38.01 -1.39
CA VAL L 127 -3.25 38.90 -1.48
C VAL L 127 -3.28 39.90 -0.30
N GLN L 128 -4.47 40.40 0.07
CA GLN L 128 -4.58 41.33 1.23
C GLN L 128 -4.15 40.59 2.50
N ALA L 129 -4.59 39.33 2.66
CA ALA L 129 -4.24 38.54 3.84
C ALA L 129 -2.73 38.29 3.88
N ILE L 130 -2.12 37.97 2.73
CA ILE L 130 -0.65 37.72 2.69
C ILE L 130 0.10 39.01 3.07
N GLN L 131 -0.38 40.17 2.60
CA GLN L 131 0.22 41.47 2.97
CA GLN L 131 0.24 41.47 2.97
C GLN L 131 0.17 41.62 4.50
N ALA L 132 -0.96 41.25 5.11
CA ALA L 132 -1.11 41.36 6.58
C ALA L 132 -0.15 40.39 7.27
N ILE L 133 0.03 39.18 6.73
CA ILE L 133 1.00 38.22 7.32
C ILE L 133 2.40 38.83 7.25
N LYS L 134 2.74 39.47 6.13
CA LYS L 134 4.07 40.10 5.95
C LYS L 134 4.28 41.14 7.06
N GLU L 135 3.27 41.98 7.33
CA GLU L 135 3.40 43.07 8.33
C GLU L 135 3.54 42.46 9.74
N VAL L 136 2.71 41.48 10.08
CA VAL L 136 2.75 40.84 11.42
C VAL L 136 4.09 40.13 11.60
N THR L 137 4.54 39.41 10.58
CA THR L 137 5.82 38.67 10.66
C THR L 137 6.96 39.67 10.91
N ALA L 138 6.99 40.78 10.16
CA ALA L 138 8.06 41.79 10.29
C ALA L 138 8.08 42.37 11.72
N SER L 139 6.93 42.53 12.35
CA SER L 139 6.85 43.05 13.73
C SER L 139 7.56 42.09 14.71
N LEU L 140 7.58 40.79 14.40
CA LEU L 140 8.14 39.76 15.32
CA LEU L 140 8.13 39.74 15.29
C LEU L 140 9.62 39.50 15.02
N VAL L 141 10.02 39.48 13.74
CA VAL L 141 11.40 39.02 13.39
C VAL L 141 12.34 40.21 13.16
N GLY L 142 11.83 41.44 13.14
CA GLY L 142 12.65 42.65 13.00
C GLY L 142 12.74 43.06 11.54
N PRO L 143 13.21 44.29 11.27
CA PRO L 143 13.15 44.86 9.91
C PRO L 143 13.89 44.05 8.85
N ASP L 144 15.12 43.58 9.12
CA ASP L 144 15.92 42.93 8.06
C ASP L 144 15.27 41.59 7.69
N ALA L 145 14.95 40.77 8.68
CA ALA L 145 14.30 39.47 8.45
C ALA L 145 12.90 39.71 7.87
N GLY L 146 12.22 40.76 8.29
CA GLY L 146 10.89 41.10 7.77
C GLY L 146 10.92 41.42 6.29
N LYS L 147 11.96 42.15 5.89
CA LYS L 147 12.14 42.50 4.46
C LYS L 147 12.40 41.21 3.65
N GLU L 148 13.26 40.34 4.17
CA GLU L 148 13.62 39.08 3.47
C GLU L 148 12.37 38.19 3.38
N MET L 149 11.63 38.01 4.46
CA MET L 149 10.36 37.24 4.41
C MET L 149 9.42 37.89 3.40
N GLY L 150 9.40 39.23 3.34
CA GLY L 150 8.53 39.98 2.40
C GLY L 150 8.79 39.61 0.96
N VAL L 151 10.05 39.34 0.62
CA VAL L 151 10.39 38.93 -0.77
C VAL L 151 9.55 37.68 -1.12
N TYR L 152 9.49 36.72 -0.22
CA TYR L 152 8.85 35.40 -0.49
C TYR L 152 7.32 35.56 -0.40
N PHE L 153 6.80 36.35 0.53
CA PHE L 153 5.34 36.63 0.57
C PHE L 153 4.89 37.28 -0.76
N ASP L 154 5.65 38.28 -1.22
CA ASP L 154 5.34 38.99 -2.48
C ASP L 154 5.45 38.02 -3.68
N TYR L 155 6.40 37.10 -3.63
CA TYR L 155 6.59 36.08 -4.70
C TYR L 155 5.34 35.20 -4.82
N ILE L 156 4.78 34.80 -3.68
CA ILE L 156 3.54 33.98 -3.65
C ILE L 156 2.39 34.83 -4.20
N CYS L 157 2.22 36.05 -3.71
CA CYS L 157 1.12 36.91 -4.22
C CYS L 157 1.18 37.12 -5.73
N SER L 158 2.37 37.43 -6.24
CA SER L 158 2.59 37.63 -7.70
C SER L 158 2.18 36.36 -8.45
N GLY L 159 2.49 35.20 -7.88
CA GLY L 159 2.22 33.90 -8.50
C GLY L 159 0.74 33.60 -8.57
N LEU L 160 -0.09 34.27 -7.75
CA LEU L 160 -1.56 34.09 -7.76
C LEU L 160 -2.22 34.96 -8.82
N SER L 161 -1.55 36.02 -9.25
CA SER L 161 -2.14 37.08 -10.10
C SER L 161 -1.86 36.80 -11.58
CHA CYC M . -27.00 -33.16 -0.97
NA CYC M . -27.08 -30.96 0.14
C1A CYC M . -26.55 -32.21 -0.03
C2A CYC M . -25.46 -32.43 0.89
C3A CYC M . -25.33 -31.28 1.63
C4A CYC M . -26.36 -30.36 1.14
CMA CYC M . -24.31 -31.09 2.72
CAA CYC M . -24.66 -33.70 0.98
CBA CYC M . -25.36 -34.81 1.77
CGA CYC M . -25.29 -34.59 3.27
O1A CYC M . -24.26 -34.97 3.88
O2A CYC M . -26.25 -34.03 3.83
CHB CYC M . -26.64 -29.02 1.53
NB CYC M . -25.31 -28.29 3.55
C1B CYC M . -26.25 -28.15 2.56
C2B CYC M . -26.81 -26.85 2.67
C3B CYC M . -26.24 -26.21 3.72
C4B CYC M . -25.21 -27.13 4.28
CMB CYC M . -27.88 -26.24 1.80
CAB CYC M . -26.50 -24.84 4.28
CBB CYC M . -27.50 -24.80 5.42
OB CYC M . -24.44 -26.96 5.21
NC CYC M . -31.11 -32.09 -5.91
C1C CYC M . -31.79 -31.69 -7.02
C2C CYC M . -32.74 -30.58 -6.64
C3C CYC M . -32.30 -30.20 -5.22
C4C CYC M . -31.34 -31.27 -4.79
CMC CYC M . -32.73 -29.45 -7.65
CAC CYC M . -33.45 -29.94 -4.23
CBC CYC M . -34.16 -28.64 -4.53
OC CYC M . -31.66 -32.15 -8.15
CHD CYC M . -30.78 -31.41 -3.56
ND CYC M . -28.87 -32.07 -2.16
C1D CYC M . -29.84 -32.37 -3.07
C2D CYC M . -29.64 -33.75 -3.38
C3D CYC M . -28.57 -34.22 -2.63
C4D CYC M . -28.08 -33.14 -1.86
CMD CYC M . -30.51 -34.58 -4.27
CAD CYC M . -28.02 -35.61 -2.62
CBD CYC M . -27.04 -35.88 -3.77
CGD CYC M . -26.28 -37.20 -3.73
O1D CYC M . -25.84 -37.70 -4.82
O2D CYC M . -26.09 -37.76 -2.64
O1 PG4 N . -11.22 -3.71 16.67
C1 PG4 N . -11.44 -2.51 15.98
C2 PG4 N . -10.19 -1.72 15.77
O2 PG4 N . -10.05 -1.35 14.41
C3 PG4 N . -9.13 -0.28 14.23
C4 PG4 N . -9.83 1.02 14.43
O3 PG4 N . -10.84 0.85 15.41
C5 PG4 N . -11.09 2.02 16.17
C6 PG4 N . -10.14 2.05 17.29
O4 PG4 N . -10.50 0.98 18.16
C7 PG4 N . -9.51 0.71 19.14
C8 PG4 N . -8.17 0.60 18.53
O5 PG4 N . -7.60 -0.65 18.80
CHA CYC O . -0.72 1.78 27.00
NA CYC O . -2.93 0.82 26.48
C1A CYC O . -1.59 0.96 26.25
C2A CYC O . -1.19 0.16 25.10
C3A CYC O . -2.31 -0.46 24.67
C4A CYC O . -3.42 0.04 25.47
CMA CYC O . -2.35 -1.55 23.63
CAA CYC O . 0.20 0.03 24.54
CBA CYC O . 0.38 0.77 23.21
CGA CYC O . 0.02 2.25 23.27
O1A CYC O . -0.90 2.64 22.53
O2A CYC O . 0.66 3.00 24.02
CHB CYC O . -4.78 -0.28 25.35
NB CYC O . -5.10 -0.37 22.93
C1B CYC O . -5.54 -0.53 24.24
C2B CYC O . -6.87 -0.99 24.21
C3B CYC O . -7.22 -1.22 22.92
C4B CYC O . -6.12 -0.67 22.06
CMB CYC O . -7.77 -1.28 25.37
CAB CYC O . -8.45 -1.87 22.37
CBB CYC O . -9.58 -0.87 22.22
OB CYC O . -6.10 -0.53 20.86
NC CYC O . -1.84 4.15 33.13
C1C CYC O . -2.19 4.47 34.42
C2C CYC O . -3.69 4.49 34.54
C3C CYC O . -4.20 4.00 33.17
C4C CYC O . -2.95 3.94 32.33
CMC CYC O . -4.18 3.69 35.75
CAC CYC O . -5.37 4.77 32.58
CBC CYC O . -6.65 4.55 33.38
OC CYC O . -1.40 4.67 35.34
CHD CYC O . -2.97 3.57 30.99
ND CYC O . -2.05 2.55 28.97
C1D CYC O . -1.89 3.39 30.03
C2D CYC O . -0.57 3.94 29.93
C3D CYC O . 0.00 3.40 28.80
C4D CYC O . -0.93 2.52 28.18
CMD CYC O . 0.04 4.98 30.83
CAD CYC O . 1.35 3.72 28.23
CBD CYC O . 2.43 2.84 28.83
CGD CYC O . 3.81 3.14 28.27
O1D CYC O . 4.66 3.59 29.02
O2D CYC O . 4.01 2.94 27.06
N LYS P . -3.46 -5.73 23.20
CA LYS P . -4.18 -4.67 22.44
CA LYS P . -4.19 -4.66 22.45
C LYS P . -5.64 -5.09 22.26
O LYS P . -6.15 -5.15 21.14
CB LYS P . -3.49 -4.40 21.11
CB LYS P . -3.53 -4.41 21.09
CG LYS P . -4.09 -3.27 20.29
CG LYS P . -3.94 -3.11 20.40
CD LYS P . -3.06 -2.49 19.51
CD LYS P . -2.85 -2.44 19.59
CE LYS P . -3.12 -1.00 19.80
CE LYS P . -2.93 -0.94 19.64
NZ LYS P . -4.24 -0.34 19.08
NZ LYS P . -1.62 -0.32 19.93
OXT LYS P . -6.37 -5.35 23.21
C1 MPD Q . -33.69 -1.68 29.00
C2 MPD Q . -32.32 -1.85 29.64
O2 MPD Q . -32.41 -1.27 30.95
CM MPD Q . -31.96 -3.31 29.79
C3 MPD Q . -31.25 -1.09 28.84
C4 MPD Q . -31.62 0.35 28.60
O4 MPD Q . -31.99 0.96 29.83
C5 MPD Q . -30.54 1.17 27.96
OH2 1PE R . -27.74 4.96 39.32
C12 1PE R . -28.43 5.64 38.29
C22 1PE R . -28.34 7.15 38.34
OH3 1PE R . -29.06 7.68 37.24
C13 1PE R . -30.60 9.73 37.09
C23 1PE R . -29.22 9.12 37.38
OH4 1PE R . -30.57 10.70 36.01
C14 1PE R . -31.32 10.71 33.63
C24 1PE R . -31.72 10.67 35.13
OH5 1PE R . -32.40 10.65 32.66
C15 1PE R . -33.41 9.49 30.73
C25 1PE R . -32.73 9.37 32.09
OH6 1PE R . -33.92 8.25 30.19
C16 1PE R . -35.89 8.65 31.55
C26 1PE R . -34.95 7.62 30.96
OH7 1PE R . -36.62 8.08 32.65
C1 PEG S . -39.05 6.33 27.97
O1 PEG S . -39.58 7.63 27.79
C2 PEG S . -38.57 6.08 29.37
O2 PEG S . -38.63 4.67 29.62
C3 PEG S . -37.89 4.28 30.77
C4 PEG S . -36.41 4.25 30.47
O4 PEG S . -35.73 3.17 31.09
C1 PEG T . -35.71 3.88 37.87
O1 PEG T . -35.11 2.79 38.54
C2 PEG T . -36.52 3.45 36.69
O2 PEG T . -37.27 4.56 36.20
C3 PEG T . -36.88 4.95 34.89
C4 PEG T . -38.09 5.34 34.10
O4 PEG T . -37.86 6.47 33.28
C1 EDO U . -22.77 18.71 27.30
O1 EDO U . -24.11 18.22 27.30
C2 EDO U . -22.56 20.11 27.76
O2 EDO U . -21.73 20.91 26.90
C1 PEG V . -31.94 14.30 24.65
O1 PEG V . -32.03 14.75 25.98
C2 PEG V . -33.09 14.72 23.80
O2 PEG V . -33.02 14.06 22.53
C3 PEG V . -33.29 12.67 22.63
C4 PEG V . -32.74 11.90 21.44
O4 PEG V . -32.68 10.48 21.72
CHA CYC W . -3.53 20.10 36.17
NA CYC W . -1.44 19.50 35.03
C1A CYC W . -2.52 19.21 35.79
C2A CYC W . -2.53 17.78 36.11
C3A CYC W . -1.40 17.25 35.53
C4A CYC W . -0.71 18.36 34.87
CMA CYC W . -1.02 15.80 35.57
CAA CYC W . -3.60 17.09 36.89
CBA CYC W . -3.44 17.21 38.41
CGA CYC W . -2.35 16.29 38.94
O1A CYC W . -2.64 15.11 39.13
O2A CYC W . -1.19 16.74 39.08
CHB CYC W . 0.51 18.41 34.14
NB CYC W . 1.67 16.18 34.00
C1B CYC W . 1.54 17.54 33.75
C2B CYC W . 2.70 17.94 32.99
C3B CYC W . 3.46 16.83 32.77
C4B CYC W . 2.79 15.67 33.41
CMB CYC W . 3.03 19.32 32.50
CAB CYC W . 4.78 16.72 32.06
CBB CYC W . 5.94 16.99 33.01
OB CYC W . 3.14 14.49 33.45
NC CYC W . -4.31 26.27 34.30
C1C CYC W . -4.52 27.47 33.68
C2C CYC W . -3.18 28.05 33.32
C3C CYC W . -2.19 26.91 33.60
C4C CYC W . -3.01 25.86 34.32
CMC CYC W . -3.18 28.61 31.91
CAC CYC W . -0.86 27.26 34.26
CBC CYC W . 0.05 28.08 33.37
OC CYC W . -5.63 27.95 33.41
CHD CYC W . -2.54 24.69 34.82
ND CYC W . -2.84 22.32 35.32
C1D CYC W . -3.23 23.63 35.46
C2D CYC W . -4.34 23.64 36.37
C3D CYC W . -4.59 22.33 36.71
C4D CYC W . -3.64 21.48 36.05
CMD CYC W . -5.05 24.85 36.91
CAD CYC W . -5.66 21.83 37.67
CBD CYC W . -7.02 21.66 36.99
CGD CYC W . -8.11 21.03 37.86
O1D CYC W . -9.30 21.36 37.64
O2D CYC W . -7.78 20.19 38.72
O1 P6G X . 24.65 41.85 42.84
C2 P6G X . 23.87 41.76 41.65
C3 P6G X . 23.07 43.05 41.47
O4 P6G X . 23.78 43.94 40.63
C5 P6G X . 22.93 44.52 39.63
C6 P6G X . 23.48 44.25 38.25
O7 P6G X . 22.55 44.74 37.29
C8 P6G X . 22.76 44.18 35.99
C9 P6G X . 22.07 42.82 35.90
O10 P6G X . 22.16 42.60 34.52
C11 P6G X . 22.87 41.25 34.31
C12 P6G X . 22.02 39.98 34.18
O13 P6G X . 22.87 38.84 34.05
C14 P6G X . 23.88 39.07 33.07
C15 P6G X . 24.98 38.01 33.19
O16 P6G X . 25.23 37.72 34.57
C17 P6G X . 26.33 36.83 34.73
C18 P6G X . 27.25 37.32 35.83
O19 P6G X . 28.47 37.79 35.25
O1 PG4 Y . 16.48 41.17 43.20
C1 PG4 Y . 16.02 42.35 42.56
C2 PG4 Y . 15.36 42.06 41.26
O2 PG4 Y . 15.63 43.11 40.34
C3 PG4 Y . 15.86 42.64 39.02
C4 PG4 Y . 16.72 41.40 39.06
O3 PG4 Y . 17.22 41.12 37.76
C5 PG4 Y . 18.63 41.31 37.66
C6 PG4 Y . 19.33 40.00 37.76
O4 PG4 Y . 19.88 39.64 36.49
C7 PG4 Y . 21.16 39.03 36.60
C8 PG4 Y . 21.53 38.83 38.03
O5 PG4 Y . 21.26 37.50 38.47
C1 PEG Z . 30.86 21.94 14.98
O1 PEG Z . 30.39 21.66 13.67
C2 PEG Z . 29.95 22.83 15.72
O2 PEG Z . 28.63 22.31 15.68
C3 PEG Z . 27.88 22.56 16.86
C4 PEG Z . 27.15 21.31 17.26
O4 PEG Z . 27.19 21.03 18.64
C1 EDO AA . -1.22 28.00 48.28
O1 EDO AA . -0.92 29.00 47.31
C2 EDO AA . -1.80 26.75 47.75
O2 EDO AA . -3.16 26.46 48.06
C1 EDO BA . -11.09 29.35 28.39
O1 EDO BA . -11.00 27.92 28.47
C2 EDO BA . -9.87 30.10 28.05
O2 EDO BA . -9.63 30.30 26.65
CHA CYC CA . 21.58 -14.58 8.89
NA CYC CA . 21.82 -12.67 10.42
C1A CYC CA . 21.09 -13.55 9.68
C2A CYC CA . 19.67 -13.23 9.80
C3A CYC CA . 19.58 -12.16 10.64
C4A CYC CA . 20.94 -11.78 10.99
CMA CYC CA . 18.31 -11.55 11.15
CAA CYC CA . 18.56 -13.96 9.08
CBA CYC CA . 18.05 -13.21 7.86
CGA CYC CA . 19.10 -12.96 6.79
O1A CYC CA . 19.43 -11.80 6.60
O2A CYC CA . 19.58 -13.94 6.15
CHB CYC CA . 21.33 -10.70 11.78
NB CYC CA . 19.89 -8.86 11.05
C1B CYC CA . 20.84 -9.43 11.87
C2B CYC CA . 21.24 -8.46 12.85
C3B CYC CA . 20.46 -7.37 12.69
C4B CYC CA . 19.60 -7.59 11.48
CMB CYC CA . 22.35 -8.64 13.83
CAB CYC CA . 20.38 -6.12 13.52
CBB CYC CA . 21.27 -5.04 12.98
OB CYC CA . 18.80 -6.84 10.96
NC CYC CA . 27.59 -17.48 9.44
C1C CYC CA . 28.77 -18.06 9.79
C2C CYC CA . 29.64 -17.01 10.44
C3C CYC CA . 28.69 -15.81 10.65
C4C CYC CA . 27.45 -16.18 9.88
CMC CYC CA . 30.34 -17.57 11.66
CAC CYC CA . 29.29 -14.44 10.30
CBC CYC CA . 30.34 -14.02 11.29
OC CYC CA . 29.10 -19.22 9.60
CHD CYC CA . 26.35 -15.34 9.67
ND CYC CA . 23.97 -14.79 9.47
C1D CYC CA . 25.06 -15.52 9.08
C2D CYC CA . 24.62 -16.35 8.00
C3D CYC CA . 23.29 -16.09 7.79
C4D CYC CA . 22.86 -15.11 8.74
CMD CYC CA . 25.48 -17.28 7.18
CAD CYC CA . 22.39 -16.74 6.78
CBD CYC CA . 21.83 -18.06 7.26
CGD CYC CA . 20.98 -18.75 6.22
O1D CYC CA . 21.35 -19.82 5.78
O2D CYC CA . 19.95 -18.16 5.81
N GLU DA . 15.82 -8.95 12.53
CA GLU DA . 16.78 -8.63 13.63
C GLU DA . 16.94 -9.83 14.57
O GLU DA . 16.39 -10.93 14.39
CB GLU DA . 16.32 -7.43 14.46
CG GLU DA . 16.95 -7.41 15.84
CD GLU DA . 16.33 -6.43 16.81
OE1 GLU DA . 15.18 -6.03 16.55
OE2 GLU DA . 16.98 -6.08 17.84
OXT GLU DA . 17.65 -9.64 15.57
C1 MPD EA . 35.57 6.73 28.10
C2 MPD EA . 36.83 6.41 27.31
O2 MPD EA . 37.23 5.11 27.73
CM MPD EA . 37.97 7.35 27.68
C3 MPD EA . 36.53 6.39 25.81
C4 MPD EA . 37.70 6.18 24.89
O4 MPD EA . 38.41 5.02 25.28
C5 MPD EA . 37.29 6.05 23.46
CHA CYC FA . 38.82 -15.77 -2.33
NA CYC FA . 36.66 -16.64 -3.13
C1A CYC FA . 37.58 -16.42 -2.16
C2A CYC FA . 37.06 -16.81 -0.86
C3A CYC FA . 35.83 -17.37 -1.09
C4A CYC FA . 35.59 -17.28 -2.55
CMA CYC FA . 34.91 -17.90 -0.03
CAA CYC FA . 37.78 -16.58 0.43
CBA CYC FA . 38.83 -17.65 0.76
CGA CYC FA . 38.19 -18.95 1.22
O1A CYC FA . 37.89 -19.05 2.42
O2A CYC FA . 38.01 -19.86 0.38
CHB CYC FA . 34.53 -17.77 -3.35
NB CYC FA . 32.76 -18.91 -2.00
C1B CYC FA . 33.34 -18.44 -3.18
C2B CYC FA . 32.45 -18.76 -4.25
C3B CYC FA . 31.37 -19.42 -3.73
C4B CYC FA . 31.56 -19.54 -2.25
CMB CYC FA . 32.64 -18.52 -5.73
CAB CYC FA . 30.20 -20.03 -4.43
CBB CYC FA . 30.49 -21.44 -4.90
OB CYC FA . 30.78 -19.97 -1.41
NC CYC FA . 40.94 -12.92 -7.81
C1C CYC FA . 41.14 -12.16 -8.93
C2C CYC FA . 40.51 -12.86 -10.11
C3C CYC FA . 39.68 -13.99 -9.48
C4C CYC FA . 40.10 -14.00 -8.03
CMC CYC FA . 39.73 -11.93 -11.03
CAC CYC FA . 39.75 -15.34 -10.21
CBC CYC FA . 38.98 -15.30 -11.52
OC CYC FA . 41.73 -11.08 -8.96
CHD CYC FA . 39.65 -14.85 -7.08
ND CYC FA . 38.99 -15.36 -4.79
C1D CYC FA . 39.93 -14.94 -5.69
C2D CYC FA . 41.11 -14.64 -4.93
C3D CYC FA . 40.83 -14.89 -3.60
C4D CYC FA . 39.49 -15.36 -3.52
CMD CYC FA . 42.43 -14.22 -5.49
CAD CYC FA . 41.76 -14.77 -2.43
CBD CYC FA . 41.86 -13.36 -1.87
CGD CYC FA . 42.70 -13.29 -0.61
O1D CYC FA . 43.39 -12.28 -0.45
O2D CYC FA . 42.68 -14.24 0.21
N GLY GA . 21.28 -30.01 -26.28
CA GLY GA . 20.31 -30.85 -25.53
C GLY GA . 19.05 -30.07 -25.22
O GLY GA . 18.85 -29.00 -25.81
OXT GLY GA . 18.21 -30.48 -24.40
C1 MPD HA . 17.21 -19.69 -18.87
C2 MPD HA . 18.37 -20.34 -19.59
O2 MPD HA . 18.02 -20.40 -20.98
CM MPD HA . 18.58 -21.76 -19.10
C3 MPD HA . 19.66 -19.54 -19.45
C4 MPD HA . 19.51 -18.03 -19.50
O4 MPD HA . 18.81 -17.65 -20.68
C5 MPD HA . 18.88 -17.35 -18.31
CHA CYC IA . -10.01 -24.06 7.01
NA CYC IA . -8.04 -24.98 5.81
C1A CYC IA . -8.69 -23.99 6.51
C2A CYC IA . -7.80 -22.85 6.70
C3A CYC IA . -6.62 -23.17 6.09
C4A CYC IA . -6.81 -24.48 5.47
CMA CYC IA . -5.39 -22.32 6.11
CAA CYC IA . -8.12 -21.60 7.47
CBA CYC IA . -8.42 -20.42 6.57
CGA CYC IA . -9.56 -20.67 5.58
O1A CYC IA . -9.29 -20.68 4.39
O2A CYC IA . -10.72 -20.82 6.01
CHB CYC IA . -5.87 -25.16 4.69
NB CYC IA . -4.93 -23.38 3.29
C1B CYC IA . -4.99 -24.66 3.75
C2B CYC IA . -3.98 -25.42 3.10
C3B CYC IA . -3.21 -24.57 2.37
C4B CYC IA . -3.86 -23.23 2.42
CMB CYC IA . -3.74 -26.89 3.19
CAB CYC IA . -1.95 -24.85 1.61
CBB CYC IA . -2.26 -25.33 0.22
OB CYC IA . -3.51 -22.20 1.87
NC CYC IA . -13.53 -29.69 7.85
C1C CYC IA . -14.08 -30.93 8.03
C2C CYC IA . -13.43 -31.89 7.07
C3C CYC IA . -12.33 -31.09 6.37
C4C CYC IA . -12.55 -29.67 6.86
CMC CYC IA . -12.97 -33.16 7.78
CAC CYC IA . -12.28 -31.35 4.85
CBC CYC IA . -11.71 -32.71 4.53
OC CYC IA . -14.93 -31.23 8.87
CHD CYC IA . -11.83 -28.60 6.41
ND CYC IA . -10.72 -26.43 6.61
C1D CYC IA . -11.86 -27.19 6.74
C2D CYC IA . -12.89 -26.30 7.21
C3D CYC IA . -12.33 -25.05 7.33
C4D CYC IA . -10.95 -25.12 6.99
CMD CYC IA . -14.33 -26.65 7.42
CAD CYC IA . -13.02 -23.79 7.77
CBD CYC IA . -13.01 -23.64 9.28
CGD CYC IA . -13.72 -22.39 9.77
O1D CYC IA . -14.74 -22.53 10.37
O2D CYC IA . -13.27 -21.30 9.47
N ALA JA . 1.01 -23.93 4.99
CA ALA JA . 0.34 -22.62 4.85
C ALA JA . -0.95 -22.63 5.67
O ALA JA . -1.79 -21.75 5.50
CB ALA JA . 0.05 -22.34 3.41
OXT ALA JA . -1.13 -23.52 6.50
C1 MPD KA . 8.04 -44.54 -11.74
C2 MPD KA . 7.09 -44.54 -10.55
O2 MPD KA . 6.36 -45.78 -10.52
CM MPD KA . 7.85 -44.43 -9.24
C3 MPD KA . 6.06 -43.42 -10.67
C4 MPD KA . 5.13 -43.45 -11.84
O4 MPD KA . 4.39 -44.65 -11.82
C5 MPD KA . 4.16 -42.30 -11.90
O1 PG4 LA . -2.32 -40.17 -24.79
C1 PG4 LA . -0.93 -40.26 -24.53
C2 PG4 LA . -0.64 -40.56 -23.09
O2 PG4 LA . -0.41 -41.95 -22.92
C3 PG4 LA . -1.62 -42.71 -22.91
C4 PG4 LA . -1.34 -44.11 -22.47
O3 PG4 LA . -2.21 -44.45 -21.41
C5 PG4 LA . -1.90 -45.69 -20.80
C6 PG4 LA . -2.31 -45.66 -19.36
O4 PG4 LA . -1.28 -46.23 -18.56
C7 PG4 LA . -1.49 -46.05 -17.17
C8 PG4 LA . -0.25 -46.41 -16.44
O5 PG4 LA . 0.50 -47.41 -17.10
CHA CYC MA . -16.02 35.05 15.99
NA CYC MA . -17.28 33.22 14.91
C1A CYC MA . -16.43 34.29 14.87
C2A CYC MA . -16.05 34.58 13.51
C3A CYC MA . -16.67 33.63 12.72
C4A CYC MA . -17.47 32.79 13.62
CMA CYC MA . -16.54 33.57 11.23
CAA CYC MA . -15.14 35.69 13.10
CBA CYC MA . -15.83 37.05 13.00
CGA CYC MA . -16.61 37.19 11.70
O1A CYC MA . -15.97 37.52 10.68
O2A CYC MA . -17.82 36.96 11.70
CHB CYC MA . -18.33 31.69 13.35
NB CYC MA . -18.51 31.22 10.89
C1B CYC MA . -18.80 31.01 12.23
C2B CYC MA . -19.71 29.92 12.33
C3B CYC MA . -19.99 29.47 11.06
C4B CYC MA . -19.14 30.27 10.12
CMB CYC MA . -20.30 29.29 13.56
CAB CYC MA . -20.91 28.38 10.60
CBB CYC MA . -22.29 28.87 10.21
OB CYC MA . -19.05 30.15 8.90
NC CYC MA . -16.79 33.38 22.29
C1C CYC MA . -16.79 32.80 23.52
C2C CYC MA . -18.06 32.00 23.67
C3C CYC MA . -18.63 31.95 22.24
C4C CYC MA . -17.78 32.92 21.45
CMC CYC MA . -17.78 30.67 24.33
CAC CYC MA . -20.14 32.10 22.11
CBC CYC MA . -20.92 30.89 22.59
OC CYC MA . -15.89 32.89 24.35
CHD CYC MA . -17.96 33.28 20.15
ND CYC MA . -17.09 33.92 17.95
C1D CYC MA . -17.23 34.15 19.29
C2D CYC MA . -16.54 35.38 19.57
C3D CYC MA . -15.99 35.82 18.39
C4D CYC MA . -16.35 34.93 17.35
CMD CYC MA . -16.48 36.08 20.89
CAD CYC MA . -15.21 37.08 18.17
CBD CYC MA . -13.73 36.91 18.50
CGD CYC MA . -12.86 38.12 18.22
O1D CYC MA . -11.86 38.30 18.95
O2D CYC MA . -13.16 38.86 17.26
C1 MRD NA . -31.31 35.56 17.89
C2 MRD NA . -31.87 36.90 17.45
O2 MRD NA . -32.08 37.67 18.66
CM MRD NA . -30.84 37.64 16.61
C3 MRD NA . -33.22 36.77 16.72
C4 MRD NA . -34.06 38.03 16.30
O4 MRD NA . -34.65 38.77 17.39
C5 MRD NA . -35.20 37.68 15.37
C1 PGE OA . -34.21 19.62 22.36
O1 PGE OA . -34.63 20.94 22.28
C2 PGE OA . -34.64 19.00 23.62
O2 PGE OA . -34.26 17.64 23.66
C3 PGE OA . -33.88 17.17 24.95
C4 PGE OA . -34.86 17.55 25.99
O4 PGE OA . -31.09 19.33 28.03
C6 PGE OA . -32.49 19.60 27.91
C5 PGE OA . -33.10 18.94 26.72
O3 PGE OA . -34.17 18.09 27.10
C1 PGE PA . -44.44 11.95 27.07
O1 PGE PA . -43.81 11.25 26.00
C2 PGE PA . -43.70 11.82 28.37
O2 PGE PA . -42.32 11.54 28.15
C3 PGE PA . -41.47 12.34 28.98
C4 PGE PA . -40.08 11.83 28.95
O4 PGE PA . -40.64 11.12 25.02
C6 PGE PA . -39.33 11.36 25.48
C5 PGE PA . -39.17 11.02 26.92
O3 PGE PA . -39.45 12.17 27.71
C1 PEG QA . -28.65 36.35 33.66
O1 PEG QA . -29.75 37.24 33.74
C2 PEG QA . -28.65 35.36 34.77
O2 PEG QA . -28.33 34.08 34.28
C3 PEG QA . -29.27 33.08 34.68
C4 PEG QA . -29.15 31.89 33.78
O4 PEG QA . -28.64 30.74 34.46
CHA CYC RA . -17.05 0.77 -22.11
NA CYC RA . -18.43 2.08 -20.54
C1A CYC RA . -17.22 1.65 -21.03
C2A CYC RA . -16.13 2.23 -20.25
C3A CYC RA . -16.71 3.08 -19.37
C4A CYC RA . -18.16 2.92 -19.49
CMA CYC RA . -15.98 4.07 -18.51
CAA CYC RA . -14.66 2.01 -20.48
CBA CYC RA . -14.02 1.05 -19.48
CGA CYC RA . -14.70 -0.31 -19.45
O1A CYC RA . -15.38 -0.58 -18.44
O2A CYC RA . -14.56 -1.10 -20.43
CHB CYC RA . -19.13 3.52 -18.71
NB CYC RA . -18.19 3.40 -16.42
C1B CYC RA . -19.14 3.82 -17.35
C2B CYC RA . -20.13 4.57 -16.67
C3B CYC RA . -19.73 4.75 -15.39
C4B CYC RA . -18.52 3.88 -15.18
CMB CYC RA . -21.42 5.07 -17.24
CAB CYC RA . -20.29 5.63 -14.32
CBB CYC RA . -21.28 4.88 -13.44
OB CYC RA . -17.92 3.65 -14.16
NC CYC RA . -21.60 -0.83 -26.76
C1C CYC RA . -22.59 -0.89 -27.69
C2C CYC RA . -23.91 -0.57 -27.02
C3C CYC RA . -23.53 -0.08 -25.62
C4C CYC RA . -22.04 -0.37 -25.52
CMC CYC RA . -24.78 0.38 -27.83
CAC CYC RA . -24.41 -0.65 -24.48
CBC CYC RA . -25.83 -0.11 -24.52
OC CYC RA . -22.46 -1.15 -28.86
CHD CYC RA . -21.28 -0.20 -24.37
ND CYC RA . -19.31 0.45 -23.09
C1D CYC RA . -19.90 -0.31 -24.06
C2D CYC RA . -18.86 -1.15 -24.58
C3D CYC RA . -17.69 -0.86 -23.92
C4D CYC RA . -17.96 0.18 -22.98
CMD CYC RA . -19.03 -2.21 -25.61
CAD CYC RA . -16.34 -1.49 -24.14
CBD CYC RA . -15.58 -0.84 -25.28
CGD CYC RA . -14.24 -1.49 -25.55
O1D CYC RA . -14.06 -1.98 -26.66
O2D CYC RA . -13.36 -1.44 -24.64
N GLU SA . -15.43 6.68 -15.17
CA GLU SA . -16.41 7.30 -16.12
C GLU SA . -15.63 7.90 -17.30
O GLU SA . -16.01 8.89 -17.90
CB GLU SA . -17.23 8.37 -15.41
CG GLU SA . -16.36 9.40 -14.70
CD GLU SA . -16.85 9.78 -13.32
OE1 GLU SA . -16.81 10.98 -12.98
OE2 GLU SA . -17.29 8.87 -12.57
OXT GLU SA . -14.58 7.37 -17.67
C1 MPD TA . -42.86 13.58 -8.33
C2 MPD TA . -43.61 12.40 -8.91
O2 MPD TA . -43.73 12.64 -10.29
CM MPD TA . -45.01 12.31 -8.36
C3 MPD TA . -42.81 11.10 -8.73
C4 MPD TA . -43.49 9.86 -9.25
O4 MPD TA . -43.65 10.01 -10.65
C5 MPD TA . -42.71 8.62 -8.95
C1 PEG UA . -34.06 24.93 -4.53
O1 PEG UA . -34.93 23.88 -4.96
C2 PEG UA . -34.74 26.26 -4.48
O2 PEG UA . -34.51 26.90 -3.24
C3 PEG UA . -35.34 28.03 -3.02
C4 PEG UA . -36.26 27.82 -1.84
O4 PEG UA . -37.44 28.64 -1.91
CHA CYC VA . -28.16 -15.86 -27.41
NA CYC VA . -25.71 -15.82 -27.57
C1A CYC VA . -26.92 -15.24 -27.68
C2A CYC VA . -26.78 -13.84 -28.00
C3A CYC VA . -25.44 -13.61 -28.13
C4A CYC VA . -24.76 -14.89 -27.89
CMA CYC VA . -24.83 -12.27 -28.45
CAA CYC VA . -27.94 -12.88 -28.11
CBA CYC VA . -28.64 -12.89 -29.47
CGA CYC VA . -27.81 -12.21 -30.55
O1A CYC VA . -27.89 -10.96 -30.63
O2A CYC VA . -27.02 -12.93 -31.29
CHB CYC VA . -23.38 -15.24 -27.89
NB CYC VA . -21.92 -13.31 -28.54
C1B CYC VA . -22.18 -14.63 -28.20
C2B CYC VA . -20.92 -15.33 -28.12
C3B CYC VA . -19.92 -14.46 -28.46
C4B CYC VA . -20.56 -13.12 -28.72
CMB CYC VA . -20.70 -16.78 -27.79
CAB CYC VA . -18.45 -14.68 -28.60
CBB CYC VA . -18.03 -15.22 -29.97
OB CYC VA . -19.99 -12.05 -28.94
NC CYC VA . -29.05 -21.82 -24.93
C1C CYC VA . -29.06 -22.94 -24.16
C2C CYC VA . -27.89 -23.81 -24.54
C3C CYC VA . -27.01 -22.89 -25.42
C4C CYC VA . -27.88 -21.69 -25.68
CMC CYC VA . -27.21 -24.41 -23.33
CAC CYC VA . -26.42 -23.52 -26.68
CBC CYC VA . -25.28 -24.49 -26.33
OC CYC VA . -29.88 -23.21 -23.30
CHD CYC VA . -27.55 -20.63 -26.44
ND CYC VA . -27.61 -18.21 -26.89
C1D CYC VA . -28.26 -19.40 -26.69
C2D CYC VA . -29.66 -19.12 -26.84
C3D CYC VA . -29.79 -17.77 -27.08
C4D CYC VA . -28.49 -17.20 -27.15
CMD CYC VA . -30.75 -20.13 -26.81
CAD CYC VA . -31.05 -17.01 -27.37
CBD CYC VA . -31.73 -16.52 -26.09
CGD CYC VA . -32.96 -15.67 -26.34
O1D CYC VA . -33.93 -15.79 -25.55
O2D CYC VA . -32.96 -14.89 -27.32
N LYS WA . 2.51 -17.40 -16.98
CA LYS WA . 3.48 -16.98 -18.02
C LYS WA . 3.38 -17.92 -19.23
O LYS WA . 2.61 -17.66 -20.15
CB LYS WA . 4.91 -16.99 -17.47
CG LYS WA . 5.12 -16.17 -16.21
CD LYS WA . 5.95 -16.89 -15.18
CE LYS WA . 6.43 -15.97 -14.07
NZ LYS WA . 7.80 -16.34 -13.63
OXT LYS WA . 4.09 -18.93 -19.28
CHA CYC XA . 14.05 10.31 -20.36
NA CYC XA . 13.02 8.52 -21.72
C1A CYC XA . 13.01 9.40 -20.67
C2A CYC XA . 11.78 9.28 -19.92
C3A CYC XA . 11.06 8.33 -20.55
C4A CYC XA . 11.86 7.79 -21.63
CMA CYC XA . 9.66 7.95 -20.17
CAA CYC XA . 11.41 10.07 -18.70
CBA CYC XA . 11.58 9.32 -17.36
CGA CYC XA . 12.99 8.77 -17.15
O1A CYC XA . 13.14 7.55 -17.27
O2A CYC XA . 13.93 9.58 -16.92
CHB CYC XA . 11.50 6.76 -22.51
NB CYC XA . 10.51 5.08 -21.02
C1B CYC XA . 10.88 5.56 -22.26
C2B CYC XA . 10.55 4.56 -23.23
C3B CYC XA . 9.78 3.63 -22.63
C4B CYC XA . 9.83 3.90 -21.16
CMB CYC XA . 10.95 4.55 -24.67
CAB CYC XA . 9.00 2.50 -23.23
CBB CYC XA . 9.84 1.25 -23.35
OB CYC XA . 9.32 3.28 -20.24
NC CYC XA . 18.87 12.36 -24.50
C1C CYC XA . 19.74 12.76 -25.48
C2C CYC XA . 19.84 11.66 -26.52
C3C CYC XA . 18.79 10.63 -26.08
C4C CYC XA . 18.32 11.11 -24.71
CMC CYC XA . 19.71 12.18 -27.93
CAC CYC XA . 19.29 9.19 -26.11
CBC CYC XA . 19.45 8.69 -27.52
OC CYC XA . 20.36 13.80 -25.52
CHD CYC XA . 17.46 10.40 -23.89
ND CYC XA . 15.62 10.20 -22.28
C1D CYC XA . 16.85 10.71 -22.62
C2D CYC XA . 17.29 11.50 -21.50
C3D CYC XA . 16.30 11.44 -20.55
C4D CYC XA . 15.25 10.62 -21.02
CMD CYC XA . 18.59 12.22 -21.37
CAD CYC XA . 16.33 12.09 -19.19
CBD CYC XA . 15.80 13.51 -19.22
CGD CYC XA . 15.87 14.18 -17.85
O1D CYC XA . 16.62 15.14 -17.71
O2D CYC XA . 15.23 13.70 -16.93
N DSN YA . 6.04 7.68 -21.95
CA DSN YA . 5.83 6.24 -21.63
C DSN YA . 5.83 5.45 -22.95
O DSN YA . 4.83 4.86 -23.37
OXT DSN YA . 6.87 5.42 -23.58
CB DSN YA . 6.89 5.72 -20.71
OG DSN YA . 6.40 5.54 -19.38
C1 MPD ZA . 10.87 -10.48 -44.00
C2 MPD ZA . 12.06 -11.40 -43.75
O2 MPD ZA . 13.06 -11.02 -44.71
CM MPD ZA . 11.73 -12.85 -44.02
C3 MPD ZA . 12.62 -11.21 -42.34
C4 MPD ZA . 13.83 -12.04 -41.97
O4 MPD ZA . 14.92 -11.74 -42.83
C5 MPD ZA . 14.29 -11.90 -40.56
O1 PG4 AB . 20.64 -20.86 -44.26
C1 PG4 AB . 21.10 -19.60 -44.67
C2 PG4 AB . 20.02 -18.80 -45.32
O2 PG4 AB . 19.78 -17.60 -44.60
C3 PG4 AB . 19.92 -16.44 -45.41
C4 PG4 AB . 19.71 -15.21 -44.58
O3 PG4 AB . 20.25 -15.40 -43.27
C5 PG4 AB . 21.62 -15.02 -43.18
C6 PG4 AB . 22.01 -14.98 -41.77
O4 PG4 AB . 22.58 -16.23 -41.40
C7 PG4 AB . 23.66 -16.11 -40.48
C8 PG4 AB . 24.34 -17.43 -40.30
O5 PG4 AB . 23.43 -18.51 -40.16
C1 PEG BB . 24.40 15.15 -34.13
O1 PEG BB . 25.00 15.05 -35.36
C2 PEG BB . 25.32 14.83 -33.03
O2 PEG BB . 25.45 16.00 -32.26
C3 PEG BB . 26.51 16.82 -32.72
C4 PEG BB . 27.42 16.03 -33.59
O4 PEG BB . 28.58 16.74 -33.88
CHA CYC CB . 34.58 8.48 -22.10
NA CYC CB . 33.52 9.53 -20.13
C1A CYC CB . 33.58 9.21 -21.47
C2A CYC CB . 32.43 9.76 -22.17
C3A CYC CB . 31.70 10.43 -21.24
C4A CYC CB . 32.40 10.27 -19.96
CMA CYC CB . 30.43 11.17 -21.54
CAA CYC CB . 32.18 9.59 -23.64
CBA CYC CB . 33.00 10.52 -24.53
CGA CYC CB . 32.44 11.93 -24.52
O1A CYC CB . 31.47 12.20 -25.27
O2A CYC CB . 32.97 12.75 -23.74
CHB CYC CB . 32.11 10.80 -18.67
NB CYC CB . 30.04 12.19 -18.66
C1B CYC CB . 31.12 11.59 -18.08
C2B CYC CB . 31.10 11.88 -16.69
C3B CYC CB . 30.06 12.70 -16.44
C4B CYC CB . 29.33 12.90 -17.72
CMB CYC CB . 32.06 11.40 -15.64
CAB CYC CB . 29.61 13.30 -15.12
CBB CYC CB . 30.17 14.68 -14.87
OB CYC CB . 28.30 13.53 -17.94
NC CYC CB . 39.25 5.03 -19.10
C1C CYC CB . 39.99 4.19 -18.33
C2C CYC CB . 40.31 4.86 -17.02
C3C CYC CB . 39.36 6.07 -17.00
C4C CYC CB . 38.83 6.17 -18.40
CMC CYC CB . 40.16 3.91 -15.84
CAC CYC CB . 39.99 7.35 -16.42
CBC CYC CB . 40.19 7.29 -14.91
OC CYC CB . 40.31 3.04 -18.64
CHD CYC CB . 38.01 7.15 -18.89
ND CYC CB . 36.16 7.88 -20.30
C1D CYC CB . 37.39 7.30 -20.15
C2D CYC CB . 37.82 6.93 -21.49
C3D CYC CB . 36.83 7.31 -22.36
C4D CYC CB . 35.77 7.93 -21.61
CMD CYC CB . 39.13 6.37 -21.85
CAD CYC CB . 36.82 7.17 -23.86
CBD CYC CB . 36.37 5.78 -24.32
CGD CYC CB . 36.30 5.64 -25.83
O1D CYC CB . 36.49 4.50 -26.33
O2D CYC CB . 35.99 6.63 -26.52
N LYS DB . 37.59 9.44 -30.65
CA LYS DB . 37.46 10.74 -29.95
C LYS DB . 36.91 11.79 -30.92
O LYS DB . 36.32 11.48 -31.95
CB LYS DB . 38.79 11.21 -29.36
CG LYS DB . 38.66 12.29 -28.31
CD LYS DB . 39.88 13.15 -28.12
CE LYS DB . 40.01 13.66 -26.71
NZ LYS DB . 41.30 13.28 -26.09
OXT LYS DB . 37.05 12.99 -30.69
C1 EDO EB . 48.80 6.85 -23.11
O1 EDO EB . 48.61 6.25 -21.81
C2 EDO EB . 49.89 7.84 -23.17
O2 EDO EB . 49.83 8.72 -24.28
C1 EDO FB . 44.02 -4.45 -21.87
O1 EDO FB . 45.34 -3.96 -21.71
C2 EDO FB . 43.37 -4.99 -20.65
O2 EDO FB . 41.98 -5.31 -20.75
CHA CYC GB . -9.14 25.62 -1.16
NA CYC GB . -6.68 25.86 -1.24
C1A CYC GB . -7.84 25.19 -1.52
C2A CYC GB . -7.54 23.99 -2.27
C3A CYC GB . -6.20 23.96 -2.47
C4A CYC GB . -5.64 25.10 -1.73
CMA CYC GB . -5.48 22.97 -3.33
CAA CYC GB . -8.56 23.00 -2.77
CBA CYC GB . -8.61 21.69 -1.99
CGA CYC GB . -8.89 21.85 -0.51
O1A CYC GB . -7.99 21.53 0.27
O2A CYC GB . -10.00 22.30 -0.15
CHB CYC GB . -4.28 25.42 -1.57
NB CYC GB . -3.20 23.26 -1.20
C1B CYC GB . -3.18 24.63 -1.41
C2B CYC GB . -1.83 25.05 -1.41
C3B CYC GB . -1.04 23.95 -1.34
C4B CYC GB . -1.93 22.79 -1.08
CMB CYC GB . -1.32 26.47 -1.50
CAB CYC GB . 0.43 23.80 -1.54
CBB CYC GB . 1.18 24.11 -0.27
OB CYC GB . -1.65 21.63 -0.89
NC CYC GB . -10.97 31.71 0.81
C1C CYC GB . -11.22 33.02 1.07
C2C CYC GB . -9.94 33.66 1.58
C3C CYC GB . -8.87 32.58 1.40
C4C CYC GB . -9.67 31.35 1.04
CMC CYC GB . -9.65 34.98 0.90
CAC CYC GB . -7.92 32.48 2.60
CBC CYC GB . -7.01 33.67 2.68
OC CYC GB . -12.28 33.60 0.90
CHD CYC GB . -9.11 30.11 0.85
ND CYC GB . -8.87 27.91 -0.19
C1D CYC GB . -9.65 28.84 0.43
C2D CYC GB . -10.96 28.27 0.53
C3D CYC GB . -10.89 27.01 -0.03
C4D CYC GB . -9.58 26.78 -0.48
CMD CYC GB . -12.15 28.88 1.20
CAD CYC GB . -12.01 26.02 -0.13
CBD CYC GB . -12.88 26.28 -1.35
CGD CYC GB . -14.03 25.29 -1.45
O1D CYC GB . -15.15 25.72 -1.38
O2D CYC GB . -13.78 24.09 -1.66
N DSN HB . -1.90 21.12 -4.54
CA DSN HB . -2.02 22.49 -5.09
C DSN HB . -0.63 23.06 -5.39
O DSN HB . -0.57 24.20 -5.80
OXT DSN HB . 0.43 22.44 -5.25
CB DSN HB . -2.87 22.50 -6.32
OG DSN HB . -2.64 23.69 -7.06
C1 MPD IB . 20.43 38.66 6.00
C2 MPD IB . 19.04 38.88 5.43
O2 MPD IB . 18.60 40.16 5.88
CM MPD IB . 19.07 38.89 3.91
C3 MPD IB . 18.08 37.81 5.97
C4 MPD IB . 18.05 37.71 7.47
O4 MPD IB . 17.73 38.97 8.04
C5 MPD IB . 17.07 36.71 7.98
C1 PGE JB . 11.02 46.16 14.67
O1 PGE JB . 9.87 46.83 14.20
C2 PGE JB . 10.71 44.83 15.26
O2 PGE JB . 11.70 44.47 16.22
C3 PGE JB . 11.48 43.18 16.78
C4 PGE JB . 12.29 43.06 18.04
O4 PGE JB . 15.74 40.97 15.74
C6 PGE JB . 14.54 40.65 16.41
C5 PGE JB . 13.60 41.82 16.51
O3 PGE JB . 13.30 42.07 17.88
#